data_9LN3
# 
_entry.id   9LN3 
# 
_audit_conform.dict_name       mmcif_pdbx.dic 
_audit_conform.dict_version    5.407 
_audit_conform.dict_location   http://mmcif.pdb.org/dictionaries/ascii/mmcif_pdbx.dic 
# 
loop_
_database_2.database_id 
_database_2.database_code 
_database_2.pdbx_database_accession 
_database_2.pdbx_DOI 
PDB   9LN3         pdb_00009ln3 10.2210/pdb9ln3/pdb 
WWPDB D_1300056006 ?            ?                   
# 
_pdbx_audit_revision_history.ordinal             1 
_pdbx_audit_revision_history.data_content_type   'Structure model' 
_pdbx_audit_revision_history.major_revision      1 
_pdbx_audit_revision_history.minor_revision      0 
_pdbx_audit_revision_history.revision_date       2025-11-19 
_pdbx_audit_revision_history.part_number         ? 
# 
_pdbx_audit_revision_details.ordinal             1 
_pdbx_audit_revision_details.revision_ordinal    1 
_pdbx_audit_revision_details.data_content_type   'Structure model' 
_pdbx_audit_revision_details.provider            repository 
_pdbx_audit_revision_details.type                'Initial release' 
_pdbx_audit_revision_details.description         ? 
_pdbx_audit_revision_details.details             ? 
# 
_pdbx_database_status.status_code                     REL 
_pdbx_database_status.status_code_sf                  REL 
_pdbx_database_status.status_code_mr                  ? 
_pdbx_database_status.entry_id                        9LN3 
_pdbx_database_status.recvd_initial_deposition_date   2025-01-20 
_pdbx_database_status.SG_entry                        N 
_pdbx_database_status.deposit_site                    PDBJ 
_pdbx_database_status.process_site                    PDBC 
_pdbx_database_status.status_code_cs                  ? 
_pdbx_database_status.status_code_nmr_data            ? 
_pdbx_database_status.methods_development_category    ? 
_pdbx_database_status.pdb_format_compatible           N 
# 
_pdbx_contact_author.id                 2 
_pdbx_contact_author.email              wangyaxin@tju.edu.cn 
_pdbx_contact_author.name_first         yaxin 
_pdbx_contact_author.name_last          Wang 
_pdbx_contact_author.name_mi            ? 
_pdbx_contact_author.role               'principal investigator/group leader' 
_pdbx_contact_author.identifier_ORCID   0000-0002-3507-3969 
# 
loop_
_audit_author.name 
_audit_author.pdbx_ordinal 
_audit_author.identifier_ORCID 
'Wang, Y.X.' 1 ? 
'Dong, B.J.' 2 ? 
# 
_citation.abstract                  ? 
_citation.abstract_id_CAS           ? 
_citation.book_id_ISBN              ? 
_citation.book_publisher            ? 
_citation.book_publisher_city       ? 
_citation.book_title                ? 
_citation.coordinate_linkage        ? 
_citation.country                   UK 
_citation.database_id_Medline       ? 
_citation.details                   ? 
_citation.id                        primary 
_citation.journal_abbrev            Int.J.Biol.Macromol. 
_citation.journal_id_ASTM           IJBMDR 
_citation.journal_id_CSD            0708 
_citation.journal_id_ISSN           0141-8130 
_citation.journal_full              ? 
_citation.journal_issue             ? 
_citation.journal_volume            320 
_citation.language                  ? 
_citation.page_first                146110 
_citation.page_last                 146110 
_citation.title                     
'Structural and functional characterization of thermostable dUTPase P45 from Pyrococcus furiosus with enhanced PCR efficiency.' 
_citation.year                      2025 
_citation.database_id_CSD           ? 
_citation.pdbx_database_id_DOI      10.1016/j.ijbiomac.2025.146110 
_citation.pdbx_database_id_PubMed   40680961 
_citation.pdbx_database_id_patent   ? 
_citation.unpublished_flag          ? 
# 
loop_
_citation_author.citation_id 
_citation_author.name 
_citation_author.ordinal 
_citation_author.identifier_ORCID 
primary 'Dong, B.'  1 ? 
primary 'Li, J.'    2 ? 
primary 'Zhang, L.' 3 ? 
primary 'Zhang, B.' 4 ? 
primary 'Xu, B.'    5 ? 
primary 'Ye, S.'    6 ? 
primary 'Wang, Y.'  7 ? 
# 
loop_
_entity.id 
_entity.type 
_entity.src_method 
_entity.pdbx_description 
_entity.formula_weight 
_entity.pdbx_number_of_molecules 
_entity.pdbx_ec 
_entity.pdbx_mutation 
_entity.pdbx_fragment 
_entity.details 
1 polymer     man 'dCTP deaminase'                   17893.748 1  3.5.4.13 ? ? ? 
2 non-polymer syn 
;2'-DEOXYURIDINE 5'-MONOPHOSPHATE
;
308.182   1  ?        ? ? ? 
3 water       nat water                              18.015    21 ?        ? ? ? 
# 
_entity_name_com.entity_id   1 
_entity_name_com.name        'dCTP deaminase, Deoxycytidine triphosphate deaminase' 
# 
_entity_poly.entity_id                      1 
_entity_poly.type                           'polypeptide(L)' 
_entity_poly.nstd_linkage                   no 
_entity_poly.nstd_monomer                   no 
_entity_poly.pdbx_seq_one_letter_code       
;MLLPDWKIRKEILIEPFSEESLQPAGYDLRVGREAFVKGKLIDVEKEGKVVIPPREYALILTLERIKLPDDVMGDMKIRS
SLAREGVIGSFAWVDPGWDGNLTLMLYNASNEPVELRYGERFVQIAFIRLEGPARNPYRGNYQGSTRLAFSKRKKL
;
_entity_poly.pdbx_seq_one_letter_code_can   
;MLLPDWKIRKEILIEPFSEESLQPAGYDLRVGREAFVKGKLIDVEKEGKVVIPPREYALILTLERIKLPDDVMGDMKIRS
SLAREGVIGSFAWVDPGWDGNLTLMLYNASNEPVELRYGERFVQIAFIRLEGPARNPYRGNYQGSTRLAFSKRKKL
;
_entity_poly.pdbx_strand_id                 A 
_entity_poly.pdbx_target_identifier         ? 
# 
loop_
_pdbx_entity_nonpoly.entity_id 
_pdbx_entity_nonpoly.name 
_pdbx_entity_nonpoly.comp_id 
2 
;2'-DEOXYURIDINE 5'-MONOPHOSPHATE
;
UMP 
3 water                              HOH 
# 
loop_
_entity_poly_seq.entity_id 
_entity_poly_seq.num 
_entity_poly_seq.mon_id 
_entity_poly_seq.hetero 
1 1   MET n 
1 2   LEU n 
1 3   LEU n 
1 4   PRO n 
1 5   ASP n 
1 6   TRP n 
1 7   LYS n 
1 8   ILE n 
1 9   ARG n 
1 10  LYS n 
1 11  GLU n 
1 12  ILE n 
1 13  LEU n 
1 14  ILE n 
1 15  GLU n 
1 16  PRO n 
1 17  PHE n 
1 18  SER n 
1 19  GLU n 
1 20  GLU n 
1 21  SER n 
1 22  LEU n 
1 23  GLN n 
1 24  PRO n 
1 25  ALA n 
1 26  GLY n 
1 27  TYR n 
1 28  ASP n 
1 29  LEU n 
1 30  ARG n 
1 31  VAL n 
1 32  GLY n 
1 33  ARG n 
1 34  GLU n 
1 35  ALA n 
1 36  PHE n 
1 37  VAL n 
1 38  LYS n 
1 39  GLY n 
1 40  LYS n 
1 41  LEU n 
1 42  ILE n 
1 43  ASP n 
1 44  VAL n 
1 45  GLU n 
1 46  LYS n 
1 47  GLU n 
1 48  GLY n 
1 49  LYS n 
1 50  VAL n 
1 51  VAL n 
1 52  ILE n 
1 53  PRO n 
1 54  PRO n 
1 55  ARG n 
1 56  GLU n 
1 57  TYR n 
1 58  ALA n 
1 59  LEU n 
1 60  ILE n 
1 61  LEU n 
1 62  THR n 
1 63  LEU n 
1 64  GLU n 
1 65  ARG n 
1 66  ILE n 
1 67  LYS n 
1 68  LEU n 
1 69  PRO n 
1 70  ASP n 
1 71  ASP n 
1 72  VAL n 
1 73  MET n 
1 74  GLY n 
1 75  ASP n 
1 76  MET n 
1 77  LYS n 
1 78  ILE n 
1 79  ARG n 
1 80  SER n 
1 81  SER n 
1 82  LEU n 
1 83  ALA n 
1 84  ARG n 
1 85  GLU n 
1 86  GLY n 
1 87  VAL n 
1 88  ILE n 
1 89  GLY n 
1 90  SER n 
1 91  PHE n 
1 92  ALA n 
1 93  TRP n 
1 94  VAL n 
1 95  ASP n 
1 96  PRO n 
1 97  GLY n 
1 98  TRP n 
1 99  ASP n 
1 100 GLY n 
1 101 ASN n 
1 102 LEU n 
1 103 THR n 
1 104 LEU n 
1 105 MET n 
1 106 LEU n 
1 107 TYR n 
1 108 ASN n 
1 109 ALA n 
1 110 SER n 
1 111 ASN n 
1 112 GLU n 
1 113 PRO n 
1 114 VAL n 
1 115 GLU n 
1 116 LEU n 
1 117 ARG n 
1 118 TYR n 
1 119 GLY n 
1 120 GLU n 
1 121 ARG n 
1 122 PHE n 
1 123 VAL n 
1 124 GLN n 
1 125 ILE n 
1 126 ALA n 
1 127 PHE n 
1 128 ILE n 
1 129 ARG n 
1 130 LEU n 
1 131 GLU n 
1 132 GLY n 
1 133 PRO n 
1 134 ALA n 
1 135 ARG n 
1 136 ASN n 
1 137 PRO n 
1 138 TYR n 
1 139 ARG n 
1 140 GLY n 
1 141 ASN n 
1 142 TYR n 
1 143 GLN n 
1 144 GLY n 
1 145 SER n 
1 146 THR n 
1 147 ARG n 
1 148 LEU n 
1 149 ALA n 
1 150 PHE n 
1 151 SER n 
1 152 LYS n 
1 153 ARG n 
1 154 LYS n 
1 155 LYS n 
1 156 LEU n 
# 
_entity_src_gen.entity_id                          1 
_entity_src_gen.pdbx_src_id                        1 
_entity_src_gen.pdbx_alt_source_flag               sample 
_entity_src_gen.pdbx_seq_type                      'Biological sequence' 
_entity_src_gen.pdbx_beg_seq_num                   1 
_entity_src_gen.pdbx_end_seq_num                   156 
_entity_src_gen.gene_src_common_name               ? 
_entity_src_gen.gene_src_genus                     ? 
_entity_src_gen.pdbx_gene_src_gene                 'dcd, PF1996' 
_entity_src_gen.gene_src_species                   ? 
_entity_src_gen.gene_src_strain                    ? 
_entity_src_gen.gene_src_tissue                    ? 
_entity_src_gen.gene_src_tissue_fraction           ? 
_entity_src_gen.gene_src_details                   ? 
_entity_src_gen.pdbx_gene_src_fragment             ? 
_entity_src_gen.pdbx_gene_src_scientific_name      'Pyrococcus furiosus DSM 3638' 
_entity_src_gen.pdbx_gene_src_ncbi_taxonomy_id     186497 
_entity_src_gen.pdbx_gene_src_variant              ? 
_entity_src_gen.pdbx_gene_src_cell_line            ? 
_entity_src_gen.pdbx_gene_src_atcc                 ? 
_entity_src_gen.pdbx_gene_src_organ                ? 
_entity_src_gen.pdbx_gene_src_organelle            ? 
_entity_src_gen.pdbx_gene_src_cell                 ? 
_entity_src_gen.pdbx_gene_src_cellular_location    ? 
_entity_src_gen.host_org_common_name               ? 
_entity_src_gen.pdbx_host_org_scientific_name      'Escherichia coli' 
_entity_src_gen.pdbx_host_org_ncbi_taxonomy_id     562 
_entity_src_gen.host_org_genus                     ? 
_entity_src_gen.pdbx_host_org_gene                 ? 
_entity_src_gen.pdbx_host_org_organ                ? 
_entity_src_gen.host_org_species                   ? 
_entity_src_gen.pdbx_host_org_tissue               ? 
_entity_src_gen.pdbx_host_org_tissue_fraction      ? 
_entity_src_gen.pdbx_host_org_strain               ? 
_entity_src_gen.pdbx_host_org_variant              ? 
_entity_src_gen.pdbx_host_org_cell_line            ? 
_entity_src_gen.pdbx_host_org_atcc                 ? 
_entity_src_gen.pdbx_host_org_culture_collection   ? 
_entity_src_gen.pdbx_host_org_cell                 ? 
_entity_src_gen.pdbx_host_org_organelle            ? 
_entity_src_gen.pdbx_host_org_cellular_location    ? 
_entity_src_gen.pdbx_host_org_vector_type          ? 
_entity_src_gen.pdbx_host_org_vector               ? 
_entity_src_gen.host_org_details                   ? 
_entity_src_gen.expression_system_id               ? 
_entity_src_gen.plasmid_name                       ? 
_entity_src_gen.plasmid_details                    ? 
_entity_src_gen.pdbx_description                   ? 
# 
loop_
_chem_comp.id 
_chem_comp.type 
_chem_comp.mon_nstd_flag 
_chem_comp.name 
_chem_comp.pdbx_synonyms 
_chem_comp.formula 
_chem_comp.formula_weight 
ALA 'L-peptide linking' y ALANINE                            ?    'C3 H7 N O2'     89.093  
ARG 'L-peptide linking' y ARGININE                           ?    'C6 H15 N4 O2 1' 175.209 
ASN 'L-peptide linking' y ASPARAGINE                         ?    'C4 H8 N2 O3'    132.118 
ASP 'L-peptide linking' y 'ASPARTIC ACID'                    ?    'C4 H7 N O4'     133.103 
GLN 'L-peptide linking' y GLUTAMINE                          ?    'C5 H10 N2 O3'   146.144 
GLU 'L-peptide linking' y 'GLUTAMIC ACID'                    ?    'C5 H9 N O4'     147.129 
GLY 'peptide linking'   y GLYCINE                            ?    'C2 H5 N O2'     75.067  
HOH non-polymer         . WATER                              ?    'H2 O'           18.015  
ILE 'L-peptide linking' y ISOLEUCINE                         ?    'C6 H13 N O2'    131.173 
LEU 'L-peptide linking' y LEUCINE                            ?    'C6 H13 N O2'    131.173 
LYS 'L-peptide linking' y LYSINE                             ?    'C6 H15 N2 O2 1' 147.195 
MET 'L-peptide linking' y METHIONINE                         ?    'C5 H11 N O2 S'  149.211 
PHE 'L-peptide linking' y PHENYLALANINE                      ?    'C9 H11 N O2'    165.189 
PRO 'L-peptide linking' y PROLINE                            ?    'C5 H9 N O2'     115.130 
SER 'L-peptide linking' y SERINE                             ?    'C3 H7 N O3'     105.093 
THR 'L-peptide linking' y THREONINE                          ?    'C4 H9 N O3'     119.119 
TRP 'L-peptide linking' y TRYPTOPHAN                         ?    'C11 H12 N2 O2'  204.225 
TYR 'L-peptide linking' y TYROSINE                           ?    'C9 H11 N O3'    181.189 
UMP non-polymer         . 
;2'-DEOXYURIDINE 5'-MONOPHOSPHATE
;
DUMP 'C9 H13 N2 O8 P' 308.182 
VAL 'L-peptide linking' y VALINE                             ?    'C5 H11 N O2'    117.146 
# 
loop_
_pdbx_poly_seq_scheme.asym_id 
_pdbx_poly_seq_scheme.entity_id 
_pdbx_poly_seq_scheme.seq_id 
_pdbx_poly_seq_scheme.mon_id 
_pdbx_poly_seq_scheme.ndb_seq_num 
_pdbx_poly_seq_scheme.pdb_seq_num 
_pdbx_poly_seq_scheme.auth_seq_num 
_pdbx_poly_seq_scheme.pdb_mon_id 
_pdbx_poly_seq_scheme.auth_mon_id 
_pdbx_poly_seq_scheme.pdb_strand_id 
_pdbx_poly_seq_scheme.pdb_ins_code 
_pdbx_poly_seq_scheme.hetero 
A 1 1   MET 1   1   ?   ?   ?   A . n 
A 1 2   LEU 2   2   2   LEU LEU A . n 
A 1 3   LEU 3   3   3   LEU LEU A . n 
A 1 4   PRO 4   4   4   PRO PRO A . n 
A 1 5   ASP 5   5   5   ASP ASP A . n 
A 1 6   TRP 6   6   6   TRP TRP A . n 
A 1 7   LYS 7   7   7   LYS LYS A . n 
A 1 8   ILE 8   8   8   ILE ILE A . n 
A 1 9   ARG 9   9   9   ARG ARG A . n 
A 1 10  LYS 10  10  10  LYS LYS A . n 
A 1 11  GLU 11  11  11  GLU GLU A . n 
A 1 12  ILE 12  12  12  ILE ILE A . n 
A 1 13  LEU 13  13  13  LEU LEU A . n 
A 1 14  ILE 14  14  14  ILE ILE A . n 
A 1 15  GLU 15  15  15  GLU GLU A . n 
A 1 16  PRO 16  16  16  PRO PRO A . n 
A 1 17  PHE 17  17  17  PHE PHE A . n 
A 1 18  SER 18  18  18  SER SER A . n 
A 1 19  GLU 19  19  19  GLU GLU A . n 
A 1 20  GLU 20  20  20  GLU GLU A . n 
A 1 21  SER 21  21  21  SER SER A . n 
A 1 22  LEU 22  22  22  LEU LEU A . n 
A 1 23  GLN 23  23  23  GLN GLN A . n 
A 1 24  PRO 24  24  24  PRO PRO A . n 
A 1 25  ALA 25  25  25  ALA ALA A . n 
A 1 26  GLY 26  26  26  GLY GLY A . n 
A 1 27  TYR 27  27  27  TYR TYR A . n 
A 1 28  ASP 28  28  28  ASP ASP A . n 
A 1 29  LEU 29  29  29  LEU LEU A . n 
A 1 30  ARG 30  30  30  ARG ARG A . n 
A 1 31  VAL 31  31  31  VAL VAL A . n 
A 1 32  GLY 32  32  32  GLY GLY A . n 
A 1 33  ARG 33  33  33  ARG ARG A . n 
A 1 34  GLU 34  34  34  GLU GLU A . n 
A 1 35  ALA 35  35  35  ALA ALA A . n 
A 1 36  PHE 36  36  36  PHE PHE A . n 
A 1 37  VAL 37  37  37  VAL VAL A . n 
A 1 38  LYS 38  38  38  LYS LYS A . n 
A 1 39  GLY 39  39  39  GLY GLY A . n 
A 1 40  LYS 40  40  40  LYS LYS A . n 
A 1 41  LEU 41  41  41  LEU LEU A . n 
A 1 42  ILE 42  42  42  ILE ILE A . n 
A 1 43  ASP 43  43  43  ASP ASP A . n 
A 1 44  VAL 44  44  44  VAL VAL A . n 
A 1 45  GLU 45  45  45  GLU GLU A . n 
A 1 46  LYS 46  46  46  LYS LYS A . n 
A 1 47  GLU 47  47  47  GLU GLU A . n 
A 1 48  GLY 48  48  48  GLY GLY A . n 
A 1 49  LYS 49  49  49  LYS LYS A . n 
A 1 50  VAL 50  50  50  VAL VAL A . n 
A 1 51  VAL 51  51  51  VAL VAL A . n 
A 1 52  ILE 52  52  52  ILE ILE A . n 
A 1 53  PRO 53  53  53  PRO PRO A . n 
A 1 54  PRO 54  54  54  PRO PRO A . n 
A 1 55  ARG 55  55  55  ARG ARG A . n 
A 1 56  GLU 56  56  56  GLU GLU A . n 
A 1 57  TYR 57  57  57  TYR TYR A . n 
A 1 58  ALA 58  58  58  ALA ALA A . n 
A 1 59  LEU 59  59  59  LEU LEU A . n 
A 1 60  ILE 60  60  60  ILE ILE A . n 
A 1 61  LEU 61  61  61  LEU LEU A . n 
A 1 62  THR 62  62  62  THR THR A . n 
A 1 63  LEU 63  63  63  LEU LEU A . n 
A 1 64  GLU 64  64  64  GLU GLU A . n 
A 1 65  ARG 65  65  65  ARG ARG A . n 
A 1 66  ILE 66  66  66  ILE ILE A . n 
A 1 67  LYS 67  67  67  LYS LYS A . n 
A 1 68  LEU 68  68  68  LEU LEU A . n 
A 1 69  PRO 69  69  69  PRO PRO A . n 
A 1 70  ASP 70  70  70  ASP ASP A . n 
A 1 71  ASP 71  71  71  ASP ASP A . n 
A 1 72  VAL 72  72  72  VAL VAL A . n 
A 1 73  MET 73  73  73  MET MET A . n 
A 1 74  GLY 74  74  74  GLY GLY A . n 
A 1 75  ASP 75  75  75  ASP ASP A . n 
A 1 76  MET 76  76  76  MET MET A . n 
A 1 77  LYS 77  77  77  LYS LYS A . n 
A 1 78  ILE 78  78  78  ILE ILE A . n 
A 1 79  ARG 79  79  79  ARG ARG A . n 
A 1 80  SER 80  80  80  SER SER A . n 
A 1 81  SER 81  81  81  SER SER A . n 
A 1 82  LEU 82  82  82  LEU LEU A . n 
A 1 83  ALA 83  83  83  ALA ALA A . n 
A 1 84  ARG 84  84  84  ARG ARG A . n 
A 1 85  GLU 85  85  85  GLU GLU A . n 
A 1 86  GLY 86  86  86  GLY GLY A . n 
A 1 87  VAL 87  87  87  VAL VAL A . n 
A 1 88  ILE 88  88  88  ILE ILE A . n 
A 1 89  GLY 89  89  89  GLY GLY A . n 
A 1 90  SER 90  90  90  SER SER A . n 
A 1 91  PHE 91  91  91  PHE PHE A . n 
A 1 92  ALA 92  92  92  ALA ALA A . n 
A 1 93  TRP 93  93  93  TRP TRP A . n 
A 1 94  VAL 94  94  94  VAL VAL A . n 
A 1 95  ASP 95  95  95  ASP ASP A . n 
A 1 96  PRO 96  96  96  PRO PRO A . n 
A 1 97  GLY 97  97  97  GLY GLY A . n 
A 1 98  TRP 98  98  98  TRP TRP A . n 
A 1 99  ASP 99  99  99  ASP ASP A . n 
A 1 100 GLY 100 100 100 GLY GLY A . n 
A 1 101 ASN 101 101 101 ASN ASN A . n 
A 1 102 LEU 102 102 102 LEU LEU A . n 
A 1 103 THR 103 103 103 THR THR A . n 
A 1 104 LEU 104 104 104 LEU LEU A . n 
A 1 105 MET 105 105 105 MET MET A . n 
A 1 106 LEU 106 106 106 LEU LEU A . n 
A 1 107 TYR 107 107 107 TYR TYR A . n 
A 1 108 ASN 108 108 108 ASN ASN A . n 
A 1 109 ALA 109 109 109 ALA ALA A . n 
A 1 110 SER 110 110 110 SER SER A . n 
A 1 111 ASN 111 111 111 ASN ASN A . n 
A 1 112 GLU 112 112 112 GLU GLU A . n 
A 1 113 PRO 113 113 113 PRO PRO A . n 
A 1 114 VAL 114 114 114 VAL VAL A . n 
A 1 115 GLU 115 115 115 GLU GLU A . n 
A 1 116 LEU 116 116 116 LEU LEU A . n 
A 1 117 ARG 117 117 117 ARG ARG A . n 
A 1 118 TYR 118 118 118 TYR TYR A . n 
A 1 119 GLY 119 119 119 GLY GLY A . n 
A 1 120 GLU 120 120 120 GLU GLU A . n 
A 1 121 ARG 121 121 121 ARG ARG A . n 
A 1 122 PHE 122 122 122 PHE PHE A . n 
A 1 123 VAL 123 123 123 VAL VAL A . n 
A 1 124 GLN 124 124 124 GLN GLN A . n 
A 1 125 ILE 125 125 125 ILE ILE A . n 
A 1 126 ALA 126 126 126 ALA ALA A . n 
A 1 127 PHE 127 127 127 PHE PHE A . n 
A 1 128 ILE 128 128 128 ILE ILE A . n 
A 1 129 ARG 129 129 129 ARG ARG A . n 
A 1 130 LEU 130 130 130 LEU LEU A . n 
A 1 131 GLU 131 131 131 GLU GLU A . n 
A 1 132 GLY 132 132 132 GLY GLY A . n 
A 1 133 PRO 133 133 133 PRO PRO A . n 
A 1 134 ALA 134 134 134 ALA ALA A . n 
A 1 135 ARG 135 135 135 ARG ARG A . n 
A 1 136 ASN 136 136 136 ASN ASN A . n 
A 1 137 PRO 137 137 137 PRO PRO A . n 
A 1 138 TYR 138 138 138 TYR TYR A . n 
A 1 139 ARG 139 139 139 ARG ARG A . n 
A 1 140 GLY 140 140 140 GLY GLY A . n 
A 1 141 ASN 141 141 141 ASN ASN A . n 
A 1 142 TYR 142 142 142 TYR TYR A . n 
A 1 143 GLN 143 143 143 GLN GLN A . n 
A 1 144 GLY 144 144 144 GLY GLY A . n 
A 1 145 SER 145 145 145 SER SER A . n 
A 1 146 THR 146 146 146 THR THR A . n 
A 1 147 ARG 147 147 147 ARG ARG A . n 
A 1 148 LEU 148 148 148 LEU LEU A . n 
A 1 149 ALA 149 149 149 ALA ALA A . n 
A 1 150 PHE 150 150 ?   ?   ?   A . n 
A 1 151 SER 151 151 ?   ?   ?   A . n 
A 1 152 LYS 152 152 ?   ?   ?   A . n 
A 1 153 ARG 153 153 ?   ?   ?   A . n 
A 1 154 LYS 154 154 ?   ?   ?   A . n 
A 1 155 LYS 155 155 ?   ?   ?   A . n 
A 1 156 LEU 156 156 ?   ?   ?   A . n 
# 
_pdbx_entity_instance_feature.ordinal        1 
_pdbx_entity_instance_feature.comp_id        UMP 
_pdbx_entity_instance_feature.asym_id        ? 
_pdbx_entity_instance_feature.seq_num        ? 
_pdbx_entity_instance_feature.auth_comp_id   UMP 
_pdbx_entity_instance_feature.auth_asym_id   ? 
_pdbx_entity_instance_feature.auth_seq_num   ? 
_pdbx_entity_instance_feature.feature_type   'SUBJECT OF INVESTIGATION' 
_pdbx_entity_instance_feature.details        ? 
# 
loop_
_pdbx_nonpoly_scheme.asym_id 
_pdbx_nonpoly_scheme.entity_id 
_pdbx_nonpoly_scheme.mon_id 
_pdbx_nonpoly_scheme.ndb_seq_num 
_pdbx_nonpoly_scheme.pdb_seq_num 
_pdbx_nonpoly_scheme.auth_seq_num 
_pdbx_nonpoly_scheme.pdb_mon_id 
_pdbx_nonpoly_scheme.auth_mon_id 
_pdbx_nonpoly_scheme.pdb_strand_id 
_pdbx_nonpoly_scheme.pdb_ins_code 
B 2 UMP 1  301 302 UMP UMP A . 
C 3 HOH 1  401 1   HOH HOH A . 
C 3 HOH 2  402 7   HOH HOH A . 
C 3 HOH 3  403 15  HOH HOH A . 
C 3 HOH 4  404 27  HOH HOH A . 
C 3 HOH 5  405 2   HOH HOH A . 
C 3 HOH 6  406 30  HOH HOH A . 
C 3 HOH 7  407 5   HOH HOH A . 
C 3 HOH 8  408 3   HOH HOH A . 
C 3 HOH 9  409 6   HOH HOH A . 
C 3 HOH 10 410 10  HOH HOH A . 
C 3 HOH 11 411 4   HOH HOH A . 
C 3 HOH 12 412 18  HOH HOH A . 
C 3 HOH 13 413 11  HOH HOH A . 
C 3 HOH 14 414 26  HOH HOH A . 
C 3 HOH 15 415 22  HOH HOH A . 
C 3 HOH 16 416 12  HOH HOH A . 
C 3 HOH 17 417 24  HOH HOH A . 
C 3 HOH 18 418 20  HOH HOH A . 
C 3 HOH 19 419 31  HOH HOH A . 
C 3 HOH 20 420 32  HOH HOH A . 
C 3 HOH 21 421 21  HOH HOH A . 
# 
loop_
_software.citation_id 
_software.classification 
_software.compiler_name 
_software.compiler_version 
_software.contact_author 
_software.contact_author_email 
_software.date 
_software.description 
_software.dependencies 
_software.hardware 
_software.language 
_software.location 
_software.mods 
_software.name 
_software.os 
_software.os_version 
_software.type 
_software.version 
_software.pdbx_ordinal 
? refinement       ? ? ? ? ? ? ? ? ? ? ? PHENIX   ? ? ? 1.19_4092 1 
? refinement       ? ? ? ? ? ? ? ? ? ? ? PHENIX   ? ? ? 1.19_4092 2 
? 'data reduction' ? ? ? ? ? ? ? ? ? ? ? HKL-3000 ? ? ? .         3 
? 'data scaling'   ? ? ? ? ? ? ? ? ? ? ? HKL-3000 ? ? ? .         4 
? phasing          ? ? ? ? ? ? ? ? ? ? ? PHASER   ? ? ? .         5 
# 
_cell.angle_alpha                  90.000 
_cell.angle_alpha_esd              ? 
_cell.angle_beta                   90.000 
_cell.angle_beta_esd               ? 
_cell.angle_gamma                  90.000 
_cell.angle_gamma_esd              ? 
_cell.entry_id                     9LN3 
_cell.details                      ? 
_cell.formula_units_Z              ? 
_cell.length_a                     99.040 
_cell.length_a_esd                 ? 
_cell.length_b                     99.040 
_cell.length_b_esd                 ? 
_cell.length_c                     99.040 
_cell.length_c_esd                 ? 
_cell.volume                       971475.595 
_cell.volume_esd                   ? 
_cell.Z_PDB                        24 
_cell.reciprocal_angle_alpha       ? 
_cell.reciprocal_angle_beta        ? 
_cell.reciprocal_angle_gamma       ? 
_cell.reciprocal_angle_alpha_esd   ? 
_cell.reciprocal_angle_beta_esd    ? 
_cell.reciprocal_angle_gamma_esd   ? 
_cell.reciprocal_length_a          ? 
_cell.reciprocal_length_b          ? 
_cell.reciprocal_length_c          ? 
_cell.reciprocal_length_a_esd      ? 
_cell.reciprocal_length_b_esd      ? 
_cell.reciprocal_length_c_esd      ? 
_cell.pdbx_unique_axis             ? 
_cell.pdbx_esd_method              ? 
# 
_symmetry.entry_id                         9LN3 
_symmetry.cell_setting                     ? 
_symmetry.Int_Tables_number                197 
_symmetry.space_group_name_Hall            'I 2 2 3' 
_symmetry.space_group_name_H-M             'I 2 3' 
_symmetry.pdbx_full_space_group_name_H-M   ? 
# 
_exptl.absorpt_coefficient_mu     ? 
_exptl.absorpt_correction_T_max   ? 
_exptl.absorpt_correction_T_min   ? 
_exptl.absorpt_correction_type    ? 
_exptl.absorpt_process_details    ? 
_exptl.entry_id                   9LN3 
_exptl.crystals_number            1 
_exptl.details                    ? 
_exptl.method                     'X-RAY DIFFRACTION' 
_exptl.method_details             ? 
# 
_exptl_crystal.colour                       ? 
_exptl_crystal.density_diffrn               ? 
_exptl_crystal.density_Matthews             2.26 
_exptl_crystal.density_method               ? 
_exptl_crystal.density_percent_sol          45.63 
_exptl_crystal.description                  ? 
_exptl_crystal.F_000                        ? 
_exptl_crystal.id                           1 
_exptl_crystal.preparation                  ? 
_exptl_crystal.size_max                     ? 
_exptl_crystal.size_mid                     ? 
_exptl_crystal.size_min                     ? 
_exptl_crystal.size_rad                     ? 
_exptl_crystal.colour_lustre                ? 
_exptl_crystal.colour_modifier              ? 
_exptl_crystal.colour_primary               ? 
_exptl_crystal.density_meas                 ? 
_exptl_crystal.density_meas_esd             ? 
_exptl_crystal.density_meas_gt              ? 
_exptl_crystal.density_meas_lt              ? 
_exptl_crystal.density_meas_temp            ? 
_exptl_crystal.density_meas_temp_esd        ? 
_exptl_crystal.density_meas_temp_gt         ? 
_exptl_crystal.density_meas_temp_lt         ? 
_exptl_crystal.pdbx_crystal_image_url       ? 
_exptl_crystal.pdbx_crystal_image_format    ? 
_exptl_crystal.pdbx_mosaicity               ? 
_exptl_crystal.pdbx_mosaicity_esd           ? 
_exptl_crystal.pdbx_mosaic_method           ? 
_exptl_crystal.pdbx_mosaic_block_size       ? 
_exptl_crystal.pdbx_mosaic_block_size_esd   ? 
# 
_exptl_crystal_grow.apparatus       ? 
_exptl_crystal_grow.atmosphere      ? 
_exptl_crystal_grow.crystal_id      1 
_exptl_crystal_grow.details         ? 
_exptl_crystal_grow.method          'VAPOR DIFFUSION, SITTING DROP' 
_exptl_crystal_grow.method_ref      ? 
_exptl_crystal_grow.pH              ? 
_exptl_crystal_grow.pressure        ? 
_exptl_crystal_grow.pressure_esd    ? 
_exptl_crystal_grow.seeding         ? 
_exptl_crystal_grow.seeding_ref     ? 
_exptl_crystal_grow.temp_details    ? 
_exptl_crystal_grow.temp_esd        ? 
_exptl_crystal_grow.time            ? 
_exptl_crystal_grow.pdbx_details    '8% TacsimateTM (pH 8.0) , 20% polyethylene glycol 3350' 
_exptl_crystal_grow.pdbx_pH_range   ? 
_exptl_crystal_grow.temp            289 
# 
_diffrn.ambient_environment              ? 
_diffrn.ambient_temp                     100 
_diffrn.ambient_temp_details             ? 
_diffrn.ambient_temp_esd                 ? 
_diffrn.crystal_id                       1 
_diffrn.crystal_support                  ? 
_diffrn.crystal_treatment                ? 
_diffrn.details                          ? 
_diffrn.id                               1 
_diffrn.ambient_pressure                 ? 
_diffrn.ambient_pressure_esd             ? 
_diffrn.ambient_pressure_gt              ? 
_diffrn.ambient_pressure_lt              ? 
_diffrn.ambient_temp_gt                  ? 
_diffrn.ambient_temp_lt                  ? 
_diffrn.pdbx_serial_crystal_experiment   N 
# 
_diffrn_detector.details                      ? 
_diffrn_detector.detector                     PIXEL 
_diffrn_detector.diffrn_id                    1 
_diffrn_detector.type                         'DECTRIS PILATUS3 6M' 
_diffrn_detector.area_resol_mean              ? 
_diffrn_detector.dtime                        ? 
_diffrn_detector.pdbx_frames_total            ? 
_diffrn_detector.pdbx_collection_time_total   ? 
_diffrn_detector.pdbx_collection_date         2024-01-31 
_diffrn_detector.pdbx_frequency               ? 
_diffrn_detector.id                           ? 
_diffrn_detector.number_of_axes               ? 
# 
_diffrn_radiation.collimation                      ? 
_diffrn_radiation.diffrn_id                        1 
_diffrn_radiation.filter_edge                      ? 
_diffrn_radiation.inhomogeneity                    ? 
_diffrn_radiation.monochromator                    ? 
_diffrn_radiation.polarisn_norm                    ? 
_diffrn_radiation.polarisn_ratio                   ? 
_diffrn_radiation.probe                            ? 
_diffrn_radiation.type                             ? 
_diffrn_radiation.xray_symbol                      ? 
_diffrn_radiation.wavelength_id                    1 
_diffrn_radiation.pdbx_monochromatic_or_laue_m_l   M 
_diffrn_radiation.pdbx_wavelength_list             ? 
_diffrn_radiation.pdbx_wavelength                  ? 
_diffrn_radiation.pdbx_diffrn_protocol             'SINGLE WAVELENGTH' 
_diffrn_radiation.pdbx_analyzer                    ? 
_diffrn_radiation.pdbx_scattering_type             x-ray 
# 
_diffrn_radiation_wavelength.id           1 
_diffrn_radiation_wavelength.wavelength   0.97853 
_diffrn_radiation_wavelength.wt           1.0 
# 
_diffrn_source.current                     ? 
_diffrn_source.details                     ? 
_diffrn_source.diffrn_id                   1 
_diffrn_source.power                       ? 
_diffrn_source.size                        ? 
_diffrn_source.source                      SYNCHROTRON 
_diffrn_source.target                      ? 
_diffrn_source.type                        'SSRF BEAMLINE BL18U1' 
_diffrn_source.voltage                     ? 
_diffrn_source.take-off_angle              ? 
_diffrn_source.pdbx_wavelength_list        0.97853 
_diffrn_source.pdbx_wavelength             ? 
_diffrn_source.pdbx_synchrotron_beamline   BL18U1 
_diffrn_source.pdbx_synchrotron_site       SSRF 
# 
_reflns.B_iso_Wilson_estimate                          40.47 
_reflns.entry_id                                       9LN3 
_reflns.data_reduction_details                         ? 
_reflns.data_reduction_method                          ? 
_reflns.d_resolution_high                              2.2 
_reflns.d_resolution_low                               50 
_reflns.details                                        ? 
_reflns.limit_h_max                                    ? 
_reflns.limit_h_min                                    ? 
_reflns.limit_k_max                                    ? 
_reflns.limit_k_min                                    ? 
_reflns.limit_l_max                                    ? 
_reflns.limit_l_min                                    ? 
_reflns.number_all                                     ? 
_reflns.number_obs                                     8395 
_reflns.observed_criterion                             ? 
_reflns.observed_criterion_F_max                       ? 
_reflns.observed_criterion_F_min                       ? 
_reflns.observed_criterion_I_max                       ? 
_reflns.observed_criterion_I_min                       ? 
_reflns.observed_criterion_sigma_F                     ? 
_reflns.observed_criterion_sigma_I                     ? 
_reflns.percent_possible_obs                           99.82 
_reflns.R_free_details                                 ? 
_reflns.Rmerge_F_all                                   ? 
_reflns.Rmerge_F_obs                                   ? 
_reflns.Friedel_coverage                               ? 
_reflns.number_gt                                      ? 
_reflns.threshold_expression                           ? 
_reflns.pdbx_redundancy                                38.3 
_reflns.pdbx_netI_over_av_sigmaI                       ? 
_reflns.pdbx_netI_over_sigmaI                          93.3 
_reflns.pdbx_res_netI_over_av_sigmaI_2                 ? 
_reflns.pdbx_res_netI_over_sigmaI_2                    ? 
_reflns.pdbx_chi_squared                               ? 
_reflns.pdbx_scaling_rejects                           ? 
_reflns.pdbx_d_res_high_opt                            ? 
_reflns.pdbx_d_res_low_opt                             ? 
_reflns.pdbx_d_res_opt_method                          ? 
_reflns.phase_calculation_details                      ? 
_reflns.pdbx_Rrim_I_all                                ? 
_reflns.pdbx_Rpim_I_all                                ? 
_reflns.pdbx_d_opt                                     ? 
_reflns.pdbx_number_measured_all                       ? 
_reflns.pdbx_diffrn_id                                 1 
_reflns.pdbx_ordinal                                   1 
_reflns.pdbx_CC_half                                   0.999 
_reflns.pdbx_CC_star                                   ? 
_reflns.pdbx_R_split                                   ? 
_reflns.pdbx_Rmerge_I_obs                              ? 
_reflns.pdbx_Rmerge_I_all                              ? 
_reflns.pdbx_Rsym_value                                ? 
_reflns.pdbx_CC_split_method                           ? 
_reflns.pdbx_aniso_diffraction_limit_axis_1_ortho[1]   ? 
_reflns.pdbx_aniso_diffraction_limit_axis_1_ortho[2]   ? 
_reflns.pdbx_aniso_diffraction_limit_axis_1_ortho[3]   ? 
_reflns.pdbx_aniso_diffraction_limit_axis_2_ortho[1]   ? 
_reflns.pdbx_aniso_diffraction_limit_axis_2_ortho[2]   ? 
_reflns.pdbx_aniso_diffraction_limit_axis_2_ortho[3]   ? 
_reflns.pdbx_aniso_diffraction_limit_axis_3_ortho[1]   ? 
_reflns.pdbx_aniso_diffraction_limit_axis_3_ortho[2]   ? 
_reflns.pdbx_aniso_diffraction_limit_axis_3_ortho[3]   ? 
_reflns.pdbx_aniso_diffraction_limit_1                 ? 
_reflns.pdbx_aniso_diffraction_limit_2                 ? 
_reflns.pdbx_aniso_diffraction_limit_3                 ? 
_reflns.pdbx_aniso_B_tensor_eigenvector_1_ortho[1]     ? 
_reflns.pdbx_aniso_B_tensor_eigenvector_1_ortho[2]     ? 
_reflns.pdbx_aniso_B_tensor_eigenvector_1_ortho[3]     ? 
_reflns.pdbx_aniso_B_tensor_eigenvector_2_ortho[1]     ? 
_reflns.pdbx_aniso_B_tensor_eigenvector_2_ortho[2]     ? 
_reflns.pdbx_aniso_B_tensor_eigenvector_2_ortho[3]     ? 
_reflns.pdbx_aniso_B_tensor_eigenvector_3_ortho[1]     ? 
_reflns.pdbx_aniso_B_tensor_eigenvector_3_ortho[2]     ? 
_reflns.pdbx_aniso_B_tensor_eigenvector_3_ortho[3]     ? 
_reflns.pdbx_aniso_B_tensor_eigenvalue_1               ? 
_reflns.pdbx_aniso_B_tensor_eigenvalue_2               ? 
_reflns.pdbx_aniso_B_tensor_eigenvalue_3               ? 
_reflns.pdbx_orthogonalization_convention              ? 
_reflns.pdbx_percent_possible_ellipsoidal              ? 
_reflns.pdbx_percent_possible_spherical                ? 
_reflns.pdbx_percent_possible_ellipsoidal_anomalous    ? 
_reflns.pdbx_percent_possible_spherical_anomalous      ? 
_reflns.pdbx_redundancy_anomalous                      ? 
_reflns.pdbx_CC_half_anomalous                         ? 
_reflns.pdbx_absDiff_over_sigma_anomalous              ? 
_reflns.pdbx_percent_possible_anomalous                ? 
_reflns.pdbx_observed_signal_threshold                 ? 
_reflns.pdbx_signal_type                               ? 
_reflns.pdbx_signal_details                            ? 
_reflns.pdbx_signal_software_id                        ? 
# 
_reflns_shell.d_res_high                                    2.2 
_reflns_shell.d_res_low                                     2.24 
_reflns_shell.meanI_over_sigI_all                           ? 
_reflns_shell.meanI_over_sigI_obs                           ? 
_reflns_shell.number_measured_all                           ? 
_reflns_shell.number_measured_obs                           ? 
_reflns_shell.number_possible                               ? 
_reflns_shell.number_unique_all                             ? 
_reflns_shell.number_unique_obs                             421 
_reflns_shell.percent_possible_obs                          ? 
_reflns_shell.Rmerge_F_all                                  ? 
_reflns_shell.Rmerge_F_obs                                  ? 
_reflns_shell.meanI_over_sigI_gt                            ? 
_reflns_shell.meanI_over_uI_all                             ? 
_reflns_shell.meanI_over_uI_gt                              ? 
_reflns_shell.number_measured_gt                            ? 
_reflns_shell.number_unique_gt                              ? 
_reflns_shell.percent_possible_gt                           ? 
_reflns_shell.Rmerge_F_gt                                   ? 
_reflns_shell.Rmerge_I_gt                                   ? 
_reflns_shell.pdbx_redundancy                               ? 
_reflns_shell.pdbx_chi_squared                              ? 
_reflns_shell.pdbx_netI_over_sigmaI_all                     ? 
_reflns_shell.pdbx_netI_over_sigmaI_obs                     ? 
_reflns_shell.pdbx_Rrim_I_all                               ? 
_reflns_shell.pdbx_Rpim_I_all                               ? 
_reflns_shell.pdbx_rejects                                  ? 
_reflns_shell.pdbx_ordinal                                  1 
_reflns_shell.pdbx_diffrn_id                                1 
_reflns_shell.pdbx_CC_half                                  0.993 
_reflns_shell.pdbx_CC_star                                  ? 
_reflns_shell.pdbx_R_split                                  ? 
_reflns_shell.percent_possible_all                          ? 
_reflns_shell.Rmerge_I_all                                  ? 
_reflns_shell.Rmerge_I_obs                                  ? 
_reflns_shell.pdbx_Rsym_value                               ? 
_reflns_shell.pdbx_percent_possible_ellipsoidal             ? 
_reflns_shell.pdbx_percent_possible_spherical               ? 
_reflns_shell.pdbx_percent_possible_ellipsoidal_anomalous   ? 
_reflns_shell.pdbx_percent_possible_spherical_anomalous     ? 
_reflns_shell.pdbx_redundancy_anomalous                     ? 
_reflns_shell.pdbx_CC_half_anomalous                        ? 
_reflns_shell.pdbx_absDiff_over_sigma_anomalous             ? 
_reflns_shell.pdbx_percent_possible_anomalous               ? 
# 
_refine.aniso_B[1][1]                            ? 
_refine.aniso_B[1][2]                            ? 
_refine.aniso_B[1][3]                            ? 
_refine.aniso_B[2][2]                            ? 
_refine.aniso_B[2][3]                            ? 
_refine.aniso_B[3][3]                            ? 
_refine.B_iso_max                                ? 
_refine.B_iso_mean                               42.54 
_refine.B_iso_min                                ? 
_refine.correlation_coeff_Fo_to_Fc               ? 
_refine.correlation_coeff_Fo_to_Fc_free          ? 
_refine.details                                  ? 
_refine.diff_density_max                         ? 
_refine.diff_density_max_esd                     ? 
_refine.diff_density_min                         ? 
_refine.diff_density_min_esd                     ? 
_refine.diff_density_rms                         ? 
_refine.diff_density_rms_esd                     ? 
_refine.entry_id                                 9LN3 
_refine.pdbx_refine_id                           'X-RAY DIFFRACTION' 
_refine.ls_abs_structure_details                 ? 
_refine.ls_abs_structure_Flack                   ? 
_refine.ls_abs_structure_Flack_esd               ? 
_refine.ls_abs_structure_Rogers                  ? 
_refine.ls_abs_structure_Rogers_esd              ? 
_refine.ls_d_res_high                            2.20 
_refine.ls_d_res_low                             26.47 
_refine.ls_extinction_coef                       ? 
_refine.ls_extinction_coef_esd                   ? 
_refine.ls_extinction_expression                 ? 
_refine.ls_extinction_method                     ? 
_refine.ls_goodness_of_fit_all                   ? 
_refine.ls_goodness_of_fit_all_esd               ? 
_refine.ls_goodness_of_fit_obs                   ? 
_refine.ls_goodness_of_fit_obs_esd               ? 
_refine.ls_hydrogen_treatment                    ? 
_refine.ls_matrix_type                           ? 
_refine.ls_number_constraints                    ? 
_refine.ls_number_parameters                     ? 
_refine.ls_number_reflns_all                     ? 
_refine.ls_number_reflns_obs                     8388 
_refine.ls_number_reflns_R_free                  394 
_refine.ls_number_reflns_R_work                  7994 
_refine.ls_number_restraints                     ? 
_refine.ls_percent_reflns_obs                    99.95 
_refine.ls_percent_reflns_R_free                 4.70 
_refine.ls_R_factor_all                          ? 
_refine.ls_R_factor_obs                          0.2570 
_refine.ls_R_factor_R_free                       0.3088 
_refine.ls_R_factor_R_free_error                 ? 
_refine.ls_R_factor_R_free_error_details         ? 
_refine.ls_R_factor_R_work                       0.2546 
_refine.ls_R_Fsqd_factor_obs                     ? 
_refine.ls_R_I_factor_obs                        ? 
_refine.ls_redundancy_reflns_all                 ? 
_refine.ls_redundancy_reflns_obs                 ? 
_refine.ls_restrained_S_all                      ? 
_refine.ls_restrained_S_obs                      ? 
_refine.ls_shift_over_esd_max                    ? 
_refine.ls_shift_over_esd_mean                   ? 
_refine.ls_structure_factor_coef                 ? 
_refine.ls_weighting_details                     ? 
_refine.ls_weighting_scheme                      ? 
_refine.ls_wR_factor_all                         ? 
_refine.ls_wR_factor_obs                         ? 
_refine.ls_wR_factor_R_free                      ? 
_refine.ls_wR_factor_R_work                      ? 
_refine.occupancy_max                            ? 
_refine.occupancy_min                            ? 
_refine.solvent_model_details                    'FLAT BULK SOLVENT MODEL' 
_refine.solvent_model_param_bsol                 ? 
_refine.solvent_model_param_ksol                 ? 
_refine.correlation_coeff_I_to_Fcsqd_work        ? 
_refine.correlation_coeff_I_to_Fcsqd_free        ? 
_refine.pdbx_R_complete                          ? 
_refine.ls_R_factor_gt                           ? 
_refine.ls_goodness_of_fit_gt                    ? 
_refine.ls_goodness_of_fit_ref                   ? 
_refine.ls_shift_over_su_max                     ? 
_refine.ls_shift_over_su_max_lt                  ? 
_refine.ls_shift_over_su_mean                    ? 
_refine.ls_shift_over_su_mean_lt                 ? 
_refine.pdbx_ls_sigma_I                          ? 
_refine.pdbx_ls_sigma_F                          1.46 
_refine.pdbx_ls_sigma_Fsqd                       ? 
_refine.pdbx_data_cutoff_high_absF               ? 
_refine.pdbx_data_cutoff_high_rms_absF           ? 
_refine.pdbx_data_cutoff_low_absF                ? 
_refine.pdbx_isotropic_thermal_model             ? 
_refine.pdbx_ls_cross_valid_method               'FREE R-VALUE' 
_refine.pdbx_method_to_determine_struct          'MOLECULAR REPLACEMENT' 
_refine.pdbx_starting_model                      ? 
_refine.pdbx_stereochemistry_target_values       'GeoStd + Monomer Library + CDL v1.2' 
_refine.pdbx_R_Free_selection_details            ? 
_refine.pdbx_stereochem_target_val_spec_case     ? 
_refine.pdbx_overall_ESU_R                       ? 
_refine.pdbx_overall_ESU_R_Free                  ? 
_refine.pdbx_solvent_vdw_probe_radii             1.1100 
_refine.pdbx_solvent_ion_probe_radii             ? 
_refine.pdbx_solvent_shrinkage_radii             0.9000 
_refine.pdbx_real_space_R                        ? 
_refine.pdbx_density_correlation                 ? 
_refine.pdbx_pd_number_of_powder_patterns        ? 
_refine.pdbx_pd_number_of_points                 ? 
_refine.pdbx_pd_meas_number_of_points            ? 
_refine.pdbx_pd_proc_ls_prof_R_factor            ? 
_refine.pdbx_pd_proc_ls_prof_wR_factor           ? 
_refine.pdbx_pd_Marquardt_correlation_coeff      ? 
_refine.pdbx_pd_Fsqrd_R_factor                   ? 
_refine.pdbx_pd_ls_matrix_band_width             ? 
_refine.pdbx_overall_phase_error                 39.2176 
_refine.pdbx_overall_SU_R_free_Cruickshank_DPI   ? 
_refine.pdbx_overall_SU_R_free_Blow_DPI          ? 
_refine.pdbx_overall_SU_R_Blow_DPI               ? 
_refine.pdbx_TLS_residual_ADP_flag               ? 
_refine.pdbx_diffrn_id                           1 
_refine.overall_SU_B                             ? 
_refine.overall_SU_ML                            0.2187 
_refine.overall_SU_R_Cruickshank_DPI             ? 
_refine.overall_SU_R_free                        ? 
_refine.overall_FOM_free_R_set                   ? 
_refine.overall_FOM_work_R_set                   ? 
_refine.pdbx_average_fsc_overall                 ? 
_refine.pdbx_average_fsc_work                    ? 
_refine.pdbx_average_fsc_free                    ? 
# 
_refine_hist.pdbx_refine_id                   'X-RAY DIFFRACTION' 
_refine_hist.cycle_id                         LAST 
_refine_hist.details                          ? 
_refine_hist.d_res_high                       2.20 
_refine_hist.d_res_low                        26.47 
_refine_hist.number_atoms_solvent             21 
_refine_hist.number_atoms_total               1231 
_refine_hist.number_reflns_all                ? 
_refine_hist.number_reflns_obs                ? 
_refine_hist.number_reflns_R_free             ? 
_refine_hist.number_reflns_R_work             ? 
_refine_hist.R_factor_all                     ? 
_refine_hist.R_factor_obs                     ? 
_refine_hist.R_factor_R_free                  ? 
_refine_hist.R_factor_R_work                  ? 
_refine_hist.pdbx_number_residues_total       ? 
_refine_hist.pdbx_B_iso_mean_ligand           ? 
_refine_hist.pdbx_B_iso_mean_solvent          ? 
_refine_hist.pdbx_number_atoms_protein        1189 
_refine_hist.pdbx_number_atoms_nucleic_acid   0 
_refine_hist.pdbx_number_atoms_ligand         21 
_refine_hist.pdbx_number_atoms_lipid          ? 
_refine_hist.pdbx_number_atoms_carb           ? 
_refine_hist.pdbx_pseudo_atom_details         ? 
# 
loop_
_refine_ls_restr.pdbx_refine_id 
_refine_ls_restr.criterion 
_refine_ls_restr.dev_ideal 
_refine_ls_restr.dev_ideal_target 
_refine_ls_restr.number 
_refine_ls_restr.rejects 
_refine_ls_restr.type 
_refine_ls_restr.weight 
_refine_ls_restr.pdbx_restraint_function 
'X-RAY DIFFRACTION' ? 0.0036  ? 1236 ? f_bond_d           ? ? 
'X-RAY DIFFRACTION' ? 0.6380  ? 1674 ? f_angle_d          ? ? 
'X-RAY DIFFRACTION' ? 0.0553  ? 179  ? f_chiral_restr     ? ? 
'X-RAY DIFFRACTION' ? 0.0026  ? 215  ? f_plane_restr      ? ? 
'X-RAY DIFFRACTION' ? 18.5691 ? 480  ? f_dihedral_angle_d ? ? 
# 
loop_
_refine_ls_shell.pdbx_refine_id 
_refine_ls_shell.d_res_high 
_refine_ls_shell.d_res_low 
_refine_ls_shell.number_reflns_all 
_refine_ls_shell.number_reflns_obs 
_refine_ls_shell.number_reflns_R_free 
_refine_ls_shell.number_reflns_R_work 
_refine_ls_shell.percent_reflns_obs 
_refine_ls_shell.percent_reflns_R_free 
_refine_ls_shell.R_factor_all 
_refine_ls_shell.R_factor_obs 
_refine_ls_shell.R_factor_R_free_error 
_refine_ls_shell.R_factor_R_work 
_refine_ls_shell.redundancy_reflns_all 
_refine_ls_shell.redundancy_reflns_obs 
_refine_ls_shell.wR_factor_all 
_refine_ls_shell.wR_factor_obs 
_refine_ls_shell.wR_factor_R_free 
_refine_ls_shell.wR_factor_R_work 
_refine_ls_shell.pdbx_R_complete 
_refine_ls_shell.correlation_coeff_Fo_to_Fc 
_refine_ls_shell.correlation_coeff_Fo_to_Fc_free 
_refine_ls_shell.correlation_coeff_I_to_Fcsqd_work 
_refine_ls_shell.correlation_coeff_I_to_Fcsqd_free 
_refine_ls_shell.pdbx_total_number_of_bins_used 
_refine_ls_shell.pdbx_phase_error 
_refine_ls_shell.pdbx_fsc_work 
_refine_ls_shell.pdbx_fsc_free 
_refine_ls_shell.R_factor_R_free 
'X-RAY DIFFRACTION' 2.20 2.52  . . 133 2635 99.96  . . . . 0.3389 . . . . . . . . . . . . . . . 0.3784 
'X-RAY DIFFRACTION' 2.52 3.17  . . 133 2634 100.00 . . . . 0.3199 . . . . . . . . . . . . . . . 0.3746 
'X-RAY DIFFRACTION' 3.17 26.47 . . 128 2725 99.89  . . . . 0.2127 . . . . . . . . . . . . . . . 0.2682 
# 
_struct.entry_id                     9LN3 
_struct.title                        'A thermostable enzyme dUTPase P45' 
_struct.pdbx_model_details           ? 
_struct.pdbx_formula_weight          ? 
_struct.pdbx_formula_weight_method   ? 
_struct.pdbx_model_type_details      ? 
_struct.pdbx_CASP_flag               N 
# 
_struct_keywords.entry_id        9LN3 
_struct_keywords.text            'A thermostable enzyme dUTPase P45, METAL BINDING PROTEIN' 
_struct_keywords.pdbx_keywords   'METAL BINDING PROTEIN' 
# 
loop_
_struct_asym.id 
_struct_asym.pdbx_blank_PDB_chainid_flag 
_struct_asym.pdbx_modified 
_struct_asym.entity_id 
_struct_asym.details 
A N N 1 ? 
B N N 2 ? 
C N N 3 ? 
# 
_struct_ref.id                         1 
_struct_ref.db_name                    UNP 
_struct_ref.db_code                    DCD_PYRFU 
_struct_ref.pdbx_db_accession          Q8X251 
_struct_ref.pdbx_db_isoform            ? 
_struct_ref.entity_id                  1 
_struct_ref.pdbx_seq_one_letter_code   
;MLLPDWKIRKEILIEPFSEESLQPAGYDLRVGREAFVKGKLIDVEKEGKVVIPPREYALILTLERIKLPDDVMGDMKIRS
SLAREGVIGSFAWVDPGWDGNLTLMLYNASNEPVELRYGERFVQIAFIRLEGPARNPYRGNYQGSTRLAFSKRKKL
;
_struct_ref.pdbx_align_begin           1 
# 
_struct_ref_seq.align_id                      1 
_struct_ref_seq.ref_id                        1 
_struct_ref_seq.pdbx_PDB_id_code              9LN3 
_struct_ref_seq.pdbx_strand_id                A 
_struct_ref_seq.seq_align_beg                 1 
_struct_ref_seq.pdbx_seq_align_beg_ins_code   ? 
_struct_ref_seq.seq_align_end                 156 
_struct_ref_seq.pdbx_seq_align_end_ins_code   ? 
_struct_ref_seq.pdbx_db_accession             Q8X251 
_struct_ref_seq.db_align_beg                  1 
_struct_ref_seq.pdbx_db_align_beg_ins_code    ? 
_struct_ref_seq.db_align_end                  156 
_struct_ref_seq.pdbx_db_align_end_ins_code    ? 
_struct_ref_seq.pdbx_auth_seq_align_beg       1 
_struct_ref_seq.pdbx_auth_seq_align_end       156 
# 
_pdbx_struct_assembly.id                   1 
_pdbx_struct_assembly.details              author_and_software_defined_assembly 
_pdbx_struct_assembly.method_details       PISA 
_pdbx_struct_assembly.oligomeric_details   trimeric 
_pdbx_struct_assembly.oligomeric_count     3 
# 
loop_
_pdbx_struct_assembly_prop.biol_id 
_pdbx_struct_assembly_prop.type 
_pdbx_struct_assembly_prop.value 
_pdbx_struct_assembly_prop.details 
1 'ABSA (A^2)' 9350  ? 
1 MORE         -66   ? 
1 'SSA (A^2)'  15560 ? 
# 
_pdbx_struct_assembly_gen.assembly_id       1 
_pdbx_struct_assembly_gen.oper_expression   1,2,3 
_pdbx_struct_assembly_gen.asym_id_list      A,B,C 
# 
_pdbx_struct_assembly_auth_evidence.id                     1 
_pdbx_struct_assembly_auth_evidence.assembly_id            1 
_pdbx_struct_assembly_auth_evidence.experimental_support   'gel filtration' 
_pdbx_struct_assembly_auth_evidence.details                ? 
# 
loop_
_pdbx_struct_oper_list.id 
_pdbx_struct_oper_list.type 
_pdbx_struct_oper_list.name 
_pdbx_struct_oper_list.symmetry_operation 
_pdbx_struct_oper_list.matrix[1][1] 
_pdbx_struct_oper_list.matrix[1][2] 
_pdbx_struct_oper_list.matrix[1][3] 
_pdbx_struct_oper_list.vector[1] 
_pdbx_struct_oper_list.matrix[2][1] 
_pdbx_struct_oper_list.matrix[2][2] 
_pdbx_struct_oper_list.matrix[2][3] 
_pdbx_struct_oper_list.vector[2] 
_pdbx_struct_oper_list.matrix[3][1] 
_pdbx_struct_oper_list.matrix[3][2] 
_pdbx_struct_oper_list.matrix[3][3] 
_pdbx_struct_oper_list.vector[3] 
1 'identity operation'         1_555 x,y,z 1.0000000000 0.0000000000  0.0000000000  0.0000000000 0.0000000000  1.0000000000  0.0000000000  0.0000000000  0.0000000000  0.0000000000  1.0000000000  0.0000000000  
2 'crystal symmetry operation' 5_555 z,x,y 0.9388982321 -0.3437002132 -0.0184464961 2.4884862694 -0.1502950252 -0.4576010155 0.8763633470  -0.5521897506 -0.3096474045 -0.8200435806 -0.4812972166 22.6585623201 
3 'crystal symmetry operation' 9_555 y,z,x 0.9388982321 -0.1502950252 -0.3096474045 4.5967382816 -0.3437002132 -0.4576010155 -0.8200435806 19.1836192473 -0.0184464961 0.8763633470  -0.4812972166 11.4353256881 
# 
loop_
_struct_conf.conf_type_id 
_struct_conf.id 
_struct_conf.pdbx_PDB_helix_id 
_struct_conf.beg_label_comp_id 
_struct_conf.beg_label_asym_id 
_struct_conf.beg_label_seq_id 
_struct_conf.pdbx_beg_PDB_ins_code 
_struct_conf.end_label_comp_id 
_struct_conf.end_label_asym_id 
_struct_conf.end_label_seq_id 
_struct_conf.pdbx_end_PDB_ins_code 
_struct_conf.beg_auth_comp_id 
_struct_conf.beg_auth_asym_id 
_struct_conf.beg_auth_seq_id 
_struct_conf.end_auth_comp_id 
_struct_conf.end_auth_asym_id 
_struct_conf.end_auth_seq_id 
_struct_conf.pdbx_PDB_helix_class 
_struct_conf.details 
_struct_conf.pdbx_PDB_helix_length 
HELX_P HELX_P1 AA1 PRO A 4  ? ILE A 12 ? PRO A 4  ILE A 12 1 ? 9 
HELX_P HELX_P2 AA2 SER A 18 ? GLU A 20 ? SER A 18 GLU A 20 5 ? 3 
HELX_P HELX_P3 AA3 VAL A 44 ? GLY A 48 ? VAL A 44 GLY A 48 1 ? 5 
HELX_P HELX_P4 AA4 ARG A 79 ? GLU A 85 ? ARG A 79 GLU A 85 1 ? 7 
# 
_struct_conf_type.id          HELX_P 
_struct_conf_type.criteria    ? 
_struct_conf_type.reference   ? 
# 
_struct_mon_prot_cis.pdbx_id                1 
_struct_mon_prot_cis.label_comp_id          GLU 
_struct_mon_prot_cis.label_seq_id           15 
_struct_mon_prot_cis.label_asym_id          A 
_struct_mon_prot_cis.label_alt_id           . 
_struct_mon_prot_cis.pdbx_PDB_ins_code      ? 
_struct_mon_prot_cis.auth_comp_id           GLU 
_struct_mon_prot_cis.auth_seq_id            15 
_struct_mon_prot_cis.auth_asym_id           A 
_struct_mon_prot_cis.pdbx_label_comp_id_2   PRO 
_struct_mon_prot_cis.pdbx_label_seq_id_2    16 
_struct_mon_prot_cis.pdbx_label_asym_id_2   A 
_struct_mon_prot_cis.pdbx_PDB_ins_code_2    ? 
_struct_mon_prot_cis.pdbx_auth_comp_id_2    PRO 
_struct_mon_prot_cis.pdbx_auth_seq_id_2     16 
_struct_mon_prot_cis.pdbx_auth_asym_id_2    A 
_struct_mon_prot_cis.pdbx_PDB_model_num     1 
_struct_mon_prot_cis.pdbx_omega_angle       -1.96 
# 
loop_
_struct_sheet.id 
_struct_sheet.type 
_struct_sheet.number_strands 
_struct_sheet.details 
AA1 ? 9 ? 
AA2 ? 2 ? 
# 
loop_
_struct_sheet_order.sheet_id 
_struct_sheet_order.range_id_1 
_struct_sheet_order.range_id_2 
_struct_sheet_order.offset 
_struct_sheet_order.sense 
AA1 1 5 ? anti-parallel 
AA1 2 3 ? anti-parallel 
AA1 3 4 ? anti-parallel 
AA1 3 5 ? anti-parallel 
AA1 3 9 ? anti-parallel 
AA1 5 8 ? anti-parallel 
AA1 6 9 ? anti-parallel 
AA1 7 8 ? anti-parallel 
AA2 1 2 ? anti-parallel 
# 
loop_
_struct_sheet_range.sheet_id 
_struct_sheet_range.id 
_struct_sheet_range.beg_label_comp_id 
_struct_sheet_range.beg_label_asym_id 
_struct_sheet_range.beg_label_seq_id 
_struct_sheet_range.pdbx_beg_PDB_ins_code 
_struct_sheet_range.end_label_comp_id 
_struct_sheet_range.end_label_asym_id 
_struct_sheet_range.end_label_seq_id 
_struct_sheet_range.pdbx_end_PDB_ins_code 
_struct_sheet_range.beg_auth_comp_id 
_struct_sheet_range.beg_auth_asym_id 
_struct_sheet_range.beg_auth_seq_id 
_struct_sheet_range.end_auth_comp_id 
_struct_sheet_range.end_auth_asym_id 
_struct_sheet_range.end_auth_seq_id 
AA1 1 LEU A 13  ? GLU A 15  ? LEU A 13  GLU A 15  
AA1 2 LEU A 22  ? GLN A 23  ? LEU A 22  GLN A 23  
AA1 3 GLY A 26  ? VAL A 37  ? GLY A 26  VAL A 37  
AA1 4 LYS A 40  ? ASP A 43  ? LYS A 40  ASP A 43  
AA1 5 GLU A 56  ? LYS A 67  ? GLU A 56  LYS A 67  
AA1 6 VAL A 72  ? ILE A 78  ? VAL A 72  ILE A 78  
AA1 7 VAL A 87  ? SER A 90  ? VAL A 87  SER A 90  
AA1 8 ASP A 99  ? ASN A 108 ? ASP A 99  ASN A 108 
AA1 9 ARG A 121 ? ARG A 129 ? ARG A 121 ARG A 129 
AA2 1 LYS A 49  ? ILE A 52  ? LYS A 49  ILE A 52  
AA2 2 VAL A 114 ? ARG A 117 ? VAL A 114 ARG A 117 
# 
loop_
_pdbx_struct_sheet_hbond.sheet_id 
_pdbx_struct_sheet_hbond.range_id_1 
_pdbx_struct_sheet_hbond.range_id_2 
_pdbx_struct_sheet_hbond.range_1_label_atom_id 
_pdbx_struct_sheet_hbond.range_1_label_comp_id 
_pdbx_struct_sheet_hbond.range_1_label_asym_id 
_pdbx_struct_sheet_hbond.range_1_label_seq_id 
_pdbx_struct_sheet_hbond.range_1_PDB_ins_code 
_pdbx_struct_sheet_hbond.range_1_auth_atom_id 
_pdbx_struct_sheet_hbond.range_1_auth_comp_id 
_pdbx_struct_sheet_hbond.range_1_auth_asym_id 
_pdbx_struct_sheet_hbond.range_1_auth_seq_id 
_pdbx_struct_sheet_hbond.range_2_label_atom_id 
_pdbx_struct_sheet_hbond.range_2_label_comp_id 
_pdbx_struct_sheet_hbond.range_2_label_asym_id 
_pdbx_struct_sheet_hbond.range_2_label_seq_id 
_pdbx_struct_sheet_hbond.range_2_PDB_ins_code 
_pdbx_struct_sheet_hbond.range_2_auth_atom_id 
_pdbx_struct_sheet_hbond.range_2_auth_comp_id 
_pdbx_struct_sheet_hbond.range_2_auth_asym_id 
_pdbx_struct_sheet_hbond.range_2_auth_seq_id 
AA1 1 5 N GLU A 15 ? N GLU A 15 O ARG A 65  ? O ARG A 65  
AA1 2 3 N GLN A 23 ? N GLN A 23 O GLY A 26  ? O GLY A 26  
AA1 3 4 N ALA A 35 ? N ALA A 35 O ILE A 42  ? O ILE A 42  
AA1 3 5 N GLY A 32 ? N GLY A 32 O LEU A 61  ? O LEU A 61  
AA1 3 9 N LEU A 29 ? N LEU A 29 O VAL A 123 ? O VAL A 123 
AA1 5 8 N ILE A 60 ? N ILE A 60 O LEU A 104 ? O LEU A 104 
AA1 6 9 N ASP A 75 ? N ASP A 75 O ALA A 126 ? O ALA A 126 
AA1 7 8 N ILE A 88 ? N ILE A 88 O TYR A 107 ? O TYR A 107 
AA2 1 2 N ILE A 52 ? N ILE A 52 O VAL A 114 ? O VAL A 114 
# 
_pdbx_entry_details.entry_id                   9LN3 
_pdbx_entry_details.nonpolymer_details         ? 
_pdbx_entry_details.sequence_details           ? 
_pdbx_entry_details.compound_details           ? 
_pdbx_entry_details.source_details             ? 
_pdbx_entry_details.has_ligand_of_interest     Y 
_pdbx_entry_details.has_protein_modification   N 
# 
loop_
_pdbx_validate_torsion.id 
_pdbx_validate_torsion.PDB_model_num 
_pdbx_validate_torsion.auth_comp_id 
_pdbx_validate_torsion.auth_asym_id 
_pdbx_validate_torsion.auth_seq_id 
_pdbx_validate_torsion.PDB_ins_code 
_pdbx_validate_torsion.label_alt_id 
_pdbx_validate_torsion.phi 
_pdbx_validate_torsion.psi 
1 1 ALA A 25  ? ? -147.06 39.24  
2 1 PHE A 122 ? ? -144.84 -16.68 
3 1 PRO A 137 ? ? -54.17  170.24 
4 1 ARG A 139 ? ? -156.15 69.37  
# 
_pdbx_struct_special_symmetry.id              1 
_pdbx_struct_special_symmetry.PDB_model_num   1 
_pdbx_struct_special_symmetry.auth_asym_id    A 
_pdbx_struct_special_symmetry.auth_comp_id    HOH 
_pdbx_struct_special_symmetry.auth_seq_id     401 
_pdbx_struct_special_symmetry.PDB_ins_code    ? 
_pdbx_struct_special_symmetry.label_asym_id   C 
_pdbx_struct_special_symmetry.label_comp_id   HOH 
_pdbx_struct_special_symmetry.label_seq_id    . 
# 
loop_
_space_group_symop.id 
_space_group_symop.operation_xyz 
1  x,y,z               
2  z,x,y               
3  y,z,x               
4  -y,-z,x             
5  z,-x,-y             
6  -y,z,-x             
7  -z,-x,y             
8  -z,x,-y             
9  y,-z,-x             
10 x,-y,-z             
11 -x,y,-z             
12 -x,-y,z             
13 x+1/2,y+1/2,z+1/2   
14 z+1/2,x+1/2,y+1/2   
15 y+1/2,z+1/2,x+1/2   
16 -y+1/2,-z+1/2,x+1/2 
17 z+1/2,-x+1/2,-y+1/2 
18 -y+1/2,z+1/2,-x+1/2 
19 -z+1/2,-x+1/2,y+1/2 
20 -z+1/2,x+1/2,-y+1/2 
21 y+1/2,-z+1/2,-x+1/2 
22 x+1/2,-y+1/2,-z+1/2 
23 -x+1/2,y+1/2,-z+1/2 
24 -x+1/2,-y+1/2,z+1/2 
# 
loop_
_pdbx_unobs_or_zero_occ_residues.id 
_pdbx_unobs_or_zero_occ_residues.PDB_model_num 
_pdbx_unobs_or_zero_occ_residues.polymer_flag 
_pdbx_unobs_or_zero_occ_residues.occupancy_flag 
_pdbx_unobs_or_zero_occ_residues.auth_asym_id 
_pdbx_unobs_or_zero_occ_residues.auth_comp_id 
_pdbx_unobs_or_zero_occ_residues.auth_seq_id 
_pdbx_unobs_or_zero_occ_residues.PDB_ins_code 
_pdbx_unobs_or_zero_occ_residues.label_asym_id 
_pdbx_unobs_or_zero_occ_residues.label_comp_id 
_pdbx_unobs_or_zero_occ_residues.label_seq_id 
1 1 Y 1 A MET 1   ? A MET 1   
2 1 Y 1 A PHE 150 ? A PHE 150 
3 1 Y 1 A SER 151 ? A SER 151 
4 1 Y 1 A LYS 152 ? A LYS 152 
5 1 Y 1 A ARG 153 ? A ARG 153 
6 1 Y 1 A LYS 154 ? A LYS 154 
7 1 Y 1 A LYS 155 ? A LYS 155 
8 1 Y 1 A LEU 156 ? A LEU 156 
# 
loop_
_chem_comp_atom.comp_id 
_chem_comp_atom.atom_id 
_chem_comp_atom.type_symbol 
_chem_comp_atom.pdbx_aromatic_flag 
_chem_comp_atom.pdbx_stereo_config 
_chem_comp_atom.pdbx_ordinal 
ALA N      N N N 1   
ALA CA     C N S 2   
ALA C      C N N 3   
ALA O      O N N 4   
ALA CB     C N N 5   
ALA OXT    O N N 6   
ALA H      H N N 7   
ALA H2     H N N 8   
ALA HA     H N N 9   
ALA HB1    H N N 10  
ALA HB2    H N N 11  
ALA HB3    H N N 12  
ALA HXT    H N N 13  
ARG N      N N N 14  
ARG CA     C N S 15  
ARG C      C N N 16  
ARG O      O N N 17  
ARG CB     C N N 18  
ARG CG     C N N 19  
ARG CD     C N N 20  
ARG NE     N N N 21  
ARG CZ     C N N 22  
ARG NH1    N N N 23  
ARG NH2    N N N 24  
ARG OXT    O N N 25  
ARG H      H N N 26  
ARG H2     H N N 27  
ARG HA     H N N 28  
ARG HB2    H N N 29  
ARG HB3    H N N 30  
ARG HG2    H N N 31  
ARG HG3    H N N 32  
ARG HD2    H N N 33  
ARG HD3    H N N 34  
ARG HE     H N N 35  
ARG HH11   H N N 36  
ARG HH12   H N N 37  
ARG HH21   H N N 38  
ARG HH22   H N N 39  
ARG HXT    H N N 40  
ASN N      N N N 41  
ASN CA     C N S 42  
ASN C      C N N 43  
ASN O      O N N 44  
ASN CB     C N N 45  
ASN CG     C N N 46  
ASN OD1    O N N 47  
ASN ND2    N N N 48  
ASN OXT    O N N 49  
ASN H      H N N 50  
ASN H2     H N N 51  
ASN HA     H N N 52  
ASN HB2    H N N 53  
ASN HB3    H N N 54  
ASN HD21   H N N 55  
ASN HD22   H N N 56  
ASN HXT    H N N 57  
ASP N      N N N 58  
ASP CA     C N S 59  
ASP C      C N N 60  
ASP O      O N N 61  
ASP CB     C N N 62  
ASP CG     C N N 63  
ASP OD1    O N N 64  
ASP OD2    O N N 65  
ASP OXT    O N N 66  
ASP H      H N N 67  
ASP H2     H N N 68  
ASP HA     H N N 69  
ASP HB2    H N N 70  
ASP HB3    H N N 71  
ASP HD2    H N N 72  
ASP HXT    H N N 73  
GLN N      N N N 74  
GLN CA     C N S 75  
GLN C      C N N 76  
GLN O      O N N 77  
GLN CB     C N N 78  
GLN CG     C N N 79  
GLN CD     C N N 80  
GLN OE1    O N N 81  
GLN NE2    N N N 82  
GLN OXT    O N N 83  
GLN H      H N N 84  
GLN H2     H N N 85  
GLN HA     H N N 86  
GLN HB2    H N N 87  
GLN HB3    H N N 88  
GLN HG2    H N N 89  
GLN HG3    H N N 90  
GLN HE21   H N N 91  
GLN HE22   H N N 92  
GLN HXT    H N N 93  
GLU N      N N N 94  
GLU CA     C N S 95  
GLU C      C N N 96  
GLU O      O N N 97  
GLU CB     C N N 98  
GLU CG     C N N 99  
GLU CD     C N N 100 
GLU OE1    O N N 101 
GLU OE2    O N N 102 
GLU OXT    O N N 103 
GLU H      H N N 104 
GLU H2     H N N 105 
GLU HA     H N N 106 
GLU HB2    H N N 107 
GLU HB3    H N N 108 
GLU HG2    H N N 109 
GLU HG3    H N N 110 
GLU HE2    H N N 111 
GLU HXT    H N N 112 
GLY N      N N N 113 
GLY CA     C N N 114 
GLY C      C N N 115 
GLY O      O N N 116 
GLY OXT    O N N 117 
GLY H      H N N 118 
GLY H2     H N N 119 
GLY HA2    H N N 120 
GLY HA3    H N N 121 
GLY HXT    H N N 122 
HOH O      O N N 123 
HOH H1     H N N 124 
HOH H2     H N N 125 
ILE N      N N N 126 
ILE CA     C N S 127 
ILE C      C N N 128 
ILE O      O N N 129 
ILE CB     C N S 130 
ILE CG1    C N N 131 
ILE CG2    C N N 132 
ILE CD1    C N N 133 
ILE OXT    O N N 134 
ILE H      H N N 135 
ILE H2     H N N 136 
ILE HA     H N N 137 
ILE HB     H N N 138 
ILE HG12   H N N 139 
ILE HG13   H N N 140 
ILE HG21   H N N 141 
ILE HG22   H N N 142 
ILE HG23   H N N 143 
ILE HD11   H N N 144 
ILE HD12   H N N 145 
ILE HD13   H N N 146 
ILE HXT    H N N 147 
LEU N      N N N 148 
LEU CA     C N S 149 
LEU C      C N N 150 
LEU O      O N N 151 
LEU CB     C N N 152 
LEU CG     C N N 153 
LEU CD1    C N N 154 
LEU CD2    C N N 155 
LEU OXT    O N N 156 
LEU H      H N N 157 
LEU H2     H N N 158 
LEU HA     H N N 159 
LEU HB2    H N N 160 
LEU HB3    H N N 161 
LEU HG     H N N 162 
LEU HD11   H N N 163 
LEU HD12   H N N 164 
LEU HD13   H N N 165 
LEU HD21   H N N 166 
LEU HD22   H N N 167 
LEU HD23   H N N 168 
LEU HXT    H N N 169 
LYS N      N N N 170 
LYS CA     C N S 171 
LYS C      C N N 172 
LYS O      O N N 173 
LYS CB     C N N 174 
LYS CG     C N N 175 
LYS CD     C N N 176 
LYS CE     C N N 177 
LYS NZ     N N N 178 
LYS OXT    O N N 179 
LYS H      H N N 180 
LYS H2     H N N 181 
LYS HA     H N N 182 
LYS HB2    H N N 183 
LYS HB3    H N N 184 
LYS HG2    H N N 185 
LYS HG3    H N N 186 
LYS HD2    H N N 187 
LYS HD3    H N N 188 
LYS HE2    H N N 189 
LYS HE3    H N N 190 
LYS HZ1    H N N 191 
LYS HZ2    H N N 192 
LYS HZ3    H N N 193 
LYS HXT    H N N 194 
MET N      N N N 195 
MET CA     C N S 196 
MET C      C N N 197 
MET O      O N N 198 
MET CB     C N N 199 
MET CG     C N N 200 
MET SD     S N N 201 
MET CE     C N N 202 
MET OXT    O N N 203 
MET H      H N N 204 
MET H2     H N N 205 
MET HA     H N N 206 
MET HB2    H N N 207 
MET HB3    H N N 208 
MET HG2    H N N 209 
MET HG3    H N N 210 
MET HE1    H N N 211 
MET HE2    H N N 212 
MET HE3    H N N 213 
MET HXT    H N N 214 
PHE N      N N N 215 
PHE CA     C N S 216 
PHE C      C N N 217 
PHE O      O N N 218 
PHE CB     C N N 219 
PHE CG     C Y N 220 
PHE CD1    C Y N 221 
PHE CD2    C Y N 222 
PHE CE1    C Y N 223 
PHE CE2    C Y N 224 
PHE CZ     C Y N 225 
PHE OXT    O N N 226 
PHE H      H N N 227 
PHE H2     H N N 228 
PHE HA     H N N 229 
PHE HB2    H N N 230 
PHE HB3    H N N 231 
PHE HD1    H N N 232 
PHE HD2    H N N 233 
PHE HE1    H N N 234 
PHE HE2    H N N 235 
PHE HZ     H N N 236 
PHE HXT    H N N 237 
PRO N      N N N 238 
PRO CA     C N S 239 
PRO C      C N N 240 
PRO O      O N N 241 
PRO CB     C N N 242 
PRO CG     C N N 243 
PRO CD     C N N 244 
PRO OXT    O N N 245 
PRO H      H N N 246 
PRO HA     H N N 247 
PRO HB2    H N N 248 
PRO HB3    H N N 249 
PRO HG2    H N N 250 
PRO HG3    H N N 251 
PRO HD2    H N N 252 
PRO HD3    H N N 253 
PRO HXT    H N N 254 
SER N      N N N 255 
SER CA     C N S 256 
SER C      C N N 257 
SER O      O N N 258 
SER CB     C N N 259 
SER OG     O N N 260 
SER OXT    O N N 261 
SER H      H N N 262 
SER H2     H N N 263 
SER HA     H N N 264 
SER HB2    H N N 265 
SER HB3    H N N 266 
SER HG     H N N 267 
SER HXT    H N N 268 
THR N      N N N 269 
THR CA     C N S 270 
THR C      C N N 271 
THR O      O N N 272 
THR CB     C N R 273 
THR OG1    O N N 274 
THR CG2    C N N 275 
THR OXT    O N N 276 
THR H      H N N 277 
THR H2     H N N 278 
THR HA     H N N 279 
THR HB     H N N 280 
THR HG1    H N N 281 
THR HG21   H N N 282 
THR HG22   H N N 283 
THR HG23   H N N 284 
THR HXT    H N N 285 
TRP N      N N N 286 
TRP CA     C N S 287 
TRP C      C N N 288 
TRP O      O N N 289 
TRP CB     C N N 290 
TRP CG     C Y N 291 
TRP CD1    C Y N 292 
TRP CD2    C Y N 293 
TRP NE1    N Y N 294 
TRP CE2    C Y N 295 
TRP CE3    C Y N 296 
TRP CZ2    C Y N 297 
TRP CZ3    C Y N 298 
TRP CH2    C Y N 299 
TRP OXT    O N N 300 
TRP H      H N N 301 
TRP H2     H N N 302 
TRP HA     H N N 303 
TRP HB2    H N N 304 
TRP HB3    H N N 305 
TRP HD1    H N N 306 
TRP HE1    H N N 307 
TRP HE3    H N N 308 
TRP HZ2    H N N 309 
TRP HZ3    H N N 310 
TRP HH2    H N N 311 
TRP HXT    H N N 312 
TYR N      N N N 313 
TYR CA     C N S 314 
TYR C      C N N 315 
TYR O      O N N 316 
TYR CB     C N N 317 
TYR CG     C Y N 318 
TYR CD1    C Y N 319 
TYR CD2    C Y N 320 
TYR CE1    C Y N 321 
TYR CE2    C Y N 322 
TYR CZ     C Y N 323 
TYR OH     O N N 324 
TYR OXT    O N N 325 
TYR H      H N N 326 
TYR H2     H N N 327 
TYR HA     H N N 328 
TYR HB2    H N N 329 
TYR HB3    H N N 330 
TYR HD1    H N N 331 
TYR HD2    H N N 332 
TYR HE1    H N N 333 
TYR HE2    H N N 334 
TYR HH     H N N 335 
TYR HXT    H N N 336 
UMP N1     N N N 337 
UMP C2     C N N 338 
UMP N3     N N N 339 
UMP C4     C N N 340 
UMP C5     C N N 341 
UMP C6     C N N 342 
UMP O2     O N N 343 
UMP O4     O N N 344 
UMP "C1'"  C N R 345 
UMP "C2'"  C N N 346 
UMP "C3'"  C N S 347 
UMP "C4'"  C N R 348 
UMP "O3'"  O N N 349 
UMP "O4'"  O N N 350 
UMP "C5'"  C N N 351 
UMP "O5'"  O N N 352 
UMP P      P N N 353 
UMP OP1    O N N 354 
UMP OP2    O N N 355 
UMP OP3    O N N 356 
UMP HN3    H N N 357 
UMP H5     H N N 358 
UMP H6     H N N 359 
UMP "H1'"  H N N 360 
UMP "H2'"  H N N 361 
UMP "H2''" H N N 362 
UMP "H3'"  H N N 363 
UMP "H4'"  H N N 364 
UMP "HO3'" H N N 365 
UMP "H5'"  H N N 366 
UMP "H5''" H N N 367 
UMP HOP2   H N N 368 
UMP HOP3   H N N 369 
VAL N      N N N 370 
VAL CA     C N S 371 
VAL C      C N N 372 
VAL O      O N N 373 
VAL CB     C N N 374 
VAL CG1    C N N 375 
VAL CG2    C N N 376 
VAL OXT    O N N 377 
VAL H      H N N 378 
VAL H2     H N N 379 
VAL HA     H N N 380 
VAL HB     H N N 381 
VAL HG11   H N N 382 
VAL HG12   H N N 383 
VAL HG13   H N N 384 
VAL HG21   H N N 385 
VAL HG22   H N N 386 
VAL HG23   H N N 387 
VAL HXT    H N N 388 
# 
loop_
_chem_comp_bond.comp_id 
_chem_comp_bond.atom_id_1 
_chem_comp_bond.atom_id_2 
_chem_comp_bond.value_order 
_chem_comp_bond.pdbx_aromatic_flag 
_chem_comp_bond.pdbx_stereo_config 
_chem_comp_bond.pdbx_ordinal 
ALA N     CA     sing N N 1   
ALA N     H      sing N N 2   
ALA N     H2     sing N N 3   
ALA CA    C      sing N N 4   
ALA CA    CB     sing N N 5   
ALA CA    HA     sing N N 6   
ALA C     O      doub N N 7   
ALA C     OXT    sing N N 8   
ALA CB    HB1    sing N N 9   
ALA CB    HB2    sing N N 10  
ALA CB    HB3    sing N N 11  
ALA OXT   HXT    sing N N 12  
ARG N     CA     sing N N 13  
ARG N     H      sing N N 14  
ARG N     H2     sing N N 15  
ARG CA    C      sing N N 16  
ARG CA    CB     sing N N 17  
ARG CA    HA     sing N N 18  
ARG C     O      doub N N 19  
ARG C     OXT    sing N N 20  
ARG CB    CG     sing N N 21  
ARG CB    HB2    sing N N 22  
ARG CB    HB3    sing N N 23  
ARG CG    CD     sing N N 24  
ARG CG    HG2    sing N N 25  
ARG CG    HG3    sing N N 26  
ARG CD    NE     sing N N 27  
ARG CD    HD2    sing N N 28  
ARG CD    HD3    sing N N 29  
ARG NE    CZ     sing N N 30  
ARG NE    HE     sing N N 31  
ARG CZ    NH1    sing N N 32  
ARG CZ    NH2    doub N N 33  
ARG NH1   HH11   sing N N 34  
ARG NH1   HH12   sing N N 35  
ARG NH2   HH21   sing N N 36  
ARG NH2   HH22   sing N N 37  
ARG OXT   HXT    sing N N 38  
ASN N     CA     sing N N 39  
ASN N     H      sing N N 40  
ASN N     H2     sing N N 41  
ASN CA    C      sing N N 42  
ASN CA    CB     sing N N 43  
ASN CA    HA     sing N N 44  
ASN C     O      doub N N 45  
ASN C     OXT    sing N N 46  
ASN CB    CG     sing N N 47  
ASN CB    HB2    sing N N 48  
ASN CB    HB3    sing N N 49  
ASN CG    OD1    doub N N 50  
ASN CG    ND2    sing N N 51  
ASN ND2   HD21   sing N N 52  
ASN ND2   HD22   sing N N 53  
ASN OXT   HXT    sing N N 54  
ASP N     CA     sing N N 55  
ASP N     H      sing N N 56  
ASP N     H2     sing N N 57  
ASP CA    C      sing N N 58  
ASP CA    CB     sing N N 59  
ASP CA    HA     sing N N 60  
ASP C     O      doub N N 61  
ASP C     OXT    sing N N 62  
ASP CB    CG     sing N N 63  
ASP CB    HB2    sing N N 64  
ASP CB    HB3    sing N N 65  
ASP CG    OD1    doub N N 66  
ASP CG    OD2    sing N N 67  
ASP OD2   HD2    sing N N 68  
ASP OXT   HXT    sing N N 69  
GLN N     CA     sing N N 70  
GLN N     H      sing N N 71  
GLN N     H2     sing N N 72  
GLN CA    C      sing N N 73  
GLN CA    CB     sing N N 74  
GLN CA    HA     sing N N 75  
GLN C     O      doub N N 76  
GLN C     OXT    sing N N 77  
GLN CB    CG     sing N N 78  
GLN CB    HB2    sing N N 79  
GLN CB    HB3    sing N N 80  
GLN CG    CD     sing N N 81  
GLN CG    HG2    sing N N 82  
GLN CG    HG3    sing N N 83  
GLN CD    OE1    doub N N 84  
GLN CD    NE2    sing N N 85  
GLN NE2   HE21   sing N N 86  
GLN NE2   HE22   sing N N 87  
GLN OXT   HXT    sing N N 88  
GLU N     CA     sing N N 89  
GLU N     H      sing N N 90  
GLU N     H2     sing N N 91  
GLU CA    C      sing N N 92  
GLU CA    CB     sing N N 93  
GLU CA    HA     sing N N 94  
GLU C     O      doub N N 95  
GLU C     OXT    sing N N 96  
GLU CB    CG     sing N N 97  
GLU CB    HB2    sing N N 98  
GLU CB    HB3    sing N N 99  
GLU CG    CD     sing N N 100 
GLU CG    HG2    sing N N 101 
GLU CG    HG3    sing N N 102 
GLU CD    OE1    doub N N 103 
GLU CD    OE2    sing N N 104 
GLU OE2   HE2    sing N N 105 
GLU OXT   HXT    sing N N 106 
GLY N     CA     sing N N 107 
GLY N     H      sing N N 108 
GLY N     H2     sing N N 109 
GLY CA    C      sing N N 110 
GLY CA    HA2    sing N N 111 
GLY CA    HA3    sing N N 112 
GLY C     O      doub N N 113 
GLY C     OXT    sing N N 114 
GLY OXT   HXT    sing N N 115 
HOH O     H1     sing N N 116 
HOH O     H2     sing N N 117 
ILE N     CA     sing N N 118 
ILE N     H      sing N N 119 
ILE N     H2     sing N N 120 
ILE CA    C      sing N N 121 
ILE CA    CB     sing N N 122 
ILE CA    HA     sing N N 123 
ILE C     O      doub N N 124 
ILE C     OXT    sing N N 125 
ILE CB    CG1    sing N N 126 
ILE CB    CG2    sing N N 127 
ILE CB    HB     sing N N 128 
ILE CG1   CD1    sing N N 129 
ILE CG1   HG12   sing N N 130 
ILE CG1   HG13   sing N N 131 
ILE CG2   HG21   sing N N 132 
ILE CG2   HG22   sing N N 133 
ILE CG2   HG23   sing N N 134 
ILE CD1   HD11   sing N N 135 
ILE CD1   HD12   sing N N 136 
ILE CD1   HD13   sing N N 137 
ILE OXT   HXT    sing N N 138 
LEU N     CA     sing N N 139 
LEU N     H      sing N N 140 
LEU N     H2     sing N N 141 
LEU CA    C      sing N N 142 
LEU CA    CB     sing N N 143 
LEU CA    HA     sing N N 144 
LEU C     O      doub N N 145 
LEU C     OXT    sing N N 146 
LEU CB    CG     sing N N 147 
LEU CB    HB2    sing N N 148 
LEU CB    HB3    sing N N 149 
LEU CG    CD1    sing N N 150 
LEU CG    CD2    sing N N 151 
LEU CG    HG     sing N N 152 
LEU CD1   HD11   sing N N 153 
LEU CD1   HD12   sing N N 154 
LEU CD1   HD13   sing N N 155 
LEU CD2   HD21   sing N N 156 
LEU CD2   HD22   sing N N 157 
LEU CD2   HD23   sing N N 158 
LEU OXT   HXT    sing N N 159 
LYS N     CA     sing N N 160 
LYS N     H      sing N N 161 
LYS N     H2     sing N N 162 
LYS CA    C      sing N N 163 
LYS CA    CB     sing N N 164 
LYS CA    HA     sing N N 165 
LYS C     O      doub N N 166 
LYS C     OXT    sing N N 167 
LYS CB    CG     sing N N 168 
LYS CB    HB2    sing N N 169 
LYS CB    HB3    sing N N 170 
LYS CG    CD     sing N N 171 
LYS CG    HG2    sing N N 172 
LYS CG    HG3    sing N N 173 
LYS CD    CE     sing N N 174 
LYS CD    HD2    sing N N 175 
LYS CD    HD3    sing N N 176 
LYS CE    NZ     sing N N 177 
LYS CE    HE2    sing N N 178 
LYS CE    HE3    sing N N 179 
LYS NZ    HZ1    sing N N 180 
LYS NZ    HZ2    sing N N 181 
LYS NZ    HZ3    sing N N 182 
LYS OXT   HXT    sing N N 183 
MET N     CA     sing N N 184 
MET N     H      sing N N 185 
MET N     H2     sing N N 186 
MET CA    C      sing N N 187 
MET CA    CB     sing N N 188 
MET CA    HA     sing N N 189 
MET C     O      doub N N 190 
MET C     OXT    sing N N 191 
MET CB    CG     sing N N 192 
MET CB    HB2    sing N N 193 
MET CB    HB3    sing N N 194 
MET CG    SD     sing N N 195 
MET CG    HG2    sing N N 196 
MET CG    HG3    sing N N 197 
MET SD    CE     sing N N 198 
MET CE    HE1    sing N N 199 
MET CE    HE2    sing N N 200 
MET CE    HE3    sing N N 201 
MET OXT   HXT    sing N N 202 
PHE N     CA     sing N N 203 
PHE N     H      sing N N 204 
PHE N     H2     sing N N 205 
PHE CA    C      sing N N 206 
PHE CA    CB     sing N N 207 
PHE CA    HA     sing N N 208 
PHE C     O      doub N N 209 
PHE C     OXT    sing N N 210 
PHE CB    CG     sing N N 211 
PHE CB    HB2    sing N N 212 
PHE CB    HB3    sing N N 213 
PHE CG    CD1    doub Y N 214 
PHE CG    CD2    sing Y N 215 
PHE CD1   CE1    sing Y N 216 
PHE CD1   HD1    sing N N 217 
PHE CD2   CE2    doub Y N 218 
PHE CD2   HD2    sing N N 219 
PHE CE1   CZ     doub Y N 220 
PHE CE1   HE1    sing N N 221 
PHE CE2   CZ     sing Y N 222 
PHE CE2   HE2    sing N N 223 
PHE CZ    HZ     sing N N 224 
PHE OXT   HXT    sing N N 225 
PRO N     CA     sing N N 226 
PRO N     CD     sing N N 227 
PRO N     H      sing N N 228 
PRO CA    C      sing N N 229 
PRO CA    CB     sing N N 230 
PRO CA    HA     sing N N 231 
PRO C     O      doub N N 232 
PRO C     OXT    sing N N 233 
PRO CB    CG     sing N N 234 
PRO CB    HB2    sing N N 235 
PRO CB    HB3    sing N N 236 
PRO CG    CD     sing N N 237 
PRO CG    HG2    sing N N 238 
PRO CG    HG3    sing N N 239 
PRO CD    HD2    sing N N 240 
PRO CD    HD3    sing N N 241 
PRO OXT   HXT    sing N N 242 
SER N     CA     sing N N 243 
SER N     H      sing N N 244 
SER N     H2     sing N N 245 
SER CA    C      sing N N 246 
SER CA    CB     sing N N 247 
SER CA    HA     sing N N 248 
SER C     O      doub N N 249 
SER C     OXT    sing N N 250 
SER CB    OG     sing N N 251 
SER CB    HB2    sing N N 252 
SER CB    HB3    sing N N 253 
SER OG    HG     sing N N 254 
SER OXT   HXT    sing N N 255 
THR N     CA     sing N N 256 
THR N     H      sing N N 257 
THR N     H2     sing N N 258 
THR CA    C      sing N N 259 
THR CA    CB     sing N N 260 
THR CA    HA     sing N N 261 
THR C     O      doub N N 262 
THR C     OXT    sing N N 263 
THR CB    OG1    sing N N 264 
THR CB    CG2    sing N N 265 
THR CB    HB     sing N N 266 
THR OG1   HG1    sing N N 267 
THR CG2   HG21   sing N N 268 
THR CG2   HG22   sing N N 269 
THR CG2   HG23   sing N N 270 
THR OXT   HXT    sing N N 271 
TRP N     CA     sing N N 272 
TRP N     H      sing N N 273 
TRP N     H2     sing N N 274 
TRP CA    C      sing N N 275 
TRP CA    CB     sing N N 276 
TRP CA    HA     sing N N 277 
TRP C     O      doub N N 278 
TRP C     OXT    sing N N 279 
TRP CB    CG     sing N N 280 
TRP CB    HB2    sing N N 281 
TRP CB    HB3    sing N N 282 
TRP CG    CD1    doub Y N 283 
TRP CG    CD2    sing Y N 284 
TRP CD1   NE1    sing Y N 285 
TRP CD1   HD1    sing N N 286 
TRP CD2   CE2    doub Y N 287 
TRP CD2   CE3    sing Y N 288 
TRP NE1   CE2    sing Y N 289 
TRP NE1   HE1    sing N N 290 
TRP CE2   CZ2    sing Y N 291 
TRP CE3   CZ3    doub Y N 292 
TRP CE3   HE3    sing N N 293 
TRP CZ2   CH2    doub Y N 294 
TRP CZ2   HZ2    sing N N 295 
TRP CZ3   CH2    sing Y N 296 
TRP CZ3   HZ3    sing N N 297 
TRP CH2   HH2    sing N N 298 
TRP OXT   HXT    sing N N 299 
TYR N     CA     sing N N 300 
TYR N     H      sing N N 301 
TYR N     H2     sing N N 302 
TYR CA    C      sing N N 303 
TYR CA    CB     sing N N 304 
TYR CA    HA     sing N N 305 
TYR C     O      doub N N 306 
TYR C     OXT    sing N N 307 
TYR CB    CG     sing N N 308 
TYR CB    HB2    sing N N 309 
TYR CB    HB3    sing N N 310 
TYR CG    CD1    doub Y N 311 
TYR CG    CD2    sing Y N 312 
TYR CD1   CE1    sing Y N 313 
TYR CD1   HD1    sing N N 314 
TYR CD2   CE2    doub Y N 315 
TYR CD2   HD2    sing N N 316 
TYR CE1   CZ     doub Y N 317 
TYR CE1   HE1    sing N N 318 
TYR CE2   CZ     sing Y N 319 
TYR CE2   HE2    sing N N 320 
TYR CZ    OH     sing N N 321 
TYR OH    HH     sing N N 322 
TYR OXT   HXT    sing N N 323 
UMP N1    C2     sing N N 324 
UMP N1    C6     sing N N 325 
UMP N1    "C1'"  sing N N 326 
UMP C2    N3     sing N N 327 
UMP C2    O2     doub N N 328 
UMP N3    C4     sing N N 329 
UMP N3    HN3    sing N N 330 
UMP C4    C5     sing N N 331 
UMP C4    O4     doub N N 332 
UMP C5    C6     doub N N 333 
UMP C5    H5     sing N N 334 
UMP C6    H6     sing N N 335 
UMP "C1'" "C2'"  sing N N 336 
UMP "C1'" "O4'"  sing N N 337 
UMP "C1'" "H1'"  sing N N 338 
UMP "C2'" "C3'"  sing N N 339 
UMP "C2'" "H2'"  sing N N 340 
UMP "C2'" "H2''" sing N N 341 
UMP "C3'" "C4'"  sing N N 342 
UMP "C3'" "O3'"  sing N N 343 
UMP "C3'" "H3'"  sing N N 344 
UMP "C4'" "O4'"  sing N N 345 
UMP "C4'" "C5'"  sing N N 346 
UMP "C4'" "H4'"  sing N N 347 
UMP "O3'" "HO3'" sing N N 348 
UMP "C5'" "O5'"  sing N N 349 
UMP "C5'" "H5'"  sing N N 350 
UMP "C5'" "H5''" sing N N 351 
UMP "O5'" P      sing N N 352 
UMP P     OP1    doub N N 353 
UMP P     OP2    sing N N 354 
UMP P     OP3    sing N N 355 
UMP OP2   HOP2   sing N N 356 
UMP OP3   HOP3   sing N N 357 
VAL N     CA     sing N N 358 
VAL N     H      sing N N 359 
VAL N     H2     sing N N 360 
VAL CA    C      sing N N 361 
VAL CA    CB     sing N N 362 
VAL CA    HA     sing N N 363 
VAL C     O      doub N N 364 
VAL C     OXT    sing N N 365 
VAL CB    CG1    sing N N 366 
VAL CB    CG2    sing N N 367 
VAL CB    HB     sing N N 368 
VAL CG1   HG11   sing N N 369 
VAL CG1   HG12   sing N N 370 
VAL CG1   HG13   sing N N 371 
VAL CG2   HG21   sing N N 372 
VAL CG2   HG22   sing N N 373 
VAL CG2   HG23   sing N N 374 
VAL OXT   HXT    sing N N 375 
# 
_pdbx_audit_support.funding_organization   'Ministry of Science and Technology (MoST, China)' 
_pdbx_audit_support.country                China 
_pdbx_audit_support.grant_number           2024YFC3407300 
_pdbx_audit_support.ordinal                1 
# 
loop_
_pdbx_initial_refinement_model.id 
_pdbx_initial_refinement_model.entity_id_list 
_pdbx_initial_refinement_model.type 
_pdbx_initial_refinement_model.source_name 
_pdbx_initial_refinement_model.accession_code 
_pdbx_initial_refinement_model.details 
1 ? 'experimental model' PDB 4xjc ? 
2 ? 'experimental model' PDB 2yzj ? 
# 
_space_group.name_H-M_alt     'I 2 3' 
_space_group.name_Hall        'I 2 2 3' 
_space_group.IT_number        197 
_space_group.crystal_system   cubic 
_space_group.id               1 
# 
_atom_sites.entry_id                    9LN3 
_atom_sites.Cartn_transf_matrix[1][1]   ? 
_atom_sites.Cartn_transf_matrix[1][2]   ? 
_atom_sites.Cartn_transf_matrix[1][3]   ? 
_atom_sites.Cartn_transf_matrix[2][1]   ? 
_atom_sites.Cartn_transf_matrix[2][2]   ? 
_atom_sites.Cartn_transf_matrix[2][3]   ? 
_atom_sites.Cartn_transf_matrix[3][1]   ? 
_atom_sites.Cartn_transf_matrix[3][2]   ? 
_atom_sites.Cartn_transf_matrix[3][3]   ? 
_atom_sites.Cartn_transf_vector[1]      ? 
_atom_sites.Cartn_transf_vector[2]      ? 
_atom_sites.Cartn_transf_vector[3]      ? 
_atom_sites.Cartn_transform_axes        ? 
_atom_sites.fract_transf_matrix[1][1]   -0.00446858 
_atom_sites.fract_transf_matrix[1][2]   0.00295813 
_atom_sites.fract_transf_matrix[1][3]   0.00855749 
_atom_sites.fract_transf_matrix[2][1]   -0.00537010 
_atom_sites.fract_transf_matrix[2][2]   0.00681744 
_atom_sites.fract_transf_matrix[2][3]   -0.00516081 
_atom_sites.fract_transf_matrix[3][1]   -0.00728994 
_atom_sites.fract_transf_matrix[3][2]   -0.00683531 
_atom_sites.fract_transf_matrix[3][3]   -0.00144387 
_atom_sites.fract_transf_vector[1]      0.183708 
_atom_sites.fract_transf_vector[2]      0.317772 
_atom_sites.fract_transf_vector[3]      0.364855 
_atom_sites.solution_primary            ? 
_atom_sites.solution_secondary          ? 
_atom_sites.solution_hydrogens          ? 
_atom_sites.special_details             ? 
# 
loop_
_atom_type.symbol 
_atom_type.scat_dispersion_real 
_atom_type.scat_dispersion_imag 
_atom_type.scat_Cromer_Mann_a1 
_atom_type.scat_Cromer_Mann_a2 
_atom_type.scat_Cromer_Mann_a3 
_atom_type.scat_Cromer_Mann_a4 
_atom_type.scat_Cromer_Mann_b1 
_atom_type.scat_Cromer_Mann_b2 
_atom_type.scat_Cromer_Mann_b3 
_atom_type.scat_Cromer_Mann_b4 
_atom_type.scat_Cromer_Mann_c 
_atom_type.scat_source 
_atom_type.scat_dispersion_source 
C  ? ? 3.54356 2.42580 ? ? 25.62398 1.50364  ? ? 0.0 
;2-Gaussian fit: Grosse-Kunstleve RW, Sauter NK, Adams PD: Newsletter of the IUCr Commission on Crystallographic Computing 2004, 3, 22-31.
;
? 
H  ? ? 0.51345 0.48472 ? ? 24.73122 6.32584  ? ? 0.0 
;2-Gaussian fit: Grosse-Kunstleve RW, Sauter NK, Adams PD: Newsletter of the IUCr Commission on Crystallographic Computing 2004, 3, 22-31.
;
? 
MG ? ? 9.41153 2.53737 ? ? 2.59044  63.03566 ? ? 0.0 
;2-Gaussian fit: Grosse-Kunstleve RW, Sauter NK, Adams PD: Newsletter of the IUCr Commission on Crystallographic Computing 2004, 3, 22-31.
;
? 
N  ? ? 4.01032 2.96436 ? ? 19.97189 1.75589  ? ? 0.0 
;2-Gaussian fit: Grosse-Kunstleve RW, Sauter NK, Adams PD: Newsletter of the IUCr Commission on Crystallographic Computing 2004, 3, 22-31.
;
? 
O  ? ? 4.49882 3.47563 ? ? 15.80542 1.70748  ? ? 0.0 
;2-Gaussian fit: Grosse-Kunstleve RW, Sauter NK, Adams PD: Newsletter of the IUCr Commission on Crystallographic Computing 2004, 3, 22-31.
;
? 
P  ? ? 9.51135 5.44231 ? ? 1.42069  35.72801 ? ? 0.0 
;2-Gaussian fit: Grosse-Kunstleve RW, Sauter NK, Adams PD: Newsletter of the IUCr Commission on Crystallographic Computing 2004, 3, 22-31.
;
? 
S  ? ? 9.55732 6.39887 ? ? 1.23737  29.19336 ? ? 0.0 
;2-Gaussian fit: Grosse-Kunstleve RW, Sauter NK, Adams PD: Newsletter of the IUCr Commission on Crystallographic Computing 2004, 3, 22-31.
;
? 
# 
loop_
_atom_site.group_PDB 
_atom_site.id 
_atom_site.type_symbol 
_atom_site.label_atom_id 
_atom_site.label_alt_id 
_atom_site.label_comp_id 
_atom_site.label_asym_id 
_atom_site.label_entity_id 
_atom_site.label_seq_id 
_atom_site.pdbx_PDB_ins_code 
_atom_site.Cartn_x 
_atom_site.Cartn_y 
_atom_site.Cartn_z 
_atom_site.occupancy 
_atom_site.B_iso_or_equiv 
_atom_site.pdbx_formal_charge 
_atom_site.auth_seq_id 
_atom_site.auth_comp_id 
_atom_site.auth_asym_id 
_atom_site.auth_atom_id 
_atom_site.pdbx_PDB_model_num 
ATOM   1    N N      . LEU A 1 2   ? 17.58052  3.53370   5.25051   1.000 35.98000 ? 2   LEU A N      1 
ATOM   2    C CA     . LEU A 1 2   ? 16.47304  3.86695   4.36232   1.000 40.46000 ? 2   LEU A CA     1 
ATOM   3    C C      . LEU A 1 2   ? 16.94040  3.91758   2.90986   1.000 42.95000 ? 2   LEU A C      1 
ATOM   4    O O      . LEU A 1 2   ? 17.93564  4.56808   2.58879   1.000 44.32000 ? 2   LEU A O      1 
ATOM   5    C CB     . LEU A 1 2   ? 15.84438  5.20114   4.76572   1.000 41.02000 ? 2   LEU A CB     1 
ATOM   6    C CG     . LEU A 1 2   ? 14.39536  5.41950   4.32767   1.000 43.04000 ? 2   LEU A CG     1 
ATOM   7    C CD1    . LEU A 1 2   ? 13.68263  6.36941   5.27546   1.000 45.50000 ? 2   LEU A CD1    1 
ATOM   8    C CD2    . LEU A 1 2   ? 14.34006  5.93983   2.89892   1.000 52.09000 ? 2   LEU A CD2    1 
ATOM   9    N N      . LEU A 1 3   ? 16.21254  3.23124   2.03668   1.000 41.13000 ? 3   LEU A N      1 
ATOM   10   C CA     . LEU A 1 3   ? 16.61537  3.12333   0.63955   1.000 41.67000 ? 3   LEU A CA     1 
ATOM   11   C C      . LEU A 1 3   ? 16.19725  4.37130   -0.12935  1.000 42.19000 ? 3   LEU A C      1 
ATOM   12   O O      . LEU A 1 3   ? 15.01618  4.73425   -0.11523  1.000 45.42000 ? 3   LEU A O      1 
ATOM   13   C CB     . LEU A 1 3   ? 15.99218  1.88851   -0.00472  1.000 38.70000 ? 3   LEU A CB     1 
ATOM   14   C CG     . LEU A 1 3   ? 16.73402  0.56296   0.16833   1.000 39.73000 ? 3   LEU A CG     1 
ATOM   15   C CD1    . LEU A 1 3   ? 16.85291  0.19918   1.63989   1.000 41.81000 ? 3   LEU A CD1    1 
ATOM   16   C CD2    . LEU A 1 3   ? 16.03430  -0.54350  -0.60629  1.000 38.84000 ? 3   LEU A CD2    1 
ATOM   17   N N      . PRO A 1 4   ? 17.12589  5.05090   -0.80439  1.000 41.03000 ? 4   PRO A N      1 
ATOM   18   C CA     . PRO A 1 4   ? 16.73123  6.16093   -1.68209  1.000 37.34000 ? 4   PRO A CA     1 
ATOM   19   C C      . PRO A 1 4   ? 16.00780  5.65812   -2.92199  1.000 39.03000 ? 4   PRO A C      1 
ATOM   20   O O      . PRO A 1 4   ? 15.82186  4.44833   -3.08819  1.000 39.47000 ? 4   PRO A O      1 
ATOM   21   C CB     . PRO A 1 4   ? 18.06689  6.82786   -2.03048  1.000 35.76000 ? 4   PRO A CB     1 
ATOM   22   C CG     . PRO A 1 4   ? 19.08059  5.74832   -1.87013  1.000 38.23000 ? 4   PRO A CG     1 
ATOM   23   C CD     . PRO A 1 4   ? 18.58717  4.86798   -0.75684  1.000 40.21000 ? 4   PRO A CD     1 
ATOM   24   N N      . ASP A 1 5   ? 15.60049  6.57510   -3.80091  1.000 42.17000 ? 5   ASP A N      1 
ATOM   25   C CA     . ASP A 1 5   ? 14.81963  6.18226   -4.97077  1.000 40.34000 ? 5   ASP A CA     1 
ATOM   26   C C      . ASP A 1 5   ? 15.60539  5.23231   -5.86743  1.000 40.48000 ? 5   ASP A C      1 
ATOM   27   O O      . ASP A 1 5   ? 15.07733  4.21316   -6.32773  1.000 42.69000 ? 5   ASP A O      1 
ATOM   28   C CB     . ASP A 1 5   ? 14.38067  7.42217   -5.75013  1.000 40.34000 ? 5   ASP A CB     1 
ATOM   29   C CG     . ASP A 1 5   ? 15.49838  8.43210   -5.91557  1.000 39.64000 ? 5   ASP A CG     1 
ATOM   30   O OD1    . ASP A 1 5   ? 16.63288  8.14228   -5.48137  1.000 39.96000 ? 5   ASP A OD1    1 
ATOM   31   O OD2    . ASP A 1 5   ? 15.24172  9.51635   -6.47985  1.000 41.73000 ? 5   ASP A OD2    1 
ATOM   32   N N      . TRP A 1 6   ? 16.87541  5.54938   -6.13034  1.000 39.76000 ? 6   TRP A N      1 
ATOM   33   C CA     . TRP A 1 6   ? 17.66407  4.72739   -7.03904  1.000 41.00000 ? 6   TRP A CA     1 
ATOM   34   C C      . TRP A 1 6   ? 17.96550  3.34761   -6.46957  1.000 44.03000 ? 6   TRP A C      1 
ATOM   35   O O      . TRP A 1 6   ? 18.22068  2.41700   -7.24055  1.000 49.70000 ? 6   TRP A O      1 
ATOM   36   C CB     . TRP A 1 6   ? 18.96663  5.43843   -7.40817  1.000 41.61000 ? 6   TRP A CB     1 
ATOM   37   C CG     . TRP A 1 6   ? 19.79206  5.87351   -6.23672  1.000 39.62000 ? 6   TRP A CG     1 
ATOM   38   C CD1    . TRP A 1 6   ? 19.58569  6.96696   -5.44816  1.000 38.24000 ? 6   TRP A CD1    1 
ATOM   39   C CD2    . TRP A 1 6   ? 20.96793  5.23019   -5.72951  1.000 41.18000 ? 6   TRP A CD2    1 
ATOM   40   N NE1    . TRP A 1 6   ? 20.55499  7.04151   -4.47812  1.000 37.66000 ? 6   TRP A NE1    1 
ATOM   41   C CE2    . TRP A 1 6   ? 21.41601  5.98669   -4.62905  1.000 40.80000 ? 6   TRP A CE2    1 
ATOM   42   C CE3    . TRP A 1 6   ? 21.68273  4.08635   -6.09828  1.000 39.23000 ? 6   TRP A CE3    1 
ATOM   43   C CZ2    . TRP A 1 6   ? 22.54570  5.63688   -3.89344  1.000 42.87000 ? 6   TRP A CZ2    1 
ATOM   44   C CZ3    . TRP A 1 6   ? 22.80385  3.74049   -5.36615  1.000 39.77000 ? 6   TRP A CZ3    1 
ATOM   45   C CH2    . TRP A 1 6   ? 23.22513  4.51320   -4.27703  1.000 43.67000 ? 6   TRP A CH2    1 
ATOM   46   N N      . LYS A 1 7   ? 17.94363  3.18803   -5.14918  1.000 41.27000 ? 7   LYS A N      1 
ATOM   47   C CA     . LYS A 1 7   ? 18.14572  1.87459   -4.55305  1.000 42.07000 ? 7   LYS A CA     1 
ATOM   48   C C      . LYS A 1 7   ? 16.86339  1.06177   -4.46854  1.000 42.85000 ? 7   LYS A C      1 
ATOM   49   O O      . LYS A 1 7   ? 16.93201  -0.16956  -4.37048  1.000 44.79000 ? 7   LYS A O      1 
ATOM   50   C CB     . LYS A 1 7   ? 18.75890  2.01090   -3.15435  1.000 40.22000 ? 7   LYS A CB     1 
ATOM   51   C CG     . LYS A 1 7   ? 20.09868  2.72863   -3.13469  1.000 41.30000 ? 7   LYS A CG     1 
ATOM   52   C CD     . LYS A 1 7   ? 21.22558  1.78973   -2.73612  1.000 44.55000 ? 7   LYS A CD     1 
ATOM   53   C CE     . LYS A 1 7   ? 22.13381  2.42726   -1.69642  1.000 43.90000 ? 7   LYS A CE     1 
ATOM   54   N NZ     . LYS A 1 7   ? 22.79268  1.40894   -0.83163  1.000 46.87000 ? 7   LYS A NZ     1 
ATOM   55   N N      . ILE A 1 8   ? 15.70080  1.71589   -4.51357  1.000 44.76000 ? 8   ILE A N      1 
ATOM   56   C CA     . ILE A 1 8   ? 14.43591  0.98671   -4.47955  1.000 41.52000 ? 8   ILE A CA     1 
ATOM   57   C C      . ILE A 1 8   ? 14.30279  0.09743   -5.70946  1.000 46.69000 ? 8   ILE A C      1 
ATOM   58   O O      . ILE A 1 8   ? 13.75884  -1.01159  -5.63609  1.000 50.00000 ? 8   ILE A O      1 
ATOM   59   C CB     . ILE A 1 8   ? 13.25771  1.97007   -4.36100  1.000 38.01000 ? 8   ILE A CB     1 
ATOM   60   C CG1    . ILE A 1 8   ? 13.28049  2.66869   -3.00010  1.000 39.87000 ? 8   ILE A CG1    1 
ATOM   61   C CG2    . ILE A 1 8   ? 11.93683  1.24830   -4.57588  1.000 36.93000 ? 8   ILE A CG2    1 
ATOM   62   C CD1    . ILE A 1 8   ? 12.25367  3.77118   -2.86019  1.000 38.28000 ? 8   ILE A CD1    1 
ATOM   63   N N      . ARG A 1 9   ? 14.79906  0.56669   -6.85614  1.000 46.17000 ? 9   ARG A N      1 
ATOM   64   C CA     . ARG A 1 9   ? 14.71096  -0.22070  -8.08243  1.000 48.14000 ? 9   ARG A CA     1 
ATOM   65   C C      . ARG A 1 9   ? 15.44247  -1.54948  -7.95377  1.000 50.45000 ? 9   ARG A C      1 
ATOM   66   O O      . ARG A 1 9   ? 15.03072  -2.54681  -8.55911  1.000 53.72000 ? 9   ARG A O      1 
ATOM   67   C CB     . ARG A 1 9   ? 15.28456  0.57124   -9.25897  1.000 58.46000 ? 9   ARG A CB     1 
ATOM   68   C CG     . ARG A 1 9   ? 14.73437  1.97657   -9.40671  1.000 53.51000 ? 9   ARG A CG     1 
ATOM   69   C CD     . ARG A 1 9   ? 13.31265  1.95044   -9.93006  1.000 61.20000 ? 9   ARG A CD     1 
ATOM   70   N NE     . ARG A 1 9   ? 13.14703  1.00245   -11.02567 1.000 57.40000 ? 9   ARG A NE     1 
ATOM   71   C CZ     . ARG A 1 9   ? 12.98758  1.34622   -12.29558 1.000 59.26000 ? 9   ARG A CZ     1 
ATOM   72   N NH1    . ARG A 1 9   ? 12.97212  2.61499   -12.67145 1.000 64.81000 ? 9   ARG A NH1    1 
ATOM   73   N NH2    . ARG A 1 9   ? 12.83926  0.39361   -13.21184 1.000 49.82000 ? 9   ARG A NH2    1 
ATOM   74   N N      . LYS A 1 10  ? 16.52080  -1.58416  -7.17104  1.000 47.12000 ? 10  LYS A N      1 
ATOM   75   C CA     . LYS A 1 10  ? 17.43212  -2.72013  -7.15673  1.000 49.11000 ? 10  LYS A CA     1 
ATOM   76   C C      . LYS A 1 10  ? 17.22473  -3.66105  -5.97698  1.000 49.38000 ? 10  LYS A C      1 
ATOM   77   O O      . LYS A 1 10  ? 17.72199  -4.79291  -6.01748  1.000 55.85000 ? 10  LYS A O      1 
ATOM   78   C CB     . LYS A 1 10  ? 18.88201  -2.21424  -7.16563  1.000 48.11000 ? 10  LYS A CB     1 
ATOM   79   C CG     . LYS A 1 10  ? 19.84942  -2.99937  -6.29821  1.000 52.32000 ? 10  LYS A CG     1 
ATOM   80   C CD     . LYS A 1 10  ? 21.10702  -2.19073  -6.01425  1.000 49.52000 ? 10  LYS A CD     1 
ATOM   81   C CE     . LYS A 1 10  ? 22.25078  -3.08666  -5.56864  1.000 59.75000 ? 10  LYS A CE     1 
ATOM   82   N NZ     . LYS A 1 10  ? 21.89236  -3.88911  -4.36577  1.000 64.62000 ? 10  LYS A NZ     1 
ATOM   83   N N      . GLU A 1 11  ? 16.49652  -3.24314  -4.94304  1.000 49.46000 ? 11  GLU A N      1 
ATOM   84   C CA     . GLU A 1 11  ? 16.34159  -4.05398  -3.74192  1.000 50.19000 ? 11  GLU A CA     1 
ATOM   85   C C      . GLU A 1 11  ? 14.94596  -4.62434  -3.54790  1.000 46.47000 ? 11  GLU A C      1 
ATOM   86   O O      . GLU A 1 11  ? 14.81682  -5.71758  -2.99318  1.000 49.70000 ? 11  GLU A O      1 
ATOM   87   C CB     . GLU A 1 11  ? 16.71444  -3.23733  -2.49741  1.000 46.32000 ? 11  GLU A CB     1 
ATOM   88   C CG     . GLU A 1 11  ? 18.04555  -2.51355  -2.60944  1.000 46.00000 ? 11  GLU A CG     1 
ATOM   89   C CD     . GLU A 1 11  ? 19.18931  -3.30299  -2.00359  1.000 55.01000 ? 11  GLU A CD     1 
ATOM   90   O OE1    . GLU A 1 11  ? 18.95708  -4.44997  -1.56909  1.000 57.39000 ? 11  GLU A OE1    1 
ATOM   91   O OE2    . GLU A 1 11  ? 20.32081  -2.77518  -1.96332  1.000 62.57000 ? 11  GLU A OE2    1 
ATOM   92   N N      . ILE A 1 12  ? 13.90234  -3.92456  -3.98314  1.000 44.20000 ? 12  ILE A N      1 
ATOM   93   C CA     . ILE A 1 12  ? 12.52353  -4.33566  -3.74690  1.000 40.67000 ? 12  ILE A CA     1 
ATOM   94   C C      . ILE A 1 12  ? 11.88632  -4.73890  -5.06823  1.000 37.13000 ? 12  ILE A C      1 
ATOM   95   O O      . ILE A 1 12  ? 12.04390  -4.05003  -6.08304  1.000 41.36000 ? 12  ILE A O      1 
ATOM   96   C CB     . ILE A 1 12  ? 11.71088  -3.21463  -3.06972  1.000 37.78000 ? 12  ILE A CB     1 
ATOM   97   C CG1    . ILE A 1 12  ? 12.58351  -2.45734  -2.06760  1.000 35.65000 ? 12  ILE A CG1    1 
ATOM   98   C CG2    . ILE A 1 12  ? 10.47830  -3.78700  -2.38870  1.000 37.67000 ? 12  ILE A CG2    1 
ATOM   99   C CD1    . ILE A 1 12  ? 12.89816  -3.24496  -0.81572  1.000 36.33000 ? 12  ILE A CD1    1 
ATOM   100  N N      . LEU A 1 13  ? 11.16620  -5.85782  -5.05158  1.000 37.41000 ? 13  LEU A N      1 
ATOM   101  C CA     . LEU A 1 13  ? 10.41255  -6.32150  -6.21225  1.000 43.39000 ? 13  LEU A CA     1 
ATOM   102  C C      . LEU A 1 13  ? 9.03618   -5.66793  -6.18229  1.000 45.65000 ? 13  LEU A C      1 
ATOM   103  O O      . LEU A 1 13  ? 8.20996   -5.97976  -5.31777  1.000 48.55000 ? 13  LEU A O      1 
ATOM   104  C CB     . LEU A 1 13  ? 10.30005  -7.84341  -6.21568  1.000 41.09000 ? 13  LEU A CB     1 
ATOM   105  C CG     . LEU A 1 13  ? 9.82776   -8.46836  -7.53000  1.000 48.22000 ? 13  LEU A CG     1 
ATOM   106  C CD1    . LEU A 1 13  ? 10.73281  -8.04757  -8.67892  1.000 50.34000 ? 13  LEU A CD1    1 
ATOM   107  C CD2    . LEU A 1 13  ? 9.76586   -9.98412  -7.41947  1.000 53.61000 ? 13  LEU A CD2    1 
ATOM   108  N N      . ILE A 1 14  ? 8.79097   -4.76165  -7.12271  1.000 44.27000 ? 14  ILE A N      1 
ATOM   109  C CA     . ILE A 1 14  ? 7.54294   -4.01141  -7.19838  1.000 40.00000 ? 14  ILE A CA     1 
ATOM   110  C C      . ILE A 1 14  ? 6.92027   -4.29819  -8.55710  1.000 40.70000 ? 14  ILE A C      1 
ATOM   111  O O      . ILE A 1 14  ? 7.40366   -3.81055  -9.58589  1.000 47.39000 ? 14  ILE A O      1 
ATOM   112  C CB     . ILE A 1 14  ? 7.76471   -2.50588  -6.99771  1.000 42.62000 ? 14  ILE A CB     1 
ATOM   113  C CG1    . ILE A 1 14  ? 8.57638   -2.25637  -5.72446  1.000 34.23000 ? 14  ILE A CG1    1 
ATOM   114  C CG2    . ILE A 1 14  ? 6.43384   -1.77364  -6.94051  1.000 44.70000 ? 14  ILE A CG2    1 
ATOM   115  C CD1    . ILE A 1 14  ? 8.96855   -0.81045  -5.52158  1.000 39.81000 ? 14  ILE A CD1    1 
ATOM   116  N N      . GLU A 1 15  ? 5.84884   -5.08925  -8.56350  1.000 44.81000 ? 15  GLU A N      1 
ATOM   117  C CA     . GLU A 1 15  ? 5.17547   -5.48755  -9.79569  1.000 43.91000 ? 15  GLU A CA     1 
ATOM   118  C C      . GLU A 1 15  ? 3.68209   -5.23772  -9.64125  1.000 43.43000 ? 15  GLU A C      1 
ATOM   119  O O      . GLU A 1 15  ? 3.05457   -5.80011  -8.71969  1.000 45.41000 ? 15  GLU A O      1 
ATOM   120  C CB     . GLU A 1 15  ? 5.44996   -6.95807  -10.12217 1.000 48.60000 ? 15  GLU A CB     1 
ATOM   121  C CG     . GLU A 1 15  ? 6.89185   -7.38356  -9.90532  1.000 56.69000 ? 15  GLU A CG     1 
ATOM   122  C CD     . GLU A 1 15  ? 7.17785   -8.76829  -10.45131 1.000 62.50000 ? 15  GLU A CD     1 
ATOM   123  O OE1    . GLU A 1 15  ? 6.77445   -9.75819  -9.80533  1.000 62.29000 ? 15  GLU A OE1    1 
ATOM   124  O OE2    . GLU A 1 15  ? 7.80578   -8.86641  -11.52779 1.000 68.17000 ? 15  GLU A OE2    1 
ATOM   125  N N      . PRO A 1 16  ? 3.06638   -4.41420  -10.50111 1.000 41.82000 ? 16  PRO A N      1 
ATOM   126  C CA     . PRO A 1 16  ? 3.78270   -3.70653  -11.56575 1.000 39.46000 ? 16  PRO A CA     1 
ATOM   127  C C      . PRO A 1 16  ? 4.48221   -2.45581  -11.04641 1.000 45.49000 ? 16  PRO A C      1 
ATOM   128  O O      . PRO A 1 16  ? 4.01330   -1.85038  -10.08349 1.000 51.57000 ? 16  PRO A O      1 
ATOM   129  C CB     . PRO A 1 16  ? 2.67044   -3.34255  -12.54729 1.000 41.60000 ? 16  PRO A CB     1 
ATOM   130  C CG     . PRO A 1 16  ? 1.47006   -3.16712  -11.68082 1.000 41.05000 ? 16  PRO A CG     1 
ATOM   131  C CD     . PRO A 1 16  ? 1.61619   -4.15248  -10.54416 1.000 43.89000 ? 16  PRO A CD     1 
ATOM   132  N N      . PHE A 1 17  ? 5.58834   -2.07416  -11.67563 1.000 43.90000 ? 17  PHE A N      1 
ATOM   133  C CA     . PHE A 1 17  ? 6.34557   -0.89943  -11.26979 1.000 41.20000 ? 17  PHE A CA     1 
ATOM   134  C C      . PHE A 1 17  ? 5.97244   0.29474   -12.13700 1.000 44.20000 ? 17  PHE A C      1 
ATOM   135  O O      . PHE A 1 17  ? 5.82196   0.16904   -13.35557 1.000 51.65000 ? 17  PHE A O      1 
ATOM   136  C CB     . PHE A 1 17  ? 7.85122   -1.15542  -11.35905 1.000 47.52000 ? 17  PHE A CB     1 
ATOM   137  C CG     . PHE A 1 17  ? 8.68100   -0.08308  -10.71592 1.000 45.59000 ? 17  PHE A CG     1 
ATOM   138  C CD1    . PHE A 1 17  ? 9.09115   1.02266   -11.44089 1.000 46.99000 ? 17  PHE A CD1    1 
ATOM   139  C CD2    . PHE A 1 17  ? 9.04233   -0.17545  -9.38267  1.000 44.26000 ? 17  PHE A CD2    1 
ATOM   140  C CE1    . PHE A 1 17  ? 9.85075   2.01239   -10.84952 1.000 47.69000 ? 17  PHE A CE1    1 
ATOM   141  C CE2    . PHE A 1 17  ? 9.80012   0.81072   -8.78628  1.000 44.40000 ? 17  PHE A CE2    1 
ATOM   142  C CZ     . PHE A 1 17  ? 10.20336  1.90667   -9.52091  1.000 48.69000 ? 17  PHE A CZ     1 
ATOM   143  N N      . SER A 1 18  ? 5.82659   1.45312   -11.49977 1.000 49.03000 ? 18  SER A N      1 
ATOM   144  C CA     . SER A 1 18  ? 5.50722   2.69940   -12.18583 1.000 46.61000 ? 18  SER A CA     1 
ATOM   145  C C      . SER A 1 18  ? 6.55225   3.73782   -11.81149 1.000 50.76000 ? 18  SER A C      1 
ATOM   146  O O      . SER A 1 18  ? 6.71655   4.05732   -10.62910 1.000 52.63000 ? 18  SER A O      1 
ATOM   147  C CB     . SER A 1 18  ? 4.10229   3.18975   -11.81939 1.000 44.74000 ? 18  SER A CB     1 
ATOM   148  O OG     . SER A 1 18  ? 3.87581   4.49851   -12.31219 1.000 47.67000 ? 18  SER A OG     1 
ATOM   149  N N      . GLU A 1 19  ? 7.25837   4.26056   -12.81634 1.000 54.26000 ? 19  GLU A N      1 
ATOM   150  C CA     . GLU A 1 19  ? 8.29431   5.25135   -12.54828 1.000 52.20000 ? 19  GLU A CA     1 
ATOM   151  C C      . GLU A 1 19  ? 7.72706   6.48439   -11.85719 1.000 52.91000 ? 19  GLU A C      1 
ATOM   152  O O      . GLU A 1 19  ? 8.41849   7.11571   -11.05009 1.000 54.56000 ? 19  GLU A O      1 
ATOM   153  C CB     . GLU A 1 19  ? 8.99535   5.64551   -13.84879 1.000 55.43000 ? 19  GLU A CB     1 
ATOM   154  C CG     . GLU A 1 19  ? 10.41366  6.15767   -13.65806 1.000 58.09000 ? 19  GLU A CG     1 
ATOM   155  C CD     . GLU A 1 19  ? 11.45750  5.08377   -13.89335 1.000 68.35000 ? 19  GLU A CD     1 
ATOM   156  O OE1    . GLU A 1 19  ? 11.32286  4.32920   -14.87918 1.000 63.30000 ? 19  GLU A OE1    1 
ATOM   157  O OE2    . GLU A 1 19  ? 12.41293  4.99486   -13.09351 1.000 69.92000 ? 19  GLU A OE2    1 
ATOM   158  N N      . GLU A 1 20  ? 6.47659   6.84246   -12.15490 1.000 52.82000 ? 20  GLU A N      1 
ATOM   159  C CA     . GLU A 1 20  ? 5.87705   8.01122   -11.52100 1.000 54.67000 ? 20  GLU A CA     1 
ATOM   160  C C      . GLU A 1 20  ? 5.63403   7.78217   -10.03485 1.000 51.16000 ? 20  GLU A C      1 
ATOM   161  O O      . GLU A 1 20  ? 5.64700   8.73894   -9.25206  1.000 51.51000 ? 20  GLU A O      1 
ATOM   162  C CB     . GLU A 1 20  ? 4.57149   8.37918   -12.22374 1.000 59.90000 ? 20  GLU A CB     1 
ATOM   163  C CG     . GLU A 1 20  ? 4.74373   8.75701   -13.68620 1.000 73.04000 ? 20  GLU A CG     1 
ATOM   164  C CD     . GLU A 1 20  ? 5.10434   10.21800  -13.87077 1.000 84.62000 ? 20  GLU A CD     1 
ATOM   165  O OE1    . GLU A 1 20  ? 4.41929   11.07970  -13.28156 1.000 83.66000 ? 20  GLU A OE1    1 
ATOM   166  O OE2    . GLU A 1 20  ? 6.07429   10.50393  -14.60408 1.000 90.59000 ? 20  GLU A OE2    1 
ATOM   167  N N      . SER A 1 21  ? 5.40814   6.53224   -9.62753  1.000 50.92000 ? 21  SER A N      1 
ATOM   168  C CA     . SER A 1 21  ? 5.21940   6.22269   -8.21617  1.000 46.55000 ? 21  SER A CA     1 
ATOM   169  C C      . SER A 1 21  ? 6.51544   6.29452   -7.42146  1.000 46.67000 ? 21  SER A C      1 
ATOM   170  O O      . SER A 1 21  ? 6.46688   6.28335   -6.18637  1.000 43.02000 ? 21  SER A O      1 
ATOM   171  C CB     . SER A 1 21  ? 4.59631   4.83506   -8.06069  1.000 40.99000 ? 21  SER A CB     1 
ATOM   172  O OG     . SER A 1 21  ? 3.27348   4.81070   -8.56722  1.000 47.36000 ? 21  SER A OG     1 
ATOM   173  N N      . LEU A 1 22  ? 7.66270   6.36628   -8.09199  1.000 46.70000 ? 22  LEU A N      1 
ATOM   174  C CA     . LEU A 1 22  ? 8.94255   6.43555   -7.39924  1.000 42.54000 ? 22  LEU A CA     1 
ATOM   175  C C      . LEU A 1 22  ? 9.12020   7.81430   -6.77426  1.000 45.11000 ? 22  LEU A C      1 
ATOM   176  O O      . LEU A 1 22  ? 9.08141   8.83200   -7.47315  1.000 48.64000 ? 22  LEU A O      1 
ATOM   177  C CB     . LEU A 1 22  ? 10.08171  6.13287   -8.36814  1.000 42.98000 ? 22  LEU A CB     1 
ATOM   178  C CG     . LEU A 1 22  ? 11.37997  5.60432   -7.75646  1.000 39.54000 ? 22  LEU A CG     1 
ATOM   179  C CD1    . LEU A 1 22  ? 11.08312  4.57880   -6.67559  1.000 41.01000 ? 22  LEU A CD1    1 
ATOM   180  C CD2    . LEU A 1 22  ? 12.27547  5.01095   -8.83235  1.000 45.95000 ? 22  LEU A CD2    1 
ATOM   181  N N      . GLN A 1 23  ? 9.31031   7.84603   -5.46476  1.000 42.00000 ? 23  GLN A N      1 
ATOM   182  C CA     . GLN A 1 23  ? 9.54291   9.06327   -4.70924  1.000 41.83000 ? 23  GLN A CA     1 
ATOM   183  C C      . GLN A 1 23  ? 11.00462  9.17068   -4.30402  1.000 37.65000 ? 23  GLN A C      1 
ATOM   184  O O      . GLN A 1 23  ? 11.77577  8.21244   -4.43733  1.000 38.69000 ? 23  GLN A O      1 
ATOM   185  C CB     . GLN A 1 23  ? 8.64724   9.09387   -3.46486  1.000 40.19000 ? 23  GLN A CB     1 
ATOM   186  C CG     . GLN A 1 23  ? 7.15967   9.08849   -3.77491  1.000 39.59000 ? 23  GLN A CG     1 
ATOM   187  C CD     . GLN A 1 23  ? 6.73597   10.27317  -4.62160  1.000 45.95000 ? 23  GLN A CD     1 
ATOM   188  O OE1    . GLN A 1 23  ? 7.28473   11.36757  -4.49624  1.000 48.90000 ? 23  GLN A OE1    1 
ATOM   189  N NE2    . GLN A 1 23  ? 5.75421   10.05917  -5.49094  1.000 47.50000 ? 23  GLN A NE2    1 
ATOM   190  N N      . PRO A 1 24  ? 11.43002  10.33277  -3.80633  1.000 35.73000 ? 24  PRO A N      1 
ATOM   191  C CA     . PRO A 1 24  ? 12.84191  10.49754  -3.42807  1.000 36.45000 ? 24  PRO A CA     1 
ATOM   192  C C      . PRO A 1 24  ? 13.35856  9.41219   -2.49993  1.000 37.11000 ? 24  PRO A C      1 
ATOM   193  O O      . PRO A 1 24  ? 14.53700  9.04349   -2.58541  1.000 37.75000 ? 24  PRO A O      1 
ATOM   194  C CB     . PRO A 1 24  ? 12.85966  11.87468  -2.75035  1.000 36.50000 ? 24  PRO A CB     1 
ATOM   195  C CG     . PRO A 1 24  ? 11.71097  12.60428  -3.35578  1.000 35.85000 ? 24  PRO A CG     1 
ATOM   196  C CD     . PRO A 1 24  ? 10.65320  11.57163  -3.62314  1.000 39.26000 ? 24  PRO A CD     1 
ATOM   197  N N      . ALA A 1 25  ? 12.51283  8.88329   -1.61423  1.000 41.67000 ? 25  ALA A N      1 
ATOM   198  C CA     . ALA A 1 25  ? 12.93746  7.84050   -0.68867  1.000 37.73000 ? 25  ALA A CA     1 
ATOM   199  C C      . ALA A 1 25  ? 11.78351  6.88677   -0.40347  1.000 34.68000 ? 25  ALA A C      1 
ATOM   200  O O      . ALA A 1 25  ? 11.59540  6.43312   0.72883   1.000 36.24000 ? 25  ALA A O      1 
ATOM   201  C CB     . ALA A 1 25  ? 13.47921  8.43532   0.61334   1.000 37.96000 ? 25  ALA A CB     1 
ATOM   202  N N      . GLY A 1 26  ? 10.99968  6.57291   -1.42874  1.000 34.12000 ? 26  GLY A N      1 
ATOM   203  C CA     . GLY A 1 26  ? 9.87777   5.67071   -1.25553  1.000 32.28000 ? 26  GLY A CA     1 
ATOM   204  C C      . GLY A 1 26  ? 9.22303   5.38122   -2.58640  1.000 33.32000 ? 26  GLY A C      1 
ATOM   205  O O      . GLY A 1 26  ? 9.67483   5.83494   -3.64474  1.000 37.23000 ? 26  GLY A O      1 
ATOM   206  N N      . TYR A 1 27  ? 8.13997   4.61052   -2.51859  1.000 35.03000 ? 27  TYR A N      1 
ATOM   207  C CA     . TYR A 1 27  ? 7.37101   4.23022   -3.69601  1.000 35.71000 ? 27  TYR A CA     1 
ATOM   208  C C      . TYR A 1 27  ? 5.89237   4.44325   -3.41379  1.000 35.30000 ? 27  TYR A C      1 
ATOM   209  O O      . TYR A 1 27  ? 5.38173   3.98906   -2.38483  1.000 34.83000 ? 27  TYR A O      1 
ATOM   210  C CB     . TYR A 1 27  ? 7.63454   2.77110   -4.08407  1.000 39.94000 ? 27  TYR A CB     1 
ATOM   211  C CG     . TYR A 1 27  ? 6.89884   2.32657   -5.32812  1.000 39.38000 ? 27  TYR A CG     1 
ATOM   212  C CD1    . TYR A 1 27  ? 7.45885   2.49305   -6.58699  1.000 38.10000 ? 27  TYR A CD1    1 
ATOM   213  C CD2    . TYR A 1 27  ? 5.64270   1.74112   -5.24246  1.000 40.39000 ? 27  TYR A CD2    1 
ATOM   214  C CE1    . TYR A 1 27  ? 6.78996   2.08935   -7.72531  1.000 39.89000 ? 27  TYR A CE1    1 
ATOM   215  C CE2    . TYR A 1 27  ? 4.96566   1.33474   -6.37585  1.000 40.61000 ? 27  TYR A CE2    1 
ATOM   216  C CZ     . TYR A 1 27  ? 5.54369   1.51017   -7.61425  1.000 38.70000 ? 27  TYR A CZ     1 
ATOM   217  O OH     . TYR A 1 27  ? 4.87194   1.10476   -8.74403  1.000 44.59000 ? 27  TYR A OH     1 
ATOM   218  N N      . ASP A 1 28  ? 5.21055   5.12992   -4.32694  1.000 34.45000 ? 28  ASP A N      1 
ATOM   219  C CA     . ASP A 1 28  ? 3.78872   5.42893   -4.17220  1.000 35.63000 ? 28  ASP A CA     1 
ATOM   220  C C      . ASP A 1 28  ? 2.97952   4.20969   -4.59451  1.000 34.98000 ? 28  ASP A C      1 
ATOM   221  O O      . ASP A 1 28  ? 2.75366   3.97960   -5.78450  1.000 38.21000 ? 28  ASP A O      1 
ATOM   222  C CB     . ASP A 1 28  ? 3.40730   6.65495   -4.99458  1.000 37.34000 ? 28  ASP A CB     1 
ATOM   223  C CG     . ASP A 1 28  ? 3.70013   7.95413   -4.27370  1.000 36.63000 ? 28  ASP A CG     1 
ATOM   224  O OD1    . ASP A 1 28  ? 3.85341   7.92764   -3.03410  1.000 38.76000 ? 28  ASP A OD1    1 
ATOM   225  O OD2    . ASP A 1 28  ? 3.77590   9.00360   -4.94616  1.000 41.83000 ? 28  ASP A OD2    1 
ATOM   226  N N      . LEU A 1 29  ? 2.54063   3.42092   -3.61656  1.000 35.71000 ? 29  LEU A N      1 
ATOM   227  C CA     . LEU A 1 29  ? 1.67163   2.29222   -3.91378  1.000 34.76000 ? 29  LEU A CA     1 
ATOM   228  C C      . LEU A 1 29  ? 0.35099   2.78957   -4.48861  1.000 36.31000 ? 29  LEU A C      1 
ATOM   229  O O      . LEU A 1 29  ? -0.16917  3.83294   -4.08141  1.000 39.28000 ? 29  LEU A O      1 
ATOM   230  C CB     . LEU A 1 29  ? 1.42662   1.46295   -2.65304  1.000 34.07000 ? 29  LEU A CB     1 
ATOM   231  C CG     . LEU A 1 29  ? 2.65486   0.77875   -2.04890  1.000 34.50000 ? 29  LEU A CG     1 
ATOM   232  C CD1    . LEU A 1 29  ? 2.32301   0.16617   -0.69720  1.000 35.87000 ? 29  LEU A CD1    1 
ATOM   233  C CD2    . LEU A 1 29  ? 3.20656   -0.27387  -2.99807  1.000 37.81000 ? 29  LEU A CD2    1 
ATOM   234  N N      . ARG A 1 30  ? -0.18987  2.04035   -5.44181  1.000 38.22000 ? 30  ARG A N      1 
ATOM   235  C CA     . ARG A 1 30  ? -1.38626  2.43934   -6.16435  1.000 35.78000 ? 30  ARG A CA     1 
ATOM   236  C C      . ARG A 1 30  ? -2.56421  1.54894   -5.79204  1.000 39.16000 ? 30  ARG A C      1 
ATOM   237  O O      . ARG A 1 30  ? -2.39904  0.42666   -5.30605  1.000 41.75000 ? 30  ARG A O      1 
ATOM   238  C CB     . ARG A 1 30  ? -1.15007  2.39163   -7.67639  1.000 36.51000 ? 30  ARG A CB     1 
ATOM   239  C CG     . ARG A 1 30  ? -0.12520  3.39934   -8.16682  1.000 39.75000 ? 30  ARG A CG     1 
ATOM   240  C CD     . ARG A 1 30  ? 0.25608   3.13525   -9.61089  1.000 40.13000 ? 30  ARG A CD     1 
ATOM   241  N NE     . ARG A 1 30  ? 1.06635   1.93163   -9.74514  1.000 41.45000 ? 30  ARG A NE     1 
ATOM   242  C CZ     . ARG A 1 30  ? 1.37511   1.36380   -10.90262 1.000 41.83000 ? 30  ARG A CZ     1 
ATOM   243  N NH1    . ARG A 1 30  ? 0.95761   1.86592   -12.05288 1.000 43.53000 ? 30  ARG A NH1    1 
ATOM   244  N NH2    . ARG A 1 30  ? 2.12383   0.26485   -10.90696 1.000 42.10000 ? 30  ARG A NH2    1 
ATOM   245  N N      . VAL A 1 31  ? -3.76778  2.07242   -6.02569  1.000 37.56000 ? 31  VAL A N      1 
ATOM   246  C CA     . VAL A 1 31  ? -4.98448  1.33449   -5.71098  1.000 35.71000 ? 31  VAL A CA     1 
ATOM   247  C C      . VAL A 1 31  ? -5.10968  0.14329   -6.64950  1.000 39.59000 ? 31  VAL A C      1 
ATOM   248  O O      . VAL A 1 31  ? -4.97797  0.27754   -7.87311  1.000 39.32000 ? 31  VAL A O      1 
ATOM   249  C CB     . VAL A 1 31  ? -6.21109  2.25374   -5.80675  1.000 37.36000 ? 31  VAL A CB     1 
ATOM   250  C CG1    . VAL A 1 31  ? -7.48841  1.45229   -5.61265  1.000 41.36000 ? 31  VAL A CG1    1 
ATOM   251  C CG2    . VAL A 1 31  ? -6.11515  3.37031   -4.77984  1.000 36.92000 ? 31  VAL A CG2    1 
ATOM   252  N N      . GLY A 1 32  ? -5.36731  -1.02894  -6.07912  1.000 42.16000 ? 32  GLY A N      1 
ATOM   253  C CA     . GLY A 1 32  ? -5.45209  -2.26044  -6.83512  1.000 38.17000 ? 32  GLY A CA     1 
ATOM   254  C C      . GLY A 1 32  ? -6.85076  -2.55466  -7.33163  1.000 40.41000 ? 32  GLY A C      1 
ATOM   255  O O      . GLY A 1 32  ? -7.68843  -1.66389  -7.49409  1.000 45.13000 ? 32  GLY A O      1 
ATOM   256  N N      . ARG A 1 33  ? -7.10295  -3.84085  -7.57090  1.000 42.75000 ? 33  ARG A N      1 
ATOM   257  C CA     . ARG A 1 33  ? -8.37051  -4.29116  -8.13024  1.000 45.60000 ? 33  ARG A CA     1 
ATOM   258  C C      . ARG A 1 33  ? -9.43910  -4.54961  -7.07800  1.000 45.17000 ? 33  ARG A C      1 
ATOM   259  O O      . ARG A 1 33  ? -10.62285 -4.62696  -7.42752  1.000 50.98000 ? 33  ARG A O      1 
ATOM   260  C CB     . ARG A 1 33  ? -8.15594  -5.56926  -8.94625  1.000 46.72000 ? 33  ARG A CB     1 
ATOM   261  C CG     . ARG A 1 33  ? -7.34462  -6.62751  -8.21459  1.000 48.31000 ? 33  ARG A CG     1 
ATOM   262  C CD     . ARG A 1 33  ? -7.27182  -7.92296  -9.00188  1.000 47.67000 ? 33  ARG A CD     1 
ATOM   263  N NE     . ARG A 1 33  ? -7.29235  -9.09021  -8.12772  1.000 44.00000 ? 33  ARG A NE     1 
ATOM   264  C CZ     . ARG A 1 33  ? -6.24294  -9.53822  -7.45200  1.000 51.66000 ? 33  ARG A CZ     1 
ATOM   265  N NH1    . ARG A 1 33  ? -5.06536  -8.93820  -7.52472  1.000 53.93000 ? 33  ARG A NH1    1 
ATOM   266  N NH2    . ARG A 1 33  ? -6.37849  -10.61519 -6.68326  1.000 54.71000 ? 33  ARG A NH2    1 
ATOM   267  N N      . GLU A 1 34  ? -9.06169  -4.68658  -5.81060  1.000 43.60000 ? 34  GLU A N      1 
ATOM   268  C CA     . GLU A 1 34  ? -9.99453  -5.04909  -4.75534  1.000 38.93000 ? 34  GLU A CA     1 
ATOM   269  C C      . GLU A 1 34  ? -10.09626 -3.93417  -3.72253  1.000 39.59000 ? 34  GLU A C      1 
ATOM   270  O O      . GLU A 1 34  ? -9.14751  -3.17774  -3.49921  1.000 41.87000 ? 34  GLU A O      1 
ATOM   271  C CB     . GLU A 1 34  ? -9.57379  -6.35242  -4.06623  1.000 42.57000 ? 34  GLU A CB     1 
ATOM   272  C CG     . GLU A 1 34  ? -10.03037 -7.60998  -4.78672  1.000 46.43000 ? 34  GLU A CG     1 
ATOM   273  C CD     . GLU A 1 34  ? -10.07642 -8.81982  -3.87576  1.000 46.05000 ? 34  GLU A CD     1 
ATOM   274  O OE1    . GLU A 1 34  ? -9.13670  -8.99630  -3.07155  1.000 48.50000 ? 34  GLU A OE1    1 
ATOM   275  O OE2    . GLU A 1 34  ? -11.05238 -9.59523  -3.96279  1.000 48.88000 ? 34  GLU A OE2    1 
ATOM   276  N N      . ALA A 1 35  ? -11.26590 -3.84771  -3.09361  1.000 38.36000 ? 35  ALA A N      1 
ATOM   277  C CA     . ALA A 1 35  ? -11.51029 -2.89126  -2.02388  1.000 36.04000 ? 35  ALA A CA     1 
ATOM   278  C C      . ALA A 1 35  ? -12.65748 -3.41177  -1.17342  1.000 34.36000 ? 35  ALA A C      1 
ATOM   279  O O      . ALA A 1 35  ? -13.43746 -4.26360  -1.60837  1.000 39.29000 ? 35  ALA A O      1 
ATOM   280  C CB     . ALA A 1 35  ? -11.82414 -1.49555  -2.57112  1.000 39.53000 ? 35  ALA A CB     1 
ATOM   281  N N      . PHE A 1 36  ? -12.75182 -2.88914  0.04557   1.000 35.91000 ? 36  PHE A N      1 
ATOM   282  C CA     . PHE A 1 36  ? -13.76379 -3.33102  1.00200   1.000 39.78000 ? 36  PHE A CA     1 
ATOM   283  C C      . PHE A 1 36  ? -14.31039 -2.10910  1.72541   1.000 40.56000 ? 36  PHE A C      1 
ATOM   284  O O      . PHE A 1 36  ? -13.61791 -1.51714  2.55964   1.000 43.22000 ? 36  PHE A O      1 
ATOM   285  C CB     . PHE A 1 36  ? -13.18082 -4.33924  1.99239   1.000 41.09000 ? 36  PHE A CB     1 
ATOM   286  C CG     . PHE A 1 36  ? -14.20663 -4.97197  2.88721   1.000 44.56000 ? 36  PHE A CG     1 
ATOM   287  C CD1    . PHE A 1 36  ? -15.12446 -5.87609  2.38183   1.000 45.61000 ? 36  PHE A CD1    1 
ATOM   288  C CD2    . PHE A 1 36  ? -14.24893 -4.66528  4.23634   1.000 46.35000 ? 36  PHE A CD2    1 
ATOM   289  C CE1    . PHE A 1 36  ? -16.06719 -6.46104  3.20441   1.000 45.81000 ? 36  PHE A CE1    1 
ATOM   290  C CE2    . PHE A 1 36  ? -15.18919 -5.24673  5.06489   1.000 49.59000 ? 36  PHE A CE2    1 
ATOM   291  C CZ     . PHE A 1 36  ? -16.09933 -6.14626  4.54779   1.000 46.41000 ? 36  PHE A CZ     1 
ATOM   292  N N      . VAL A 1 37  ? -15.54852 -1.73717  1.41165   1.000 41.96000 ? 37  VAL A N      1 
ATOM   293  C CA     . VAL A 1 37  ? -16.21254 -0.59013  2.01939   1.000 44.03000 ? 37  VAL A CA     1 
ATOM   294  C C      . VAL A 1 37  ? -17.61425 -1.01038  2.43563   1.000 48.58000 ? 37  VAL A C      1 
ATOM   295  O O      . VAL A 1 37  ? -18.35234 -1.60173  1.63990   1.000 50.94000 ? 37  VAL A O      1 
ATOM   296  C CB     . VAL A 1 37  ? -16.27758 0.61253   1.05998   1.000 41.44000 ? 37  VAL A CB     1 
ATOM   297  C CG1    . VAL A 1 37  ? -16.97708 1.78551   1.73108   1.000 45.36000 ? 37  VAL A CG1    1 
ATOM   298  C CG2    . VAL A 1 37  ? -14.88465 1.00210   0.60256   1.000 46.01000 ? 37  VAL A CG2    1 
ATOM   299  N N      . LYS A 1 38  ? -17.97816 -0.70008  3.67811   1.000 51.25000 ? 38  LYS A N      1 
ATOM   300  C CA     . LYS A 1 38  ? -19.30975 -0.99084  4.20419   1.000 49.61000 ? 38  LYS A CA     1 
ATOM   301  C C      . LYS A 1 38  ? -19.66672 -2.46390  4.01491   1.000 48.99000 ? 38  LYS A C      1 
ATOM   302  O O      . LYS A 1 38  ? -20.72127 -2.81559  3.47962   1.000 50.72000 ? 38  LYS A O      1 
ATOM   303  C CB     . LYS A 1 38  ? -20.35679 -0.07867  3.56395   1.000 53.52000 ? 38  LYS A CB     1 
ATOM   304  C CG     . LYS A 1 38  ? -20.18389 1.39256   3.91496   1.000 48.56000 ? 38  LYS A CG     1 
ATOM   305  C CD     . LYS A 1 38  ? -21.37352 1.92049   4.70177   1.000 53.16000 ? 38  LYS A CD     1 
ATOM   306  C CE     . LYS A 1 38  ? -21.32453 1.46859   6.15314   1.000 58.57000 ? 38  LYS A CE     1 
ATOM   307  N NZ     . LYS A 1 38  ? -22.13686 2.35035   7.03825   1.000 60.45000 ? 38  LYS A NZ     1 
ATOM   308  N N      . GLY A 1 39  ? -18.76279 -3.33354  4.46307   1.000 48.90000 ? 39  GLY A N      1 
ATOM   309  C CA     . GLY A 1 39  ? -19.03332 -4.75905  4.47948   1.000 45.52000 ? 39  GLY A CA     1 
ATOM   310  C C      . GLY A 1 39  ? -19.22712 -5.38829  3.12210   1.000 46.96000 ? 39  GLY A C      1 
ATOM   311  O O      . GLY A 1 39  ? -19.75992 -6.49746  3.03497   1.000 52.03000 ? 39  GLY A O      1 
ATOM   312  N N      . LYS A 1 40  ? -18.80522 -4.71466  2.05472   1.000 43.65000 ? 40  LYS A N      1 
ATOM   313  C CA     . LYS A 1 40  ? -18.94903 -5.22655  0.70057   1.000 45.05000 ? 40  LYS A CA     1 
ATOM   314  C C      . LYS A 1 40  ? -17.59880 -5.23567  0.00353   1.000 43.18000 ? 40  LYS A C      1 
ATOM   315  O O      . LYS A 1 40  ? -16.81113 -4.29483  0.13916   1.000 43.86000 ? 40  LYS A O      1 
ATOM   316  C CB     . LYS A 1 40  ? -19.94013 -4.38448  -0.11395  1.000 49.44000 ? 40  LYS A CB     1 
ATOM   317  C CG     . LYS A 1 40  ? -21.40164 -4.69198  0.16129   1.000 50.87000 ? 40  LYS A CG     1 
ATOM   318  C CD     . LYS A 1 40  ? -22.30139 -3.62476  -0.43912  1.000 53.00000 ? 40  LYS A CD     1 
ATOM   319  C CE     . LYS A 1 40  ? -22.02862 -3.44986  -1.92405  1.000 64.43000 ? 40  LYS A CE     1 
ATOM   320  N NZ     . LYS A 1 40  ? -21.75270 -2.03021  -2.28250  1.000 57.28000 ? 40  LYS A NZ     1 
ATOM   321  N N      . LEU A 1 41  ? -17.33882 -6.30695  -0.74110  1.000 47.38000 ? 41  LEU A N      1 
ATOM   322  C CA     . LEU A 1 41  ? -16.17185 -6.36867  -1.60650  1.000 43.56000 ? 41  LEU A CA     1 
ATOM   323  C C      . LEU A 1 41  ? -16.42169 -5.54455  -2.86193  1.000 43.73000 ? 41  LEU A C      1 
ATOM   324  O O      . LEU A 1 41  ? -17.51779 -5.56464  -3.42854  1.000 46.96000 ? 41  LEU A O      1 
ATOM   325  C CB     . LEU A 1 41  ? -15.85972 -7.81723  -1.98228  1.000 42.65000 ? 41  LEU A CB     1 
ATOM   326  C CG     . LEU A 1 41  ? -14.66810 -8.47200  -1.28354  1.000 37.69000 ? 41  LEU A CG     1 
ATOM   327  C CD1    . LEU A 1 41  ? -14.33520 -9.80441  -1.93640  1.000 36.12000 ? 41  LEU A CD1    1 
ATOM   328  C CD2    . LEU A 1 41  ? -13.46314 -7.54649  -1.30109  1.000 40.86000 ? 41  LEU A CD2    1 
ATOM   329  N N      . ILE A 1 42  ? -15.39748 -4.81555  -3.29531  1.000 42.29000 ? 42  ILE A N      1 
ATOM   330  C CA     . ILE A 1 42  ? -15.50294 -3.91171  -4.43329  1.000 40.07000 ? 42  ILE A CA     1 
ATOM   331  C C      . ILE A 1 42  ? -14.45029 -4.28929  -5.46395  1.000 44.26000 ? 42  ILE A C      1 
ATOM   332  O O      . ILE A 1 42  ? -13.30293 -4.58800  -5.11553  1.000 48.45000 ? 42  ILE A O      1 
ATOM   333  C CB     . ILE A 1 42  ? -15.34272 -2.43895  -4.00447  1.000 41.02000 ? 42  ILE A CB     1 
ATOM   334  C CG1    . ILE A 1 42  ? -16.63697 -1.92611  -3.37327  1.000 45.80000 ? 42  ILE A CG1    1 
ATOM   335  C CG2    . ILE A 1 42  ? -14.94563 -1.57885  -5.19293  1.000 44.84000 ? 42  ILE A CG2    1 
ATOM   336  C CD1    . ILE A 1 42  ? -16.44616 -0.71520  -2.48872  1.000 48.63000 ? 42  ILE A CD1    1 
ATOM   337  N N      . ASP A 1 43  ? -14.84804 -4.27434  -6.73637  1.000 45.96000 ? 43  ASP A N      1 
ATOM   338  C CA     . ASP A 1 43  ? -13.94218 -4.56127  -7.84670  1.000 44.29000 ? 43  ASP A CA     1 
ATOM   339  C C      . ASP A 1 43  ? -13.47637 -3.23138  -8.43130  1.000 46.88000 ? 43  ASP A C      1 
ATOM   340  O O      . ASP A 1 43  ? -14.02145 -2.71830  -9.40891  1.000 52.09000 ? 43  ASP A O      1 
ATOM   341  C CB     . ASP A 1 43  ? -14.63133 -5.43255  -8.89295  1.000 46.36000 ? 43  ASP A CB     1 
ATOM   342  C CG     . ASP A 1 43  ? -13.65289 -6.06070  -9.86631  1.000 53.33000 ? 43  ASP A CG     1 
ATOM   343  O OD1    . ASP A 1 43  ? -12.54528 -5.50681  -10.03868 1.000 53.33000 ? 43  ASP A OD1    1 
ATOM   344  O OD2    . ASP A 1 43  ? -13.99009 -7.10635  -10.45849 1.000 52.51000 ? 43  ASP A OD2    1 
ATOM   345  N N      . VAL A 1 44  ? -12.44133 -2.66525  -7.80570  1.000 45.17000 ? 44  VAL A N      1 
ATOM   346  C CA     . VAL A 1 44  ? -11.91640 -1.38038  -8.25892  1.000 45.29000 ? 44  VAL A CA     1 
ATOM   347  C C      . VAL A 1 44  ? -11.39391 -1.48271  -9.68516  1.000 47.41000 ? 44  VAL A C      1 
ATOM   348  O O      . VAL A 1 44  ? -11.49864 -0.52586  -10.46234 1.000 51.74000 ? 44  VAL A O      1 
ATOM   349  C CB     . VAL A 1 44  ? -10.82788 -0.87684  -7.29232  1.000 43.20000 ? 44  VAL A CB     1 
ATOM   350  C CG1    . VAL A 1 44  ? -10.53230 0.59350   -7.54948  1.000 45.04000 ? 44  VAL A CG1    1 
ATOM   351  C CG2    . VAL A 1 44  ? -11.25954 -1.09312  -5.85128  1.000 39.91000 ? 44  VAL A CG2    1 
ATOM   352  N N      . GLU A 1 45  ? -10.82263 -2.63154  -10.05400 1.000 47.04000 ? 45  GLU A N      1 
ATOM   353  C CA     . GLU A 1 45  ? -10.39272 -2.82660  -11.43400 1.000 49.35000 ? 45  GLU A CA     1 
ATOM   354  C C      . GLU A 1 45  ? -11.57540 -2.72266  -12.38838 1.000 53.13000 ? 45  GLU A C      1 
ATOM   355  O O      . GLU A 1 45  ? -11.52439 -1.99329  -13.38553 1.000 52.57000 ? 45  GLU A O      1 
ATOM   356  C CB     . GLU A 1 45  ? -9.69375  -4.17920  -11.58076 1.000 49.27000 ? 45  GLU A CB     1 
ATOM   357  C CG     . GLU A 1 45  ? -9.10184  -4.42294  -12.96082 1.000 48.71000 ? 45  GLU A CG     1 
ATOM   358  C CD     . GLU A 1 45  ? -8.50406  -5.80923  -13.10158 1.000 55.45000 ? 45  GLU A CD     1 
ATOM   359  O OE1    . GLU A 1 45  ? -8.62710  -6.60882  -12.14963 1.000 61.22000 ? 45  GLU A OE1    1 
ATOM   360  O OE2    . GLU A 1 45  ? -7.91386  -6.09919  -14.16331 1.000 59.29000 ? 45  GLU A OE2    1 
ATOM   361  N N      . LYS A 1 46  ? -12.65596 -3.44543  -12.09160 1.000 50.64000 ? 46  LYS A N      1 
ATOM   362  C CA     . LYS A 1 46  ? -13.85263 -3.37771  -12.92277 1.000 49.54000 ? 46  LYS A CA     1 
ATOM   363  C C      . LYS A 1 46  ? -14.55038 -2.03146  -12.76609 1.000 50.11000 ? 46  LYS A C      1 
ATOM   364  O O      . LYS A 1 46  ? -14.69969 -1.27631  -13.73399 1.000 57.15000 ? 46  LYS A O      1 
ATOM   365  C CB     . LYS A 1 46  ? -14.80116 -4.52395  -12.56759 1.000 56.47000 ? 46  LYS A CB     1 
ATOM   366  C CG     . LYS A 1 46  ? -16.01532 -4.63127  -13.47482 1.000 58.09000 ? 46  LYS A CG     1 
ATOM   367  C CD     . LYS A 1 46  ? -15.63668 -5.16976  -14.84429 1.000 61.67000 ? 46  LYS A CD     1 
ATOM   368  C CE     . LYS A 1 46  ? -16.85733 -5.68431  -15.58818 1.000 58.84000 ? 46  LYS A CE     1 
ATOM   369  N NZ     . LYS A 1 46  ? -17.17391 -7.09173  -15.22214 1.000 63.64000 ? 46  LYS A NZ     1 
ATOM   370  N N      . GLU A 1 47  ? -14.98566 -1.71453  -11.54429 1.000 50.04000 ? 47  GLU A N      1 
ATOM   371  C CA     . GLU A 1 47  ? -15.69048 -0.46091  -11.30502 1.000 49.91000 ? 47  GLU A CA     1 
ATOM   372  C C      . GLU A 1 47  ? -14.84505 0.75702   -11.65387 1.000 46.47000 ? 47  GLU A C      1 
ATOM   373  O O      . GLU A 1 47  ? -15.40263 1.82815   -11.91648 1.000 52.30000 ? 47  GLU A O      1 
ATOM   374  C CB     . GLU A 1 47  ? -16.13915 -0.38400  -9.84441  1.000 51.74000 ? 47  GLU A CB     1 
ATOM   375  C CG     . GLU A 1 47  ? -17.43338 0.38258   -9.63128  1.000 56.18000 ? 47  GLU A CG     1 
ATOM   376  C CD     . GLU A 1 47  ? -18.20244 -0.10214  -8.41876  1.000 68.44000 ? 47  GLU A CD     1 
ATOM   377  O OE1    . GLU A 1 47  ? -18.10780 -1.30392  -8.09550  1.000 69.13000 ? 47  GLU A OE1    1 
ATOM   378  O OE2    . GLU A 1 47  ? -18.90134 0.71968   -7.78760  1.000 73.08000 ? 47  GLU A OE2    1 
ATOM   379  N N      . GLY A 1 48  ? -13.52061 0.62103   -11.66213 1.000 46.21000 ? 48  GLY A N      1 
ATOM   380  C CA     . GLY A 1 48  ? -12.63346 1.70388   -12.01566 1.000 43.25000 ? 48  GLY A CA     1 
ATOM   381  C C      . GLY A 1 48  ? -12.26469 2.63319   -10.87830 1.000 44.97000 ? 48  GLY A C      1 
ATOM   382  O O      . GLY A 1 48  ? -11.21449 3.28073   -10.94547 1.000 46.59000 ? 48  GLY A O      1 
ATOM   383  N N      . LYS A 1 49  ? -13.09245 2.72187   -9.83918  1.000 45.40000 ? 49  LYS A N      1 
ATOM   384  C CA     . LYS A 1 49  ? -12.82061 3.59675   -8.71002  1.000 41.97000 ? 49  LYS A CA     1 
ATOM   385  C C      . LYS A 1 49  ? -13.24905 2.91274   -7.42065  1.000 43.15000 ? 49  LYS A C      1 
ATOM   386  O O      . LYS A 1 49  ? -13.94320 1.89235   -7.42804  1.000 44.66000 ? 49  LYS A O      1 
ATOM   387  C CB     . LYS A 1 49  ? -13.53800 4.94695   -8.85050  1.000 45.88000 ? 49  LYS A CB     1 
ATOM   388  C CG     . LYS A 1 49  ? -13.90325 5.32421   -10.27485 1.000 56.72000 ? 49  LYS A CG     1 
ATOM   389  C CD     . LYS A 1 49  ? -12.71561 5.92553   -11.00587 1.000 57.99000 ? 49  LYS A CD     1 
ATOM   390  C CE     . LYS A 1 49  ? -13.08804 6.32805   -12.42264 1.000 53.87000 ? 49  LYS A CE     1 
ATOM   391  N NZ     . LYS A 1 49  ? -12.03345 5.94493   -13.40199 1.000 59.79000 ? 49  LYS A NZ     1 
ATOM   392  N N      . VAL A 1 50  ? -12.82118 3.49500   -6.30237  1.000 47.65000 ? 50  VAL A N      1 
ATOM   393  C CA     . VAL A 1 50  ? -13.25587 3.08095   -4.97270  1.000 43.99000 ? 50  VAL A CA     1 
ATOM   394  C C      . VAL A 1 50  ? -13.53473 4.34528   -4.17253  1.000 41.21000 ? 50  VAL A C      1 
ATOM   395  O O      . VAL A 1 50  ? -12.64999 5.19546   -4.02094  1.000 44.88000 ? 50  VAL A O      1 
ATOM   396  C CB     . VAL A 1 50  ? -12.21478 2.20316   -4.25542  1.000 44.58000 ? 50  VAL A CB     1 
ATOM   397  C CG1    . VAL A 1 50  ? -10.92279 2.97264   -4.02964  1.000 41.99000 ? 50  VAL A CG1    1 
ATOM   398  C CG2    . VAL A 1 50  ? -12.77392 1.68915   -2.93613  1.000 41.80000 ? 50  VAL A CG2    1 
ATOM   399  N N      . VAL A 1 51  ? -14.75998 4.48053   -3.67564  1.000 41.13000 ? 51  VAL A N      1 
ATOM   400  C CA     . VAL A 1 51  ? -15.20075 5.67935   -2.97158  1.000 40.90000 ? 51  VAL A CA     1 
ATOM   401  C C      . VAL A 1 51  ? -15.30037 5.35434   -1.48948  1.000 39.18000 ? 51  VAL A C      1 
ATOM   402  O O      . VAL A 1 51  ? -16.07491 4.47657   -1.08786  1.000 44.05000 ? 51  VAL A O      1 
ATOM   403  C CB     . VAL A 1 51  ? -16.54110 6.19547   -3.51481  1.000 43.85000 ? 51  VAL A CB     1 
ATOM   404  C CG1    . VAL A 1 51  ? -17.08107 7.30425   -2.62494  1.000 42.48000 ? 51  VAL A CG1    1 
ATOM   405  C CG2    . VAL A 1 51  ? -16.37980 6.68207   -4.94741  1.000 39.76000 ? 51  VAL A CG2    1 
ATOM   406  N N      . ILE A 1 52  ? -14.51661 6.05786   -0.67917  1.000 40.04000 ? 52  ILE A N      1 
ATOM   407  C CA     . ILE A 1 52  ? -14.57486 5.91536   0.77207   1.000 40.15000 ? 52  ILE A CA     1 
ATOM   408  C C      . ILE A 1 52  ? -15.57176 6.93639   1.30736   1.000 40.23000 ? 52  ILE A C      1 
ATOM   409  O O      . ILE A 1 52  ? -15.26016 8.13456   1.36267   1.000 44.22000 ? 52  ILE A O      1 
ATOM   410  C CB     . ILE A 1 52  ? -13.18870 6.09395   1.41057   1.000 40.20000 ? 52  ILE A CB     1 
ATOM   411  C CG1    . ILE A 1 52  ? -12.13902 5.29859   0.63132   1.000 38.99000 ? 52  ILE A CG1    1 
ATOM   412  C CG2    . ILE A 1 52  ? -13.21296 5.66133   2.86776   1.000 39.01000 ? 52  ILE A CG2    1 
ATOM   413  C CD1    . ILE A 1 52  ? -10.73053 5.46299   1.16132   1.000 37.10000 ? 52  ILE A CD1    1 
ATOM   414  N N      . PRO A 1 53  ? -16.77083 6.51792   1.69901   1.000 39.74000 ? 53  PRO A N      1 
ATOM   415  C CA     . PRO A 1 53  ? -17.78110 7.47357   2.16379   1.000 40.74000 ? 53  PRO A CA     1 
ATOM   416  C C      . PRO A 1 53  ? -17.28177 8.25137   3.36624   1.000 41.68000 ? 53  PRO A C      1 
ATOM   417  O O      . PRO A 1 53  ? -16.34770 7.81543   4.05661   1.000 42.18000 ? 53  PRO A O      1 
ATOM   418  C CB     . PRO A 1 53  ? -18.97412 6.57891   2.53442   1.000 39.98000 ? 53  PRO A CB     1 
ATOM   419  C CG     . PRO A 1 53  ? -18.75057 5.30731   1.78221   1.000 43.67000 ? 53  PRO A CG     1 
ATOM   420  C CD     . PRO A 1 53  ? -17.26589 5.13115   1.71457   1.000 40.22000 ? 53  PRO A CD     1 
ATOM   421  N N      . PRO A 1 54  ? -17.87420 9.40997   3.64868   1.000 43.41000 ? 54  PRO A N      1 
ATOM   422  C CA     . PRO A 1 54  ? -17.43078 10.20010  4.80234   1.000 46.12000 ? 54  PRO A CA     1 
ATOM   423  C C      . PRO A 1 54  ? -17.53785 9.40453   6.09515   1.000 44.58000 ? 54  PRO A C      1 
ATOM   424  O O      . PRO A 1 54  ? -18.50795 8.68025   6.32389   1.000 47.45000 ? 54  PRO A O      1 
ATOM   425  C CB     . PRO A 1 54  ? -18.38335 11.40156  4.79813   1.000 45.11000 ? 54  PRO A CB     1 
ATOM   426  C CG     . PRO A 1 54  ? -18.87233 11.49373  3.39003   1.000 42.75000 ? 54  PRO A CG     1 
ATOM   427  C CD     . PRO A 1 54  ? -18.94398 10.08143  2.89217   1.000 41.60000 ? 54  PRO A CD     1 
ATOM   428  N N      . ARG A 1 55  ? -16.51808 9.54575   6.94225   1.000 41.89000 ? 55  ARG A N      1 
ATOM   429  C CA     . ARG A 1 55  ? -16.47992 8.88299   8.24374   1.000 40.38000 ? 55  ARG A CA     1 
ATOM   430  C C      . ARG A 1 55  ? -16.55236 7.36508   8.11000   1.000 42.04000 ? 55  ARG A C      1 
ATOM   431  O O      . ARG A 1 55  ? -17.07091 6.67695   8.99270   1.000 51.42000 ? 55  ARG A O      1 
ATOM   432  C CB     . ARG A 1 55  ? -17.59947 9.39236   9.15616   1.000 43.88000 ? 55  ARG A CB     1 
ATOM   433  C CG     . ARG A 1 55  ? -17.40626 10.82375  9.62122   1.000 44.49000 ? 55  ARG A CG     1 
ATOM   434  C CD     . ARG A 1 55  ? -16.51539 10.89000  10.85169  1.000 51.40000 ? 55  ARG A CD     1 
ATOM   435  N NE     . ARG A 1 55  ? -15.61512 12.03547  10.81375  1.000 51.90000 ? 55  ARG A NE     1 
ATOM   436  C CZ     . ARG A 1 55  ? -16.01041 13.30024  10.77306  1.000 52.21000 ? 55  ARG A CZ     1 
ATOM   437  N NH1    . ARG A 1 55  ? -17.29393 13.62402  10.76964  1.000 51.47000 ? 55  ARG A NH1    1 
ATOM   438  N NH2    . ARG A 1 55  ? -15.09628 14.26551  10.73503  1.000 55.40000 ? 55  ARG A NH2    1 
ATOM   439  N N      . GLU A 1 56  ? -16.03564 6.83293   7.00630   1.000 39.36000 ? 56  GLU A N      1 
ATOM   440  C CA     . GLU A 1 56  ? -15.97239 5.39677   6.78654   1.000 42.38000 ? 56  GLU A CA     1 
ATOM   441  C C      . GLU A 1 56  ? -14.55802 5.01291   6.37878   1.000 41.13000 ? 56  GLU A C      1 
ATOM   442  O O      . GLU A 1 56  ? -13.81698 5.81976   5.81074   1.000 41.95000 ? 56  GLU A O      1 
ATOM   443  C CB     . GLU A 1 56  ? -16.96844 4.94195   5.70980   1.000 44.66000 ? 56  GLU A CB     1 
ATOM   444  C CG     . GLU A 1 56  ? -18.37038 4.66657   6.23159   1.000 50.84000 ? 56  GLU A CG     1 
ATOM   445  C CD     . GLU A 1 56  ? -18.40741 3.53788   7.24428   1.000 56.49000 ? 56  GLU A CD     1 
ATOM   446  O OE1    . GLU A 1 56  ? -17.62290 2.57708   7.09760   1.000 55.62000 ? 56  GLU A OE1    1 
ATOM   447  O OE2    . GLU A 1 56  ? -19.22399 3.61136   8.18712   1.000 58.23000 ? 56  GLU A OE2    1 
ATOM   448  N N      . TYR A 1 57  ? -14.18692 3.77327   6.68132   1.000 40.15000 ? 57  TYR A N      1 
ATOM   449  C CA     . TYR A 1 57  ? -12.88425 3.23813   6.32298   1.000 37.18000 ? 57  TYR A CA     1 
ATOM   450  C C      . TYR A 1 57  ? -13.03682 2.18816   5.23168   1.000 41.56000 ? 57  TYR A C      1 
ATOM   451  O O      . TYR A 1 57  ? -14.08819 1.55512   5.09618   1.000 46.62000 ? 57  TYR A O      1 
ATOM   452  C CB     . TYR A 1 57  ? -12.17651 2.63638   7.54243   1.000 33.99000 ? 57  TYR A CB     1 
ATOM   453  C CG     . TYR A 1 57  ? -12.61510 1.23233   7.89315   1.000 33.03000 ? 57  TYR A CG     1 
ATOM   454  C CD1    . TYR A 1 57  ? -13.71575 1.01197   8.71017   1.000 35.60000 ? 57  TYR A CD1    1 
ATOM   455  C CD2    . TYR A 1 57  ? -11.92249 0.12776   7.41544   1.000 34.13000 ? 57  TYR A CD2    1 
ATOM   456  C CE1    . TYR A 1 57  ? -14.11779 -0.26930  9.03635   1.000 33.58000 ? 57  TYR A CE1    1 
ATOM   457  C CE2    . TYR A 1 57  ? -12.31750 -1.15682  7.73581   1.000 34.52000 ? 57  TYR A CE2    1 
ATOM   458  C CZ     . TYR A 1 57  ? -13.41533 -1.34917  8.54581   1.000 34.17000 ? 57  TYR A CZ     1 
ATOM   459  O OH     . TYR A 1 57  ? -13.81063 -2.62649  8.86824   1.000 38.68000 ? 57  TYR A OH     1 
ATOM   460  N N      . ALA A 1 58  ? -11.97247 2.01103   4.45169   1.000 41.76000 ? 58  ALA A N      1 
ATOM   461  C CA     . ALA A 1 58  ? -11.97883 1.08504   3.32898   1.000 35.86000 ? 58  ALA A CA     1 
ATOM   462  C C      . ALA A 1 58  ? -10.69350 0.27528   3.33025   1.000 34.35000 ? 58  ALA A C      1 
ATOM   463  O O      . ALA A 1 58  ? -9.60605  0.83226   3.50381   1.000 35.06000 ? 58  ALA A O      1 
ATOM   464  C CB     . ALA A 1 58  ? -12.12811 1.83135   1.99721   1.000 36.82000 ? 58  ALA A CB     1 
ATOM   465  N N      . LEU A 1 59  ? -10.82307 -1.03639  3.14494   1.000 35.84000 ? 59  LEU A N      1 
ATOM   466  C CA     . LEU A 1 59  ? -9.67611  -1.91737  2.96524   1.000 33.80000 ? 59  LEU A CA     1 
ATOM   467  C C      . LEU A 1 59  ? -9.36850  -1.98505  1.47381   1.000 34.93000 ? 59  LEU A C      1 
ATOM   468  O O      . LEU A 1 59  ? -10.16371 -2.51707  0.69263   1.000 39.26000 ? 59  LEU A O      1 
ATOM   469  C CB     . LEU A 1 59  ? -9.95953  -3.30343  3.53825   1.000 36.84000 ? 59  LEU A CB     1 
ATOM   470  C CG     . LEU A 1 59  ? -10.18881 -3.37192  5.04805   1.000 35.50000 ? 59  LEU A CG     1 
ATOM   471  C CD1    . LEU A 1 59  ? -10.18683 -4.81494  5.52667   1.000 35.70000 ? 59  LEU A CD1    1 
ATOM   472  C CD2    . LEU A 1 59  ? -9.13901  -2.55707  5.78535   1.000 34.74000 ? 59  LEU A CD2    1 
ATOM   473  N N      . ILE A 1 60  ? -8.22216  -1.44139  1.07742   1.000 31.52000 ? 60  ILE A N      1 
ATOM   474  C CA     . ILE A 1 60  ? -7.85099  -1.30753  -0.32542  1.000 31.96000 ? 60  ILE A CA     1 
ATOM   475  C C      . ILE A 1 60  ? -6.67314  -2.22523  -0.61316  1.000 37.36000 ? 60  ILE A C      1 
ATOM   476  O O      . ILE A 1 60  ? -5.68192  -2.22744  0.12703   1.000 39.71000 ? 60  ILE A O      1 
ATOM   477  C CB     . ILE A 1 60  ? -7.50906  0.15001   -0.67902  1.000 31.80000 ? 60  ILE A CB     1 
ATOM   478  C CG1    . ILE A 1 60  ? -8.71338  1.05621   -0.42001  1.000 32.50000 ? 60  ILE A CG1    1 
ATOM   479  C CG2    . ILE A 1 60  ? -7.05822  0.25286   -2.12748  1.000 33.11000 ? 60  ILE A CG2    1 
ATOM   480  C CD1    . ILE A 1 60  ? -8.40101  2.53218   -0.52287  1.000 28.36000 ? 60  ILE A CD1    1 
ATOM   481  N N      . LEU A 1 61  ? -6.78152  -3.00060  -1.68899  1.000 37.91000 ? 61  LEU A N      1 
ATOM   482  C CA     . LEU A 1 61  ? -5.69355  -3.85146  -2.14706  1.000 35.34000 ? 61  LEU A CA     1 
ATOM   483  C C      . LEU A 1 61  ? -4.77195  -3.04636  -3.05205  1.000 36.72000 ? 61  LEU A C      1 
ATOM   484  O O      . LEU A 1 61  ? -5.23502  -2.36296  -3.97020  1.000 41.98000 ? 61  LEU A O      1 
ATOM   485  C CB     . LEU A 1 61  ? -6.23671  -5.07223  -2.89127  1.000 37.58000 ? 61  LEU A CB     1 
ATOM   486  C CG     . LEU A 1 61  ? -5.20968  -6.12834  -3.30077  1.000 37.01000 ? 61  LEU A CG     1 
ATOM   487  C CD1    . LEU A 1 61  ? -4.55982  -6.75258  -2.07427  1.000 40.12000 ? 61  LEU A CD1    1 
ATOM   488  C CD2    . LEU A 1 61  ? -5.85365  -7.19531  -4.17320  1.000 40.69000 ? 61  LEU A CD2    1 
ATOM   489  N N      . THR A 1 62  ? -3.47092  -3.12450  -2.78931  1.000 36.19000 ? 62  THR A N      1 
ATOM   490  C CA     . THR A 1 62  ? -2.50919  -2.38113  -3.59065  1.000 36.79000 ? 62  THR A CA     1 
ATOM   491  C C      . THR A 1 62  ? -2.35817  -3.01519  -4.96689  1.000 38.80000 ? 62  THR A C      1 
ATOM   492  O O      . THR A 1 62  ? -2.36209  -4.24072  -5.11047  1.000 40.98000 ? 62  THR A O      1 
ATOM   493  C CB     . THR A 1 62  ? -1.15140  -2.33023  -2.88979  1.000 34.63000 ? 62  THR A CB     1 
ATOM   494  O OG1    . THR A 1 62  ? -0.68398  -3.66359  -2.65086  1.000 39.71000 ? 62  THR A OG1    1 
ATOM   495  C CG2    . THR A 1 62  ? -1.26178  -1.58963  -1.56573  1.000 33.89000 ? 62  THR A CG2    1 
ATOM   496  N N      . LEU A 1 63  ? -2.22975  -2.16517  -5.98891  1.000 40.56000 ? 63  LEU A N      1 
ATOM   497  C CA     . LEU A 1 63  ? -1.98437  -2.66864  -7.33389  1.000 40.00000 ? 63  LEU A CA     1 
ATOM   498  C C      . LEU A 1 63  ? -0.63822  -3.37423  -7.42654  1.000 42.62000 ? 63  LEU A C      1 
ATOM   499  O O      . LEU A 1 63  ? -0.49541  -4.34216  -8.18076  1.000 43.86000 ? 63  LEU A O      1 
ATOM   500  C CB     . LEU A 1 63  ? -2.05311  -1.52484  -8.34568  1.000 41.49000 ? 63  LEU A CB     1 
ATOM   501  C CG     . LEU A 1 63  ? -1.68012  -1.87660  -9.78737  1.000 38.19000 ? 63  LEU A CG     1 
ATOM   502  C CD1    . LEU A 1 63  ? -2.75440  -2.74535  -10.42560 1.000 40.61000 ? 63  LEU A CD1    1 
ATOM   503  C CD2    . LEU A 1 63  ? -1.44725  -0.61527  -10.60559 1.000 40.41000 ? 63  LEU A CD2    1 
ATOM   504  N N      . GLU A 1 64  ? 0.35057   -2.91332  -6.67073  1.000 41.95000 ? 64  GLU A N      1 
ATOM   505  C CA     . GLU A 1 64  ? 1.68448   -3.49131  -6.71122  1.000 39.71000 ? 64  GLU A CA     1 
ATOM   506  C C      . GLU A 1 64  ? 1.77502   -4.69486  -5.78539  1.000 41.07000 ? 64  GLU A C      1 
ATOM   507  O O      . GLU A 1 64  ? 1.23989   -4.68124  -4.67253  1.000 41.26000 ? 64  GLU A O      1 
ATOM   508  C CB     . GLU A 1 64  ? 2.73689   -2.45436  -6.31128  1.000 40.30000 ? 64  GLU A CB     1 
ATOM   509  C CG     . GLU A 1 64  ? 2.95505   -1.35292  -7.33324  1.000 44.68000 ? 64  GLU A CG     1 
ATOM   510  C CD     . GLU A 1 64  ? 1.99222   -0.19601  -7.15868  1.000 43.38000 ? 64  GLU A CD     1 
ATOM   511  O OE1    . GLU A 1 64  ? 1.08395   -0.29827  -6.30562  1.000 42.97000 ? 64  GLU A OE1    1 
ATOM   512  O OE2    . GLU A 1 64  ? 2.14288   0.81656   -7.87367  1.000 44.97000 ? 64  GLU A OE2    1 
ATOM   513  N N      . ARG A 1 65  ? 2.45578   -5.73694  -6.25430  1.000 45.77000 ? 65  ARG A N      1 
ATOM   514  C CA     . ARG A 1 65  ? 2.82089   -6.87125  -5.41314  1.000 44.14000 ? 65  ARG A CA     1 
ATOM   515  C C      . ARG A 1 65  ? 4.22493   -6.61606  -4.87792  1.000 44.84000 ? 65  ARG A C      1 
ATOM   516  O O      . ARG A 1 65  ? 5.20295   -6.67329  -5.62881  1.000 47.86000 ? 65  ARG A O      1 
ATOM   517  C CB     . ARG A 1 65  ? 2.75350   -8.18124  -6.19310  1.000 43.60000 ? 65  ARG A CB     1 
ATOM   518  C CG     . ARG A 1 65  ? 2.86088   -9.41899  -5.31626  1.000 42.27000 ? 65  ARG A CG     1 
ATOM   519  C CD     . ARG A 1 65  ? 3.24866   -10.64404 -6.12506  1.000 47.57000 ? 65  ARG A CD     1 
ATOM   520  N NE     . ARG A 1 65  ? 4.58623   -11.11521 -5.78761  1.000 47.35000 ? 65  ARG A NE     1 
ATOM   521  C CZ     . ARG A 1 65  ? 5.60050   -11.16157 -6.64013  1.000 51.46000 ? 65  ARG A CZ     1 
ATOM   522  N NH1    . ARG A 1 65  ? 5.46357   -10.77340 -7.89829  1.000 54.40000 ? 65  ARG A NH1    1 
ATOM   523  N NH2    . ARG A 1 65  ? 6.78043   -11.60865 -6.22224  1.000 49.99000 ? 65  ARG A NH2    1 
ATOM   524  N N      . ILE A 1 66  ? 4.32260   -6.32575  -3.58455  1.000 45.74000 ? 66  ILE A N      1 
ATOM   525  C CA     . ILE A 1 66  ? 5.57638   -5.92529  -2.95737  1.000 40.41000 ? 66  ILE A CA     1 
ATOM   526  C C      . ILE A 1 66  ? 6.24048   -7.14959  -2.34665  1.000 39.98000 ? 66  ILE A C      1 
ATOM   527  O O      . ILE A 1 66  ? 5.62322   -7.87056  -1.55135  1.000 45.09000 ? 66  ILE A O      1 
ATOM   528  C CB     . ILE A 1 66  ? 5.34297   -4.83894  -1.89376  1.000 37.98000 ? 66  ILE A CB     1 
ATOM   529  C CG1    . ILE A 1 66  ? 4.69481   -3.60611  -2.52741  1.000 43.49000 ? 66  ILE A CG1    1 
ATOM   530  C CG2    . ILE A 1 66  ? 6.65062   -4.47079  -1.21076  1.000 38.87000 ? 66  ILE A CG2    1 
ATOM   531  C CD1    . ILE A 1 66  ? 5.57715   -2.90275  -3.53572  1.000 46.17000 ? 66  ILE A CD1    1 
ATOM   532  N N      . LYS A 1 67  ? 7.49635   -7.38527  -2.71850  1.000 38.27000 ? 67  LYS A N      1 
ATOM   533  C CA     . LYS A 1 67  ? 8.31046   -8.45033  -2.14351  1.000 36.26000 ? 67  LYS A CA     1 
ATOM   534  C C      . LYS A 1 67  ? 9.51254   -7.80249  -1.46836  1.000 38.09000 ? 67  LYS A C      1 
ATOM   535  O O      . LYS A 1 67  ? 10.35716  -7.19690  -2.13810  1.000 38.69000 ? 67  LYS A O      1 
ATOM   536  C CB     . LYS A 1 67  ? 8.74952   -9.45466  -3.20712  1.000 38.72000 ? 67  LYS A CB     1 
ATOM   537  C CG     . LYS A 1 67  ? 9.70970   -10.51463 -2.68740  1.000 42.87000 ? 67  LYS A CG     1 
ATOM   538  C CD     . LYS A 1 67  ? 9.18103   -11.91888 -2.92994  1.000 47.79000 ? 67  LYS A CD     1 
ATOM   539  C CE     . LYS A 1 67  ? 9.96909   -12.94703 -2.13235  1.000 47.88000 ? 67  LYS A CE     1 
ATOM   540  N NZ     . LYS A 1 67  ? 11.43880  -12.73501 -2.24878  1.000 54.30000 ? 67  LYS A NZ     1 
ATOM   541  N N      . LEU A 1 68  ? 9.58751   -7.92633  -0.14869  1.000 41.71000 ? 68  LEU A N      1 
ATOM   542  C CA     . LEU A 1 68  ? 10.65906  -7.33021  0.63310   1.000 36.52000 ? 68  LEU A CA     1 
ATOM   543  C C      . LEU A 1 68  ? 11.75632  -8.34850  0.90676   1.000 36.48000 ? 68  LEU A C      1 
ATOM   544  O O      . LEU A 1 68  ? 11.46554  -9.49749  1.25475   1.000 38.62000 ? 68  LEU A O      1 
ATOM   545  C CB     . LEU A 1 68  ? 10.12570  -6.79886  1.96436   1.000 37.47000 ? 68  LEU A CB     1 
ATOM   546  C CG     . LEU A 1 68  ? 9.96753   -5.28385  2.10140   1.000 33.15000 ? 68  LEU A CG     1 
ATOM   547  C CD1    . LEU A 1 68  ? 9.14848   -4.72437  0.95171   1.000 39.86000 ? 68  LEU A CD1    1 
ATOM   548  C CD2    . LEU A 1 68  ? 9.33175   -4.93400  3.43838   1.000 36.42000 ? 68  LEU A CD2    1 
ATOM   549  N N      . PRO A 1 69  ? 13.02216  -7.96805  0.74954   1.000 36.94000 ? 69  PRO A N      1 
ATOM   550  C CA     . PRO A 1 69  ? 14.10935  -8.85406  1.17517   1.000 38.26000 ? 69  PRO A CA     1 
ATOM   551  C C      . PRO A 1 69  ? 14.08222  -9.05207  2.68309   1.000 39.91000 ? 69  PRO A C      1 
ATOM   552  O O      . PRO A 1 69  ? 13.44681  -8.30250  3.42665   1.000 42.13000 ? 69  PRO A O      1 
ATOM   553  C CB     . PRO A 1 69  ? 15.37636  -8.11475  0.72579   1.000 40.69000 ? 69  PRO A CB     1 
ATOM   554  C CG     . PRO A 1 69  ? 14.95672  -6.69009  0.56166   1.000 39.82000 ? 69  PRO A CG     1 
ATOM   555  C CD     . PRO A 1 69  ? 13.52058  -6.72449  0.13630   1.000 38.94000 ? 69  PRO A CD     1 
ATOM   556  N N      . ASP A 1 70  ? 14.79110  -10.08802 3.13408   1.000 39.89000 ? 70  ASP A N      1 
ATOM   557  C CA     . ASP A 1 70  ? 14.78988  -10.43455 4.54994   1.000 34.65000 ? 70  ASP A CA     1 
ATOM   558  C C      . ASP A 1 70  ? 15.42076  -9.36242  5.42909   1.000 36.68000 ? 70  ASP A C      1 
ATOM   559  O O      . ASP A 1 70  ? 15.32202  -9.46177  6.65667   1.000 40.41000 ? 70  ASP A O      1 
ATOM   560  C CB     . ASP A 1 70  ? 15.51264  -11.76469 4.76416   1.000 38.46000 ? 70  ASP A CB     1 
ATOM   561  C CG     . ASP A 1 70  ? 14.93329  -12.88523 3.92394   1.000 47.79000 ? 70  ASP A CG     1 
ATOM   562  O OD1    . ASP A 1 70  ? 13.73913  -12.80502 3.56644   1.000 46.85000 ? 70  ASP A OD1    1 
ATOM   563  O OD2    . ASP A 1 70  ? 15.67226  -13.84548 3.61996   1.000 56.81000 ? 70  ASP A OD2    1 
ATOM   564  N N      . ASP A 1 71  ? 16.05682  -8.34823  4.84311   1.000 36.35000 ? 71  ASP A N      1 
ATOM   565  C CA     . ASP A 1 71  ? 16.74470  -7.31190  5.60393   1.000 36.41000 ? 71  ASP A CA     1 
ATOM   566  C C      . ASP A 1 71  ? 16.18890  -5.92265  5.30189   1.000 37.44000 ? 71  ASP A C      1 
ATOM   567  O O      . ASP A 1 71  ? 16.89305  -4.92114  5.44610   1.000 39.27000 ? 71  ASP A O      1 
ATOM   568  C CB     . ASP A 1 71  ? 18.24807  -7.35436  5.33347   1.000 41.24000 ? 71  ASP A CB     1 
ATOM   569  C CG     . ASP A 1 71  ? 18.60668  -6.83265  3.95519   1.000 45.83000 ? 71  ASP A CG     1 
ATOM   570  O OD1    . ASP A 1 71  ? 17.76871  -6.94873  3.03623   1.000 46.17000 ? 71  ASP A OD1    1 
ATOM   571  O OD2    . ASP A 1 71  ? 19.72785  -6.30551  3.79207   1.000 50.05000 ? 71  ASP A OD2    1 
ATOM   572  N N      . VAL A 1 72  ? 14.92748  -5.84570  4.88680   1.000 36.38000 ? 72  VAL A N      1 
ATOM   573  C CA     . VAL A 1 72  ? 14.28656  -4.57647  4.56174   1.000 37.67000 ? 72  VAL A CA     1 
ATOM   574  C C      . VAL A 1 72  ? 12.89620  -4.56220  5.17823   1.000 37.17000 ? 72  VAL A C      1 
ATOM   575  O O      . VAL A 1 72  ? 12.14806  -5.53857  5.06018   1.000 37.12000 ? 72  VAL A O      1 
ATOM   576  C CB     . VAL A 1 72  ? 14.20637  -4.34251  3.04081   1.000 42.38000 ? 72  VAL A CB     1 
ATOM   577  C CG1    . VAL A 1 72  ? 13.22623  -3.22094  2.72889   1.000 39.12000 ? 72  VAL A CG1    1 
ATOM   578  C CG2    . VAL A 1 72  ? 15.58391  -4.02549  2.48009   1.000 40.29000 ? 72  VAL A CG2    1 
ATOM   579  N N      . MET A 1 73  ? 12.55116  -3.45667  5.83356   1.000 35.88000 ? 73  MET A N      1 
ATOM   580  C CA     . MET A 1 73  ? 11.25454  -3.27860  6.46716   1.000 32.79000 ? 73  MET A CA     1 
ATOM   581  C C      . MET A 1 73  ? 10.45165  -2.22991  5.71017   1.000 32.35000 ? 73  MET A C      1 
ATOM   582  O O      . MET A 1 73  ? 10.98052  -1.17659  5.34024   1.000 33.06000 ? 73  MET A O      1 
ATOM   583  C CB     . MET A 1 73  ? 11.41218  -2.85964  7.93263   1.000 37.12000 ? 73  MET A CB     1 
ATOM   584  C CG     . MET A 1 73  ? 10.11199  -2.46360  8.61526   1.000 35.24000 ? 73  MET A CG     1 
ATOM   585  S SD     . MET A 1 73  ? 9.14134   -3.88242  9.15577   1.000 38.80000 ? 73  MET A SD     1 
ATOM   586  C CE     . MET A 1 73  ? 9.40405   -3.81816  10.92378  1.000 33.64000 ? 73  MET A CE     1 
ATOM   587  N N      . GLY A 1 74  ? 9.17518   -2.52445  5.47935   1.000 32.42000 ? 74  GLY A N      1 
ATOM   588  C CA     . GLY A 1 74  ? 8.30361   -1.59986  4.78250   1.000 33.58000 ? 74  GLY A CA     1 
ATOM   589  C C      . GLY A 1 74  ? 7.62281   -0.61446  5.70873   1.000 34.09000 ? 74  GLY A C      1 
ATOM   590  O O      . GLY A 1 74  ? 6.87830   -1.01108  6.61101   1.000 34.39000 ? 74  GLY A O      1 
ATOM   591  N N      . ASP A 1 75  ? 7.87279   0.67604   5.49818   1.000 31.36000 ? 75  ASP A N      1 
ATOM   592  C CA     . ASP A 1 75  ? 7.28833   1.74405   6.30222   1.000 32.42000 ? 75  ASP A CA     1 
ATOM   593  C C      . ASP A 1 75  ? 6.34621   2.54389   5.41224   1.000 33.27000 ? 75  ASP A C      1 
ATOM   594  O O      . ASP A 1 75  ? 6.79584   3.28589   4.53157   1.000 34.30000 ? 75  ASP A O      1 
ATOM   595  C CB     . ASP A 1 75  ? 8.37532   2.63422   6.90074   1.000 31.55000 ? 75  ASP A CB     1 
ATOM   596  C CG     . ASP A 1 75  ? 7.89475   3.39778   8.11795   1.000 34.57000 ? 75  ASP A CG     1 
ATOM   597  O OD1    . ASP A 1 75  ? 6.66836   3.59148   8.25304   1.000 36.57000 ? 75  ASP A OD1    1 
ATOM   598  O OD2    . ASP A 1 75  ? 8.74314   3.80394   8.93972   1.000 37.94000 ? 75  ASP A OD2    1 
ATOM   599  N N      . MET A 1 76  ? 5.04589   2.39716   5.64410   1.000 30.57000 ? 76  MET A N      1 
ATOM   600  C CA     . MET A 1 76  ? 4.02675   2.99569   4.79530   1.000 28.03000 ? 76  MET A CA     1 
ATOM   601  C C      . MET A 1 76  ? 3.42588   4.22815   5.45605   1.000 29.65000 ? 76  MET A C      1 
ATOM   602  O O      . MET A 1 76  ? 3.20488   4.25322   6.66998   1.000 32.63000 ? 76  MET A O      1 
ATOM   603  C CB     . MET A 1 76  ? 2.92078   1.98708   4.48266   1.000 31.79000 ? 76  MET A CB     1 
ATOM   604  C CG     . MET A 1 76  ? 3.18189   1.14311   3.25063   1.000 31.28000 ? 76  MET A CG     1 
ATOM   605  S SD     . MET A 1 76  ? 1.90111   -0.09447  2.99547   1.000 37.99000 ? 76  MET A SD     1 
ATOM   606  C CE     . MET A 1 76  ? 1.57165   -0.59003  4.68317   1.000 33.55000 ? 76  MET A CE     1 
ATOM   607  N N      . LYS A 1 77  ? 3.16349   5.24845   4.64304   1.000 31.18000 ? 77  LYS A N      1 
ATOM   608  C CA     . LYS A 1 77  ? 2.47587   6.45159   5.08338   1.000 28.98000 ? 77  LYS A CA     1 
ATOM   609  C C      . LYS A 1 77  ? 1.52050   6.89548   3.98741   1.000 30.47000 ? 77  LYS A C      1 
ATOM   610  O O      . LYS A 1 77  ? 1.79278   6.71782   2.79637   1.000 34.58000 ? 77  LYS A O      1 
ATOM   611  C CB     . LYS A 1 77  ? 3.45742   7.58434   5.41556   1.000 29.75000 ? 77  LYS A CB     1 
ATOM   612  C CG     . LYS A 1 77  ? 4.03950   7.51407   6.81634   1.000 27.78000 ? 77  LYS A CG     1 
ATOM   613  C CD     . LYS A 1 77  ? 4.80440   8.78275   7.15831   1.000 31.50000 ? 77  LYS A CD     1 
ATOM   614  C CE     . LYS A 1 77  ? 5.37397   8.72168   8.56471   1.000 31.00000 ? 77  LYS A CE     1 
ATOM   615  N NZ     . LYS A 1 77  ? 6.32421   7.58667   8.72762   1.000 36.29000 ? 77  LYS A NZ     1 
ATOM   616  N N      . ILE A 1 78  ? 0.38933   7.46952   4.40062   1.000 31.23000 ? 78  ILE A N      1 
ATOM   617  C CA     . ILE A 1 78  ? -0.58023  7.95385   3.42958   1.000 30.41000 ? 78  ILE A CA     1 
ATOM   618  C C      . ILE A 1 78  ? 0.06564   9.01559   2.54794   1.000 34.57000 ? 78  ILE A C      1 
ATOM   619  O O      . ILE A 1 78  ? 0.95930   9.75793   2.97626   1.000 38.55000 ? 78  ILE A O      1 
ATOM   620  C CB     . ILE A 1 78  ? -1.82790  8.51573   4.13187   1.000 33.20000 ? 78  ILE A CB     1 
ATOM   621  C CG1    . ILE A 1 78  ? -3.06114  8.35134   3.24148   1.000 32.17000 ? 78  ILE A CG1    1 
ATOM   622  C CG2    . ILE A 1 78  ? -1.62204  9.98049   4.48699   1.000 30.71000 ? 78  ILE A CG2    1 
ATOM   623  C CD1    . ILE A 1 78  ? -3.36461  6.91473   2.88230   1.000 36.69000 ? 78  ILE A CD1    1 
ATOM   624  N N      . ARG A 1 79  ? -0.38257  9.08274   1.29720   1.000 34.83000 ? 79  ARG A N      1 
ATOM   625  C CA     . ARG A 1 79  ? 0.03935   10.16497  0.42132   1.000 36.08000 ? 79  ARG A CA     1 
ATOM   626  C C      . ARG A 1 79  ? -0.49492  11.48507  0.96029   1.000 41.06000 ? 79  ARG A C      1 
ATOM   627  O O      . ARG A 1 79  ? -1.66390  11.58012  1.34943   1.000 43.42000 ? 79  ARG A O      1 
ATOM   628  C CB     . ARG A 1 79  ? -0.45783  9.92529   -1.00378  1.000 41.95000 ? 79  ARG A CB     1 
ATOM   629  C CG     . ARG A 1 79  ? 0.64332   9.93366   -2.05050  1.000 44.70000 ? 79  ARG A CG     1 
ATOM   630  C CD     . ARG A 1 79  ? 0.11700   9.50917   -3.41160  1.000 44.67000 ? 79  ARG A CD     1 
ATOM   631  N NE     . ARG A 1 79  ? -0.67125  10.56020  -4.04376  1.000 47.64000 ? 79  ARG A NE     1 
ATOM   632  C CZ     . ARG A 1 79  ? -0.17180  11.49912  -4.83551  1.000 52.99000 ? 79  ARG A CZ     1 
ATOM   633  N NH1    . ARG A 1 79  ? 1.12132   11.55270  -5.11445  1.000 54.95000 ? 79  ARG A NH1    1 
ATOM   634  N NH2    . ARG A 1 79  ? -0.98792  12.40686  -5.36190  1.000 52.72000 ? 79  ARG A NH2    1 
ATOM   635  N N      . SER A 1 80  ? 0.36709   12.50396  0.99450   1.000 42.44000 ? 80  SER A N      1 
ATOM   636  C CA     . SER A 1 80  ? -0.02621  13.78519  1.57216   1.000 39.87000 ? 80  SER A CA     1 
ATOM   637  C C      . SER A 1 80  ? -1.33020  14.29785  0.98067   1.000 38.00000 ? 80  SER A C      1 
ATOM   638  O O      . SER A 1 80  ? -2.12671  14.92737  1.68633   1.000 42.86000 ? 80  SER A O      1 
ATOM   639  C CB     . SER A 1 80  ? 1.08264   14.81441  1.36709   1.000 44.59000 ? 80  SER A CB     1 
ATOM   640  O OG     . SER A 1 80  ? 1.14235   15.23286  0.01473   1.000 49.11000 ? 80  SER A OG     1 
ATOM   641  N N      . SER A 1 81  ? -1.56609  14.04279  -0.30621  1.000 38.74000 ? 81  SER A N      1 
ATOM   642  C CA     . SER A 1 81  ? -2.81388  14.46842  -0.93029  1.000 39.69000 ? 81  SER A CA     1 
ATOM   643  C C      . SER A 1 81  ? -4.01751  13.94720  -0.15507  1.000 38.95000 ? 81  SER A C      1 
ATOM   644  O O      . SER A 1 81  ? -4.94640  14.70201  0.15733   1.000 43.97000 ? 81  SER A O      1 
ATOM   645  C CB     . SER A 1 81  ? -2.85671  13.99233  -2.38331  1.000 51.03000 ? 81  SER A CB     1 
ATOM   646  O OG     . SER A 1 81  ? -2.19502  14.90634  -3.23984  1.000 54.65000 ? 81  SER A OG     1 
ATOM   647  N N      . LEU A 1 82  ? -4.01357  12.65363  0.17261   1.000 41.46000 ? 82  LEU A N      1 
ATOM   648  C CA     . LEU A 1 82  ? -5.12506  12.08049  0.92422   1.000 37.21000 ? 82  LEU A CA     1 
ATOM   649  C C      . LEU A 1 82  ? -5.17893  12.63460  2.34225   1.000 33.87000 ? 82  LEU A C      1 
ATOM   650  O O      . LEU A 1 82  ? -6.26438  12.91056  2.86585   1.000 38.38000 ? 82  LEU A O      1 
ATOM   651  C CB     . LEU A 1 82  ? -5.01426  10.55635  0.94376   1.000 38.58000 ? 82  LEU A CB     1 
ATOM   652  C CG     . LEU A 1 82  ? -5.04635  9.86873   -0.42227  1.000 40.35000 ? 82  LEU A CG     1 
ATOM   653  C CD1    . LEU A 1 82  ? -5.26128  8.37213   -0.26612  1.000 39.10000 ? 82  LEU A CD1    1 
ATOM   654  C CD2    . LEU A 1 82  ? -6.12315  10.47965  -1.30429  1.000 40.66000 ? 82  LEU A CD2    1 
ATOM   655  N N      . ALA A 1 83  ? -4.01944  12.80079  2.98111   1.000 33.14000 ? 83  ALA A N      1 
ATOM   656  C CA     . ALA A 1 83  ? -3.99167  13.37242  4.32363   1.000 34.12000 ? 83  ALA A CA     1 
ATOM   657  C C      . ALA A 1 83  ? -4.64414  14.74845  4.34145   1.000 34.90000 ? 83  ALA A C      1 
ATOM   658  O O      . ALA A 1 83  ? -5.46393  15.05092  5.21644   1.000 37.15000 ? 83  ALA A O      1 
ATOM   659  C CB     . ALA A 1 83  ? -2.55245  13.44780  4.83319   1.000 38.46000 ? 83  ALA A CB     1 
ATOM   660  N N      . ARG A 1 84  ? -4.29206  15.59809  3.37381   1.000 37.05000 ? 84  ARG A N      1 
ATOM   661  C CA     . ARG A 1 84  ? -4.92215  16.90896  3.27246   1.000 33.39000 ? 84  ARG A CA     1 
ATOM   662  C C      . ARG A 1 84  ? -6.40739  16.80563  2.95974   1.000 34.68000 ? 84  ARG A C      1 
ATOM   663  O O      . ARG A 1 84  ? -7.14507  17.77245  3.17716   1.000 41.84000 ? 84  ARG A O      1 
ATOM   664  C CB     . ARG A 1 84  ? -4.21226  17.74762  2.20756   1.000 37.01000 ? 84  ARG A CB     1 
ATOM   665  C CG     . ARG A 1 84  ? -2.69297  17.68165  2.28273   1.000 36.38000 ? 84  ARG A CG     1 
ATOM   666  C CD     . ARG A 1 84  ? -2.04160  18.57979  1.24577   1.000 41.10000 ? 84  ARG A CD     1 
ATOM   667  N NE     . ARG A 1 84  ? -0.70278  18.12621  0.88519   1.000 40.56000 ? 84  ARG A NE     1 
ATOM   668  C CZ     . ARG A 1 84  ? 0.35892   18.22005  1.67499   1.000 41.50000 ? 84  ARG A CZ     1 
ATOM   669  N NH1    . ARG A 1 84  ? 0.27190   18.73261  2.89067   1.000 48.66000 ? 84  ARG A NH1    1 
ATOM   670  N NH2    . ARG A 1 84  ? 1.53852   17.79940  1.22815   1.000 41.64000 ? 84  ARG A NH2    1 
ATOM   671  N N      . GLU A 1 85  ? -6.86111  15.65928  2.45361   1.000 39.62000 ? 85  GLU A N      1 
ATOM   672  C CA     . GLU A 1 85  ? -8.27711  15.41868  2.21033   1.000 38.72000 ? 85  GLU A CA     1 
ATOM   673  C C      . GLU A 1 85  ? -9.02123  14.96356  3.45751   1.000 40.76000 ? 85  GLU A C      1 
ATOM   674  O O      . GLU A 1 85  ? -10.24328 14.78587  3.39877   1.000 44.85000 ? 85  GLU A O      1 
ATOM   675  C CB     . GLU A 1 85  ? -8.45368  14.36783  1.11152   1.000 38.22000 ? 85  GLU A CB     1 
ATOM   676  C CG     . GLU A 1 85  ? -8.15983  14.85650  -0.29388  1.000 41.63000 ? 85  GLU A CG     1 
ATOM   677  C CD     . GLU A 1 85  ? -8.73746  13.93526  -1.35195  1.000 51.65000 ? 85  GLU A CD     1 
ATOM   678  O OE1    . GLU A 1 85  ? -9.91950  13.55168  -1.22541  1.000 57.59000 ? 85  GLU A OE1    1 
ATOM   679  O OE2    . GLU A 1 85  ? -8.01002  13.58974  -2.30511  1.000 55.32000 ? 85  GLU A OE2    1 
ATOM   680  N N      . GLY A 1 86  ? -8.32467  14.76817  4.57194   1.000 36.73000 ? 86  GLY A N      1 
ATOM   681  C CA     . GLY A 1 86  ? -8.94080  14.21846  5.76055   1.000 35.19000 ? 86  GLY A CA     1 
ATOM   682  C C      . GLY A 1 86  ? -8.92031  12.71118  5.84155   1.000 34.20000 ? 86  GLY A C      1 
ATOM   683  O O      . GLY A 1 86  ? -9.67652  12.13758  6.63371   1.000 37.43000 ? 86  GLY A O      1 
ATOM   684  N N      . VAL A 1 87  ? -8.08422  12.05033  5.04941   1.000 35.34000 ? 87  VAL A N      1 
ATOM   685  C CA     . VAL A 1 87  ? -7.99289  10.59602  5.04644   1.000 35.78000 ? 87  VAL A CA     1 
ATOM   686  C C      . VAL A 1 87  ? -6.87760  10.17179  5.99022   1.000 33.40000 ? 87  VAL A C      1 
ATOM   687  O O      . VAL A 1 87  ? -5.77042  10.72215  5.94864   1.000 32.19000 ? 87  VAL A O      1 
ATOM   688  C CB     . VAL A 1 87  ? -7.74493  10.06137  3.62629   1.000 39.73000 ? 87  VAL A CB     1 
ATOM   689  C CG1    . VAL A 1 87  ? -7.57775  8.54989   3.65083   1.000 32.88000 ? 87  VAL A CG1    1 
ATOM   690  C CG2    . VAL A 1 87  ? -8.88344  10.46508  2.70108   1.000 36.95000 ? 87  VAL A CG2    1 
ATOM   691  N N      . ILE A 1 88  ? -7.16600  9.19297   6.84226   1.000 34.39000 ? 88  ILE A N      1 
ATOM   692  C CA     . ILE A 1 88  ? -6.20272  8.65193   7.79187   1.000 29.57000 ? 88  ILE A CA     1 
ATOM   693  C C      . ILE A 1 88  ? -5.88460  7.22134   7.38470   1.000 33.11000 ? 88  ILE A C      1 
ATOM   694  O O      . ILE A 1 88  ? -6.79417  6.43001   7.10777   1.000 35.38000 ? 88  ILE A O      1 
ATOM   695  C CB     . ILE A 1 88  ? -6.73652  8.70540   9.23382   1.000 27.91000 ? 88  ILE A CB     1 
ATOM   696  C CG1    . ILE A 1 88  ? -7.27270  10.10203  9.55303   1.000 27.42000 ? 88  ILE A CG1    1 
ATOM   697  C CG2    . ILE A 1 88  ? -5.64860  8.31041   10.21927  1.000 27.24000 ? 88  ILE A CG2    1 
ATOM   698  C CD1    . ILE A 1 88  ? -7.92261  10.20651  10.91317  1.000 30.06000 ? 88  ILE A CD1    1 
ATOM   699  N N      . GLY A 1 89  ? -4.59586  6.89268   7.34298   1.000 34.52000 ? 89  GLY A N      1 
ATOM   700  C CA     . GLY A 1 89  ? -4.15251  5.55078   7.01656   1.000 30.50000 ? 89  GLY A CA     1 
ATOM   701  C C      . GLY A 1 89  ? -3.78065  4.78858   8.27182   1.000 28.85000 ? 89  GLY A C      1 
ATOM   702  O O      . GLY A 1 89  ? -2.99833  5.26729   9.09773   1.000 41.64000 ? 89  GLY A O      1 
ATOM   703  N N      . SER A 1 90  ? -4.36265  3.59783   8.41375   1.000 29.13000 ? 90  SER A N      1 
ATOM   704  C CA     . SER A 1 90  ? -4.03235  2.69185   9.51059   1.000 30.12000 ? 90  SER A CA     1 
ATOM   705  C C      . SER A 1 90  ? -3.14664  1.59048   8.93792   1.000 33.05000 ? 90  SER A C      1 
ATOM   706  O O      . SER A 1 90  ? -3.60117  0.50819   8.56616   1.000 35.71000 ? 90  SER A O      1 
ATOM   707  C CB     . SER A 1 90  ? -5.29797  2.13542   10.15705  1.000 34.39000 ? 90  SER A CB     1 
ATOM   708  O OG     . SER A 1 90  ? -4.98349  1.30913   11.26410  1.000 33.10000 ? 90  SER A OG     1 
ATOM   709  N N      . PHE A 1 91  ? -1.85523  1.88844   8.86033   1.000 33.97000 ? 91  PHE A N      1 
ATOM   710  C CA     . PHE A 1 91  ? -0.88683  1.00727   8.22642   1.000 30.76000 ? 91  PHE A CA     1 
ATOM   711  C C      . PHE A 1 91  ? -0.06729  0.27073   9.27474   1.000 31.19000 ? 91  PHE A C      1 
ATOM   712  O O      . PHE A 1 91  ? 0.34313   0.85205   10.28276  1.000 33.30000 ? 91  PHE A O      1 
ATOM   713  C CB     . PHE A 1 91  ? 0.04114   1.79877   7.30468   1.000 31.99000 ? 91  PHE A CB     1 
ATOM   714  C CG     . PHE A 1 91  ? -0.68459  2.66571   6.31926   1.000 32.99000 ? 91  PHE A CG     1 
ATOM   715  C CD1    . PHE A 1 91  ? -1.64549  2.12564   5.48267   1.000 28.92000 ? 91  PHE A CD1    1 
ATOM   716  C CD2    . PHE A 1 91  ? -0.41377  4.02101   6.23524   1.000 33.23000 ? 91  PHE A CD2    1 
ATOM   717  C CE1    . PHE A 1 91  ? -2.31936  2.91896   4.57692   1.000 31.47000 ? 91  PHE A CE1    1 
ATOM   718  C CE2    . PHE A 1 91  ? -1.08501  4.81868   5.33054   1.000 32.25000 ? 91  PHE A CE2    1 
ATOM   719  C CZ     . PHE A 1 91  ? -2.03874  4.26819   4.50011   1.000 31.38000 ? 91  PHE A CZ     1 
ATOM   720  N N      . ALA A 1 92  ? 0.15844   -1.01302  9.03050   1.000 30.17000 ? 92  ALA A N      1 
ATOM   721  C CA     . ALA A 1 92  ? 1.05353   -1.81861  9.84246   1.000 33.22000 ? 92  ALA A CA     1 
ATOM   722  C C      . ALA A 1 92  ? 2.41107   -1.92379  9.15765   1.000 30.79000 ? 92  ALA A C      1 
ATOM   723  O O      . ALA A 1 92  ? 2.60519   -1.46848  8.02910   1.000 34.26000 ? 92  ALA A O      1 
ATOM   724  C CB     . ALA A 1 92  ? 0.45997   -3.20886  10.08506  1.000 36.19000 ? 92  ALA A CB     1 
ATOM   725  N N      . TRP A 1 93  ? 3.35956   -2.53139  9.86061   1.000 32.71000 ? 93  TRP A N      1 
ATOM   726  C CA     . TRP A 1 93  ? 4.67679   -2.74050  9.28391   1.000 32.64000 ? 93  TRP A CA     1 
ATOM   727  C C      . TRP A 1 93  ? 4.60425   -3.72556  8.12464   1.000 32.14000 ? 93  TRP A C      1 
ATOM   728  O O      . TRP A 1 93  ? 3.75429   -4.61801  8.08841   1.000 35.22000 ? 93  TRP A O      1 
ATOM   729  C CB     . TRP A 1 93  ? 5.64964   -3.25179  10.34504  1.000 29.70000 ? 93  TRP A CB     1 
ATOM   730  C CG     . TRP A 1 93  ? 6.09756   -2.19272  11.29363  1.000 26.24000 ? 93  TRP A CG     1 
ATOM   731  C CD1    . TRP A 1 93  ? 5.77103   -2.08336  12.61329  1.000 28.03000 ? 93  TRP A CD1    1 
ATOM   732  C CD2    . TRP A 1 93  ? 6.95226   -1.08300  10.99764  1.000 29.48000 ? 93  TRP A CD2    1 
ATOM   733  N NE1    . TRP A 1 93  ? 6.37183   -0.97511  13.15865  1.000 30.35000 ? 93  TRP A NE1    1 
ATOM   734  C CE2    . TRP A 1 93  ? 7.10272   -0.34399  12.18708  1.000 31.57000 ? 93  TRP A CE2    1 
ATOM   735  C CE3    . TRP A 1 93  ? 7.60594   -0.64252  9.84282   1.000 29.67000 ? 93  TRP A CE3    1 
ATOM   736  C CZ2    . TRP A 1 93  ? 7.87979   0.80999   12.25531  1.000 30.83000 ? 93  TRP A CZ2    1 
ATOM   737  C CZ3    . TRP A 1 93  ? 8.37776   0.50325   9.91349   1.000 30.38000 ? 93  TRP A CZ3    1 
ATOM   738  C CH2    . TRP A 1 93  ? 8.50690   1.21618   11.11025  1.000 28.60000 ? 93  TRP A CH2    1 
ATOM   739  N N      . VAL A 1 94  ? 5.50304   -3.54439  7.16266   1.000 37.09000 ? 94  VAL A N      1 
ATOM   740  C CA     . VAL A 1 94  ? 5.69295   -4.49462  6.06587   1.000 35.99000 ? 94  VAL A CA     1 
ATOM   741  C C      . VAL A 1 94  ? 6.92663   -5.30978  6.44438   1.000 36.47000 ? 94  VAL A C      1 
ATOM   742  O O      . VAL A 1 94  ? 8.06322   -4.92103  6.18023   1.000 41.48000 ? 94  VAL A O      1 
ATOM   743  C CB     . VAL A 1 94  ? 5.85573   -3.79602  4.72004   1.000 38.75000 ? 94  VAL A CB     1 
ATOM   744  C CG1    . VAL A 1 94  ? 5.84817   -4.81387  3.59070   1.000 33.30000 ? 94  VAL A CG1    1 
ATOM   745  C CG2    . VAL A 1 94  ? 4.76808   -2.75322  4.51961   1.000 34.65000 ? 94  VAL A CG2    1 
ATOM   746  N N      . ASP A 1 95  ? 6.69547   -6.46553  7.06182   1.000 37.73000 ? 95  ASP A N      1 
ATOM   747  C CA     . ASP A 1 95  ? 7.78449   -7.23888  7.64414   1.000 37.36000 ? 95  ASP A CA     1 
ATOM   748  C C      . ASP A 1 95  ? 8.84156   -7.57691  6.59267   1.000 36.47000 ? 95  ASP A C      1 
ATOM   749  O O      . ASP A 1 95  ? 8.52419   -7.76062  5.41439   1.000 38.51000 ? 95  ASP A O      1 
ATOM   750  C CB     . ASP A 1 95  ? 7.25393   -8.52851  8.26715   1.000 36.46000 ? 95  ASP A CB     1 
ATOM   751  C CG     . ASP A 1 95  ? 6.23873   -8.27148  9.35785   1.000 42.92000 ? 95  ASP A CG     1 
ATOM   752  O OD1    . ASP A 1 95  ? 6.51542   -7.44002  10.24852  1.000 41.42000 ? 95  ASP A OD1    1 
ATOM   753  O OD2    . ASP A 1 95  ? 5.15993   -8.89818  9.32384   1.000 52.14000 ? 95  ASP A OD2    1 
ATOM   754  N N      . PRO A 1 96  ? 10.10832  -7.66298  6.99601   1.000 36.00000 ? 96  PRO A N      1 
ATOM   755  C CA     . PRO A 1 96  ? 11.14036  -8.14133  6.07084   1.000 40.20000 ? 96  PRO A CA     1 
ATOM   756  C C      . PRO A 1 96  ? 10.77915  -9.51463  5.52865   1.000 40.79000 ? 96  PRO A C      1 
ATOM   757  O O      . PRO A 1 96  ? 10.34952  -10.40309 6.26744   1.000 40.30000 ? 96  PRO A O      1 
ATOM   758  C CB     . PRO A 1 96  ? 12.40242  -8.18903  6.93868   1.000 36.61000 ? 96  PRO A CB     1 
ATOM   759  C CG     . PRO A 1 96  ? 12.13906  -7.22299  8.04474   1.000 36.42000 ? 96  PRO A CG     1 
ATOM   760  C CD     . PRO A 1 96  ? 10.66356  -7.29145  8.30793   1.000 33.77000 ? 96  PRO A CD     1 
ATOM   761  N N      . GLY A 1 97  ? 10.95108  -9.67998  4.21959   1.000 45.24000 ? 97  GLY A N      1 
ATOM   762  C CA     . GLY A 1 97  ? 10.60166  -10.91264 3.55352   1.000 41.96000 ? 97  GLY A CA     1 
ATOM   763  C C      . GLY A 1 97  ? 9.21538   -10.94340 2.95000   1.000 42.34000 ? 97  GLY A C      1 
ATOM   764  O O      . GLY A 1 97  ? 8.92871   -11.84713 2.15816   1.000 49.00000 ? 97  GLY A O      1 
ATOM   765  N N      . TRP A 1 98  ? 8.35503   -9.98281  3.28487   1.000 40.08000 ? 98  TRP A N      1 
ATOM   766  C CA     . TRP A 1 98  ? 6.98599   -9.98395  2.78276   1.000 38.30000 ? 98  TRP A CA     1 
ATOM   767  C C      . TRP A 1 98  ? 6.96151   -10.13233 1.26615   1.000 40.00000 ? 98  TRP A C      1 
ATOM   768  O O      . TRP A 1 98  ? 7.89067   -9.72660  0.56334   1.000 48.31000 ? 98  TRP A O      1 
ATOM   769  C CB     . TRP A 1 98  ? 6.26839   -8.69524  3.19320   1.000 41.16000 ? 98  TRP A CB     1 
ATOM   770  C CG     . TRP A 1 98  ? 5.00059   -8.44978  2.43216   1.000 39.77000 ? 98  TRP A CG     1 
ATOM   771  C CD1    . TRP A 1 98  ? 4.81815   -7.57262  1.40361   1.000 32.36000 ? 98  TRP A CD1    1 
ATOM   772  C CD2    . TRP A 1 98  ? 3.74055   -9.10224  2.63098   1.000 36.62000 ? 98  TRP A CD2    1 
ATOM   773  N NE1    . TRP A 1 98  ? 3.52161   -7.63257  0.95379   1.000 32.76000 ? 98  TRP A NE1    1 
ATOM   774  C CE2    . TRP A 1 98  ? 2.83847   -8.56233  1.69248   1.000 36.59000 ? 98  TRP A CE2    1 
ATOM   775  C CE3    . TRP A 1 98  ? 3.28433   -10.08214 3.51729   1.000 37.67000 ? 98  TRP A CE3    1 
ATOM   776  C CZ2    . TRP A 1 98  ? 1.51068   -8.97430  1.61232   1.000 36.38000 ? 98  TRP A CZ2    1 
ATOM   777  C CZ3    . TRP A 1 98  ? 1.96678   -10.48851 3.43582   1.000 35.55000 ? 98  TRP A CZ3    1 
ATOM   778  C CH2    . TRP A 1 98  ? 1.09558   -9.93568  2.49010   1.000 36.09000 ? 98  TRP A CH2    1 
ATOM   779  N N      . ASP A 1 99  ? 5.88256   -10.73100 0.76456   1.000 37.68000 ? 99  ASP A N      1 
ATOM   780  C CA     . ASP A 1 99  ? 5.67565   -10.88651 -0.67139  1.000 39.82000 ? 99  ASP A CA     1 
ATOM   781  C C      . ASP A 1 99  ? 4.18081   -10.96694 -0.93215  1.000 39.62000 ? 99  ASP A C      1 
ATOM   782  O O      . ASP A 1 99  ? 3.51417   -11.87846 -0.43304  1.000 40.87000 ? 99  ASP A O      1 
ATOM   783  C CB     . ASP A 1 99  ? 6.38367   -12.13356 -1.20271  1.000 42.53000 ? 99  ASP A CB     1 
ATOM   784  C CG     . ASP A 1 99  ? 5.86898   -12.55844 -2.56468  1.000 42.54000 ? 99  ASP A CG     1 
ATOM   785  O OD1    . ASP A 1 99  ? 5.86588   -11.71879 -3.48897  1.000 44.73000 ? 99  ASP A OD1    1 
ATOM   786  O OD2    . ASP A 1 99  ? 5.46757   -13.73174 -2.71087  1.000 55.30000 ? 99  ASP A OD2    1 
ATOM   787  N N      . GLY A 1 100 ? 3.65829   -10.01893 -1.70497  1.000 38.96000 ? 100 GLY A N      1 
ATOM   788  C CA     . GLY A 1 100 ? 2.24659   -10.00710 -2.03208  1.000 42.43000 ? 100 GLY A CA     1 
ATOM   789  C C      . GLY A 1 100 ? 1.62708   -8.62594  -1.98113  1.000 39.23000 ? 100 GLY A C      1 
ATOM   790  O O      . GLY A 1 100 ? 2.24205   -7.67987  -1.48085  1.000 36.45000 ? 100 GLY A O      1 
ATOM   791  N N      . ASN A 1 101 ? 0.40780   -8.49994  -2.49854  1.000 40.20000 ? 101 ASN A N      1 
ATOM   792  C CA     . ASN A 1 101 ? -0.28102  -7.21768  -2.48263  1.000 38.73000 ? 101 ASN A CA     1 
ATOM   793  C C      . ASN A 1 101 ? -0.73251  -6.87517  -1.06930  1.000 37.56000 ? 101 ASN A C      1 
ATOM   794  O O      . ASN A 1 101 ? -1.16113  -7.74615  -0.30651  1.000 39.12000 ? 101 ASN A O      1 
ATOM   795  C CB     . ASN A 1 101 ? -1.47966  -7.24876  -3.43052  1.000 40.01000 ? 101 ASN A CB     1 
ATOM   796  C CG     . ASN A 1 101 ? -1.10492  -7.70662  -4.82637  1.000 38.94000 ? 101 ASN A CG     1 
ATOM   797  O OD1    . ASN A 1 101 ? -0.82389  -8.88350  -5.05153  1.000 42.48000 ? 101 ASN A OD1    1 
ATOM   798  N ND2    . ASN A 1 101 ? -1.09463  -6.77482  -5.77198  1.000 39.54000 ? 101 ASN A ND2    1 
ATOM   799  N N      . LEU A 1 102 ? -0.63738  -5.59621  -0.72310  1.000 36.82000 ? 102 LEU A N      1 
ATOM   800  C CA     . LEU A 1 102 ? -0.94244  -5.13574  0.62326   1.000 33.82000 ? 102 LEU A CA     1 
ATOM   801  C C      . LEU A 1 102 ? -2.40177  -4.71853  0.73644   1.000 33.10000 ? 102 LEU A C      1 
ATOM   802  O O      . LEU A 1 102 ? -2.96367  -4.11292  -0.18164  1.000 35.85000 ? 102 LEU A O      1 
ATOM   803  C CB     . LEU A 1 102 ? -0.03690  -3.96336  1.00471   1.000 33.05000 ? 102 LEU A CB     1 
ATOM   804  C CG     . LEU A 1 102 ? 1.46796   -4.23795  0.99344   1.000 31.92000 ? 102 LEU A CG     1 
ATOM   805  C CD1    . LEU A 1 102 ? 2.25064   -2.93608  1.05359   1.000 32.07000 ? 102 LEU A CD1    1 
ATOM   806  C CD2    . LEU A 1 102 ? 1.85384   -5.15373  2.14275   1.000 33.38000 ? 102 LEU A CD2    1 
ATOM   807  N N      . THR A 1 103 ? -3.01224  -5.05158  1.87080   1.000 33.67000 ? 103 THR A N      1 
ATOM   808  C CA     . THR A 1 103 ? -4.36033  -4.60795  2.20638   1.000 33.75000 ? 103 THR A CA     1 
ATOM   809  C C      . THR A 1 103 ? -4.23271  -3.40279  3.12954   1.000 35.27000 ? 103 THR A C      1 
ATOM   810  O O      . THR A 1 103 ? -3.90318  -3.54892  4.31139   1.000 37.43000 ? 103 THR A O      1 
ATOM   811  C CB     . THR A 1 103 ? -5.16127  -5.72683  2.86869   1.000 36.26000 ? 103 THR A CB     1 
ATOM   812  O OG1    . THR A 1 103 ? -5.34952  -6.79916  1.93757   1.000 42.79000 ? 103 THR A OG1    1 
ATOM   813  C CG2    . THR A 1 103 ? -6.51899  -5.21242  3.32344   1.000 34.98000 ? 103 THR A CG2    1 
ATOM   814  N N      . LEU A 1 104 ? -4.48177  -2.21521  2.59015   1.000 38.00000 ? 104 LEU A N      1 
ATOM   815  C CA     . LEU A 1 104 ? -4.24873  -0.96737  3.30346   1.000 32.89000 ? 104 LEU A CA     1 
ATOM   816  C C      . LEU A 1 104 ? -5.56792  -0.38433  3.79118   1.000 33.62000 ? 104 LEU A C      1 
ATOM   817  O O      . LEU A 1 104 ? -6.49688  -0.18808  2.99992   1.000 34.45000 ? 104 LEU A O      1 
ATOM   818  C CB     . LEU A 1 104 ? -3.52577  0.03657   2.40417   1.000 28.70000 ? 104 LEU A CB     1 
ATOM   819  C CG     . LEU A 1 104 ? -2.23833  -0.48433  1.76158   1.000 30.42000 ? 104 LEU A CG     1 
ATOM   820  C CD1    . LEU A 1 104 ? -1.45707  0.64882   1.11709   1.000 36.68000 ? 104 LEU A CD1    1 
ATOM   821  C CD2    . LEU A 1 104 ? -1.38540  -1.21244  2.79021   1.000 32.75000 ? 104 LEU A CD2    1 
ATOM   822  N N      . MET A 1 105 ? -5.64794  -0.12206  5.09349   1.000 31.57000 ? 105 MET A N      1 
ATOM   823  C CA     . MET A 1 105 ? -6.82416  0.51017   5.67545   1.000 31.33000 ? 105 MET A CA     1 
ATOM   824  C C      . MET A 1 105 ? -6.70035  2.02033   5.51659   1.000 34.15000 ? 105 MET A C      1 
ATOM   825  O O      . MET A 1 105 ? -5.71722  2.61954   5.96796   1.000 35.58000 ? 105 MET A O      1 
ATOM   826  C CB     . MET A 1 105 ? -6.96380  0.12366   7.14730   1.000 31.40000 ? 105 MET A CB     1 
ATOM   827  C CG     . MET A 1 105 ? -8.20749  0.66721   7.86036   1.000 32.17000 ? 105 MET A CG     1 
ATOM   828  S SD     . MET A 1 105 ? -8.26160  2.46167   8.08611   1.000 38.31000 ? 105 MET A SD     1 
ATOM   829  C CE     . MET A 1 105 ? -9.35884  2.60471   9.48724   1.000 29.93000 ? 105 MET A CE     1 
ATOM   830  N N      . LEU A 1 106 ? -7.69442  2.63455   4.87958   1.000 34.35000 ? 106 LEU A N      1 
ATOM   831  C CA     . LEU A 1 106 ? -7.76448  4.07961   4.72103   1.000 30.90000 ? 106 LEU A CA     1 
ATOM   832  C C      . LEU A 1 106 ? -9.09854  4.56617   5.26502   1.000 33.42000 ? 106 LEU A C      1 
ATOM   833  O O      . LEU A 1 106 ? -10.15502 4.07463   4.85612   1.000 38.42000 ? 106 LEU A O      1 
ATOM   834  C CB     . LEU A 1 106 ? -7.60218  4.48808   3.25460   1.000 31.85000 ? 106 LEU A CB     1 
ATOM   835  C CG     . LEU A 1 106 ? -6.18761  4.87142   2.81536   1.000 30.99000 ? 106 LEU A CG     1 
ATOM   836  C CD1    . LEU A 1 106 ? -5.29590  3.64038   2.72840   1.000 35.76000 ? 106 LEU A CD1    1 
ATOM   837  C CD2    . LEU A 1 106 ? -6.21773  5.60978   1.48603   1.000 34.88000 ? 106 LEU A CD2    1 
ATOM   838  N N      . TYR A 1 107 ? -9.04768  5.52126   6.18616   1.000 35.76000 ? 107 TYR A N      1 
ATOM   839  C CA     . TYR A 1 107 ? -10.23559 6.05906   6.83359   1.000 34.61000 ? 107 TYR A CA     1 
ATOM   840  C C      . TYR A 1 107 ? -10.48385 7.47952   6.34862   1.000 36.11000 ? 107 TYR A C      1 
ATOM   841  O O      . TYR A 1 107 ? -9.59308  8.33207   6.43057   1.000 38.75000 ? 107 TYR A O      1 
ATOM   842  C CB     . TYR A 1 107 ? -10.08632 6.03767   8.35605   1.000 34.69000 ? 107 TYR A CB     1 
ATOM   843  C CG     . TYR A 1 107 ? -11.27512 6.61086   9.09225   1.000 35.08000 ? 107 TYR A CG     1 
ATOM   844  C CD1    . TYR A 1 107 ? -12.48996 5.93983   9.11579   1.000 36.65000 ? 107 TYR A CD1    1 
ATOM   845  C CD2    . TYR A 1 107 ? -11.18402 7.82264   9.76279   1.000 37.85000 ? 107 TYR A CD2    1 
ATOM   846  C CE1    . TYR A 1 107 ? -13.57960 6.45815   9.78587   1.000 37.01000 ? 107 TYR A CE1    1 
ATOM   847  C CE2    . TYR A 1 107 ? -12.26829 8.34929   10.43633  1.000 39.36000 ? 107 TYR A CE2    1 
ATOM   848  C CZ     . TYR A 1 107 ? -13.46326 7.66321   10.44477  1.000 38.54000 ? 107 TYR A CZ     1 
ATOM   849  O OH     . TYR A 1 107 ? -14.54598 8.18472   11.11382  1.000 45.69000 ? 107 TYR A OH     1 
ATOM   850  N N      . ASN A 1 108 ? -11.69171 7.72765   5.84569   1.000 39.63000 ? 108 ASN A N      1 
ATOM   851  C CA     . ASN A 1 108 ? -12.08840 9.05774   5.38406   1.000 36.06000 ? 108 ASN A CA     1 
ATOM   852  C C      . ASN A 1 108 ? -12.67884 9.80615   6.57037   1.000 40.32000 ? 108 ASN A C      1 
ATOM   853  O O      . ASN A 1 108 ? -13.86910 9.70659   6.86936   1.000 44.07000 ? 108 ASN A O      1 
ATOM   854  C CB     . ASN A 1 108 ? -13.07680 8.95697   4.22905   1.000 37.29000 ? 108 ASN A CB     1 
ATOM   855  C CG     . ASN A 1 108 ? -13.58686 10.31178  3.77520   1.000 37.80000 ? 108 ASN A CG     1 
ATOM   856  O OD1    . ASN A 1 108 ? -13.10077 11.35311  4.21653   1.000 39.21000 ? 108 ASN A OD1    1 
ATOM   857  N ND2    . ASN A 1 108 ? -14.57306 10.30460  2.88631   1.000 40.97000 ? 108 ASN A ND2    1 
ATOM   858  N N      . ALA A 1 109 ? -11.82912 10.56523  7.26022   1.000 40.26000 ? 109 ALA A N      1 
ATOM   859  C CA     . ALA A 1 109 ? -12.26015 11.35618  8.40533   1.000 37.79000 ? 109 ALA A CA     1 
ATOM   860  C C      . ALA A 1 109 ? -12.97636 12.63901  8.00440   1.000 39.01000 ? 109 ALA A C      1 
ATOM   861  O O      . ALA A 1 109 ? -13.46972 13.35312  8.88395   1.000 45.30000 ? 109 ALA A O      1 
ATOM   862  C CB     . ALA A 1 109 ? -11.06036 11.69111  9.29363   1.000 36.10000 ? 109 ALA A CB     1 
ATOM   863  N N      . SER A 1 110 ? -13.04468 12.94778  6.71277   1.000 41.65000 ? 110 SER A N      1 
ATOM   864  C CA     . SER A 1 110 ? -13.69912 14.15573  6.24255   1.000 43.95000 ? 110 SER A CA     1 
ATOM   865  C C      . SER A 1 110 ? -15.19725 13.91338  6.07262   1.000 47.20000 ? 110 SER A C      1 
ATOM   866  O O      . SER A 1 110 ? -15.70332 12.80591  6.26906   1.000 48.77000 ? 110 SER A O      1 
ATOM   867  C CB     . SER A 1 110 ? -13.06645 14.62751  4.93378   1.000 40.87000 ? 110 SER A CB     1 
ATOM   868  O OG     . SER A 1 110 ? -13.60556 13.92506  3.82727   1.000 44.17000 ? 110 SER A OG     1 
ATOM   869  N N      . ASN A 1 111 ? -15.91945 14.96835  5.70367   1.000 46.66000 ? 111 ASN A N      1 
ATOM   870  C CA     . ASN A 1 111 ? -17.35268 14.89048  5.46240   1.000 49.77000 ? 111 ASN A CA     1 
ATOM   871  C C      . ASN A 1 111 ? -17.69576 14.75132  3.98626   1.000 50.53000 ? 111 ASN A C      1 
ATOM   872  O O      . ASN A 1 111 ? -18.87958 14.65466  3.64457   1.000 54.39000 ? 111 ASN A O      1 
ATOM   873  C CB     . ASN A 1 111 ? -18.05266 16.12242  6.04561   1.000 52.47000 ? 111 ASN A CB     1 
ATOM   874  C CG     . ASN A 1 111 ? -17.79609 16.28678  7.53158   1.000 56.56000 ? 111 ASN A CG     1 
ATOM   875  O OD1    . ASN A 1 111 ? -17.38087 17.35177  7.98791   1.000 62.39000 ? 111 ASN A OD1    1 
ATOM   876  N ND2    . ASN A 1 111 ? -18.03954 15.22713  8.29463   1.000 57.16000 ? 111 ASN A ND2    1 
ATOM   877  N N      . GLU A 1 112 ? -16.69322 14.74112  3.10568   1.000 48.22000 ? 112 GLU A N      1 
ATOM   878  C CA     . GLU A 1 112 ? -16.88197 14.53286  1.68092   1.000 48.98000 ? 112 GLU A CA     1 
ATOM   879  C C      . GLU A 1 112 ? -16.33668 13.17084  1.27074   1.000 49.79000 ? 112 GLU A C      1 
ATOM   880  O O      . GLU A 1 112 ? -15.31421 12.72816  1.80547   1.000 51.01000 ? 112 GLU A O      1 
ATOM   881  C CB     . GLU A 1 112 ? -16.18088 15.62186  0.85999   1.000 51.28000 ? 112 GLU A CB     1 
ATOM   882  C CG     . GLU A 1 112 ? -16.99245 16.89355  0.67858   1.000 68.82000 ? 112 GLU A CG     1 
ATOM   883  C CD     . GLU A 1 112 ? -16.47337 17.75815  -0.45480  1.000 79.29000 ? 112 GLU A CD     1 
ATOM   884  O OE1    . GLU A 1 112 ? -15.28807 18.15119  -0.41182  1.000 83.31000 ? 112 GLU A OE1    1 
ATOM   885  O OE2    . GLU A 1 112 ? -17.25008 18.04397  -1.38985  1.000 74.88000 ? 112 GLU A OE2    1 
ATOM   886  N N      . PRO A 1 113 ? -16.98964 12.48398  0.33656   1.000 50.96000 ? 113 PRO A N      1 
ATOM   887  C CA     . PRO A 1 113 ? -16.46935 11.18584  -0.10994  1.000 46.37000 ? 113 PRO A CA     1 
ATOM   888  C C      . PRO A 1 113 ? -15.11233 11.34793  -0.77767  1.000 40.78000 ? 113 PRO A C      1 
ATOM   889  O O      . PRO A 1 113 ? -14.87434 12.30169  -1.52230  1.000 44.99000 ? 113 PRO A O      1 
ATOM   890  C CB     . PRO A 1 113 ? -17.52824 10.68039  -1.09816  1.000 42.70000 ? 113 PRO A CB     1 
ATOM   891  C CG     . PRO A 1 113 ? -18.62064 11.68519  -1.12275  1.000 44.30000 ? 113 PRO A CG     1 
ATOM   892  C CD     . PRO A 1 113 ? -18.20737 12.90389  -0.37722  1.000 48.28000 ? 113 PRO A CD     1 
ATOM   893  N N      . VAL A 1 114 ? -14.21740 10.40658  -0.49703  1.000 36.53000 ? 114 VAL A N      1 
ATOM   894  C CA     . VAL A 1 114 ? -12.87002 10.40227  -1.05563  1.000 36.08000 ? 114 VAL A CA     1 
ATOM   895  C C      . VAL A 1 114 ? -12.82326 9.32128   -2.12534  1.000 36.36000 ? 114 VAL A C      1 
ATOM   896  O O      . VAL A 1 114 ? -12.92573 8.12675   -1.82020  1.000 40.34000 ? 114 VAL A O      1 
ATOM   897  C CB     . VAL A 1 114 ? -11.80438 10.16953  0.02256   1.000 38.49000 ? 114 VAL A CB     1 
ATOM   898  C CG1    . VAL A 1 114 ? -10.47428 9.80658   -0.61814  1.000 42.30000 ? 114 VAL A CG1    1 
ATOM   899  C CG2    . VAL A 1 114 ? -11.66052 11.40411  0.89920   1.000 40.44000 ? 114 VAL A CG2    1 
ATOM   900  N N      . GLU A 1 115 ? -12.67345 9.73491   -3.37826  1.000 36.53000 ? 115 GLU A N      1 
ATOM   901  C CA     . GLU A 1 115 ? -12.64662 8.82261   -4.50960  1.000 40.41000 ? 115 GLU A CA     1 
ATOM   902  C C      . GLU A 1 115 ? -11.20777 8.48086   -4.86958  1.000 42.28000 ? 115 GLU A C      1 
ATOM   903  O O      . GLU A 1 115 ? -10.34357 9.36003   -4.92634  1.000 46.17000 ? 115 GLU A O      1 
ATOM   904  C CB     . GLU A 1 115 ? -13.35788 9.43754   -5.71774  1.000 47.26000 ? 115 GLU A CB     1 
ATOM   905  C CG     . GLU A 1 115 ? -13.47203 8.51114   -6.91665  1.000 51.27000 ? 115 GLU A CG     1 
ATOM   906  C CD     . GLU A 1 115 ? -14.69388 8.80715   -7.76438  1.000 56.06000 ? 115 GLU A CD     1 
ATOM   907  O OE1    . GLU A 1 115 ? -15.58599 9.53959   -7.28699  1.000 50.20000 ? 115 GLU A OE1    1 
ATOM   908  O OE2    . GLU A 1 115 ? -14.76203 8.30735   -8.90739  1.000 65.41000 ? 115 GLU A OE2    1 
ATOM   909  N N      . LEU A 1 116 ? -10.95431 7.19539   -5.10582  1.000 41.61000 ? 116 LEU A N      1 
ATOM   910  C CA     . LEU A 1 116 ? -9.62657  6.70277   -5.46341  1.000 40.14000 ? 116 LEU A CA     1 
ATOM   911  C C      . LEU A 1 116 ? -9.74753  5.88632   -6.74282  1.000 46.19000 ? 116 LEU A C      1 
ATOM   912  O O      . LEU A 1 116 ? -10.35255 4.80870   -6.74052  1.000 48.39000 ? 116 LEU A O      1 
ATOM   913  C CB     . LEU A 1 116 ? -9.02359  5.86438   -4.33604  1.000 43.80000 ? 116 LEU A CB     1 
ATOM   914  C CG     . LEU A 1 116 ? -8.32206  6.62929   -3.21233  1.000 40.54000 ? 116 LEU A CG     1 
ATOM   915  C CD1    . LEU A 1 116 ? -8.07509  5.72192   -2.01693  1.000 40.14000 ? 116 LEU A CD1    1 
ATOM   916  C CD2    . LEU A 1 116 ? -7.01855  7.23202   -3.70989  1.000 39.67000 ? 116 LEU A CD2    1 
ATOM   917  N N      . ARG A 1 117 ? -9.17624  6.39597   -7.83008  1.000 47.60000 ? 117 ARG A N      1 
ATOM   918  C CA     . ARG A 1 117 ? -9.21949  5.68480   -9.09822  1.000 44.33000 ? 117 ARG A CA     1 
ATOM   919  C C      . ARG A 1 117 ? -8.38692  4.40964   -9.02737  1.000 42.73000 ? 117 ARG A C      1 
ATOM   920  O O      . ARG A 1 117 ? -7.43644  4.30239   -8.24855  1.000 41.99000 ? 117 ARG A O      1 
ATOM   921  C CB     . ARG A 1 117 ? -8.70630  6.57067   -10.23260 1.000 49.04000 ? 117 ARG A CB     1 
ATOM   922  C CG     . ARG A 1 117 ? -9.17453  8.01301   -10.17217 1.000 59.37000 ? 117 ARG A CG     1 
ATOM   923  C CD     . ARG A 1 117 ? -8.54013  8.83415   -11.28341 1.000 61.43000 ? 117 ARG A CD     1 
ATOM   924  N NE     . ARG A 1 117 ? -9.34822  8.82671   -12.49688 1.000 72.22000 ? 117 ARG A NE     1 
ATOM   925  C CZ     . ARG A 1 117 ? -8.94466  8.33993   -13.66355 1.000 72.90000 ? 117 ARG A CZ     1 
ATOM   926  N NH1    . ARG A 1 117 ? -7.74225  7.80995   -13.81291 1.000 73.98000 ? 117 ARG A NH1    1 
ATOM   927  N NH2    . ARG A 1 117 ? -9.76983  8.38681   -14.70532 1.000 68.59000 ? 117 ARG A NH2    1 
ATOM   928  N N      . TYR A 1 118 ? -8.75463  3.43621   -9.85630  1.000 43.10000 ? 118 TYR A N      1 
ATOM   929  C CA     . TYR A 1 118 ? -7.96553  2.21848   -9.96369  1.000 41.33000 ? 118 TYR A CA     1 
ATOM   930  C C      . TYR A 1 118 ? -6.58484  2.54529   -10.51671 1.000 44.36000 ? 118 TYR A C      1 
ATOM   931  O O      . TYR A 1 118 ? -6.45662  3.17197   -11.57137 1.000 44.85000 ? 118 TYR A O      1 
ATOM   932  C CB     . TYR A 1 118 ? -8.67349  1.20451   -10.86190 1.000 41.97000 ? 118 TYR A CB     1 
ATOM   933  C CG     . TYR A 1 118 ? -7.80193  0.03891   -11.27579 1.000 41.77000 ? 118 TYR A CG     1 
ATOM   934  C CD1    . TYR A 1 118 ? -7.64444  -1.06319  -10.44800 1.000 45.51000 ? 118 TYR A CD1    1 
ATOM   935  C CD2    . TYR A 1 118 ? -7.13693  0.04229   -12.49545 1.000 41.14000 ? 118 TYR A CD2    1 
ATOM   936  C CE1    . TYR A 1 118 ? -6.85043  -2.13119  -10.82050 1.000 46.46000 ? 118 TYR A CE1    1 
ATOM   937  C CE2    . TYR A 1 118 ? -6.34022  -1.02061  -12.87774 1.000 42.22000 ? 118 TYR A CE2    1 
ATOM   938  C CZ     . TYR A 1 118 ? -6.20033  -2.10390  -12.03613 1.000 49.00000 ? 118 TYR A CZ     1 
ATOM   939  O OH     . TYR A 1 118 ? -5.40789  -3.16514  -12.41179 1.000 52.65000 ? 118 TYR A OH     1 
ATOM   940  N N      . GLY A 1 119 ? -5.54927  2.11946   -9.79926  1.000 43.79000 ? 119 GLY A N      1 
ATOM   941  C CA     . GLY A 1 119 ? -4.19026  2.41255   -10.20209 1.000 38.77000 ? 119 GLY A CA     1 
ATOM   942  C C      . GLY A 1 119 ? -3.67511  3.76360   -9.76533  1.000 40.19000 ? 119 GLY A C      1 
ATOM   943  O O      . GLY A 1 119 ? -2.56283  4.13811   -10.15407 1.000 47.59000 ? 119 GLY A O      1 
ATOM   944  N N      . GLU A 1 120 ? -4.44438  4.50563   -8.97461  1.000 37.16000 ? 120 GLU A N      1 
ATOM   945  C CA     . GLU A 1 120 ? -4.00783  5.80621   -8.48948  1.000 35.81000 ? 120 GLU A CA     1 
ATOM   946  C C      . GLU A 1 120 ? -3.11956  5.64438   -7.26412  1.000 36.01000 ? 120 GLU A C      1 
ATOM   947  O O      . GLU A 1 120 ? -3.38793  4.81790   -6.38820  1.000 41.92000 ? 120 GLU A O      1 
ATOM   948  C CB     . GLU A 1 120 ? -5.21339  6.68165   -8.14851  1.000 41.76000 ? 120 GLU A CB     1 
ATOM   949  C CG     . GLU A 1 120 ? -4.86642  8.13851   -7.88805  1.000 45.63000 ? 120 GLU A CG     1 
ATOM   950  C CD     . GLU A 1 120 ? -6.07193  8.96063   -7.47671  1.000 42.45000 ? 120 GLU A CD     1 
ATOM   951  O OE1    . GLU A 1 120 ? -7.20974  8.46631   -7.62270  1.000 45.94000 ? 120 GLU A OE1    1 
ATOM   952  O OE2    . GLU A 1 120 ? -5.88184  10.10356  -7.00795  1.000 45.84000 ? 120 GLU A OE2    1 
ATOM   953  N N      . ARG A 1 121 ? -2.05593  6.43909   -7.20760  1.000 39.12000 ? 121 ARG A N      1 
ATOM   954  C CA     . ARG A 1 121 ? -1.15162  6.39356   -6.06834  1.000 39.78000 ? 121 ARG A CA     1 
ATOM   955  C C      . ARG A 1 121 ? -1.84465  6.94941   -4.83010  1.000 40.43000 ? 121 ARG A C      1 
ATOM   956  O O      . ARG A 1 121 ? -2.50342  7.99215   -4.88797  1.000 42.46000 ? 121 ARG A O      1 
ATOM   957  C CB     . ARG A 1 121 ? 0.12202   7.18324   -6.37002  1.000 38.70000 ? 121 ARG A CB     1 
ATOM   958  C CG     . ARG A 1 121 ? 0.79540   6.79867   -7.67655  1.000 42.49000 ? 121 ARG A CG     1 
ATOM   959  C CD     . ARG A 1 121 ? 1.77255   7.87178   -8.13074  1.000 43.70000 ? 121 ARG A CD     1 
ATOM   960  N NE     . ARG A 1 121 ? 1.13210   9.17643   -8.24125  1.000 41.05000 ? 121 ARG A NE     1 
ATOM   961  C CZ     . ARG A 1 121 ? 1.77372   10.33511  -8.16869  1.000 47.01000 ? 121 ARG A CZ     1 
ATOM   962  N NH1    . ARG A 1 121 ? 3.08273   10.39088  -7.98583  1.000 52.57000 ? 121 ARG A NH1    1 
ATOM   963  N NH2    . ARG A 1 121 ? 1.08358   11.46603  -8.28286  1.000 51.13000 ? 121 ARG A NH2    1 
ATOM   964  N N      . PHE A 1 122 ? -1.69715  6.24920   -3.70752  1.000 38.68000 ? 122 PHE A N      1 
ATOM   965  C CA     . PHE A 1 122 ? -2.34828  6.65935   -2.46665  1.000 38.16000 ? 122 PHE A CA     1 
ATOM   966  C C      . PHE A 1 122 ? -1.53822  6.38532   -1.21031  1.000 37.38000 ? 122 PHE A C      1 
ATOM   967  O O      . PHE A 1 122 ? -1.85093  6.97307   -0.16915  1.000 39.75000 ? 122 PHE A O      1 
ATOM   968  C CB     . PHE A 1 122 ? -3.72068  5.98226   -2.33215  1.000 35.80000 ? 122 PHE A CB     1 
ATOM   969  C CG     . PHE A 1 122 ? -3.65242  4.49577   -2.10124  1.000 34.73000 ? 122 PHE A CG     1 
ATOM   970  C CD1    . PHE A 1 122 ? -2.93123  3.67630   -2.95401  1.000 38.51000 ? 122 PHE A CD1    1 
ATOM   971  C CD2    . PHE A 1 122 ? -4.31962  3.91850   -1.03479  1.000 33.68000 ? 122 PHE A CD2    1 
ATOM   972  C CE1    . PHE A 1 122 ? -2.87113  2.31137   -2.73988  1.000 37.32000 ? 122 PHE A CE1    1 
ATOM   973  C CE2    . PHE A 1 122 ? -4.26453  2.55406   -0.81873  1.000 31.59000 ? 122 PHE A CE2    1 
ATOM   974  C CZ     . PHE A 1 122 ? -3.53801  1.75015   -1.67409  1.000 31.47000 ? 122 PHE A CZ     1 
ATOM   975  N N      . VAL A 1 123 ? -0.51481  5.53470   -1.25263  1.000 36.43000 ? 123 VAL A N      1 
ATOM   976  C CA     . VAL A 1 123 ? 0.30154   5.22800   -0.08318  1.000 31.51000 ? 123 VAL A CA     1 
ATOM   977  C C      . VAL A 1 123 ? 1.75056   5.11691   -0.53056  1.000 33.96000 ? 123 VAL A C      1 
ATOM   978  O O      . VAL A 1 123 ? 2.07575   4.28596   -1.38556  1.000 39.30000 ? 123 VAL A O      1 
ATOM   979  C CB     . VAL A 1 123 ? -0.13941  3.92785   0.61268   1.000 30.89000 ? 123 VAL A CB     1 
ATOM   980  C CG1    . VAL A 1 123 ? 0.72869   3.66132   1.83419   1.000 31.61000 ? 123 VAL A CG1    1 
ATOM   981  C CG2    . VAL A 1 123 ? -1.60734  4.00152   0.99704   1.000 32.30000 ? 123 VAL A CG2    1 
ATOM   982  N N      . GLN A 1 124 ? 2.61968   5.94645   0.04241   1.000 34.38000 ? 124 GLN A N      1 
ATOM   983  C CA     . GLN A 1 124 ? 4.05057   5.86923   -0.22202  1.000 35.13000 ? 124 GLN A CA     1 
ATOM   984  C C      . GLN A 1 124 ? 4.69726   4.95423   0.80953   1.000 32.85000 ? 124 GLN A C      1 
ATOM   985  O O      . GLN A 1 124 ? 4.62239   5.21821   2.01483   1.000 32.88000 ? 124 GLN A O      1 
ATOM   986  C CB     . GLN A 1 124 ? 4.69822   7.25226   -0.18611  1.000 33.44000 ? 124 GLN A CB     1 
ATOM   987  C CG     . GLN A 1 124 ? 6.21889   7.20194   -0.26193  1.000 32.24000 ? 124 GLN A CG     1 
ATOM   988  C CD     . GLN A 1 124 ? 6.86148   8.57114   -0.19792  1.000 33.71000 ? 124 GLN A CD     1 
ATOM   989  O OE1    . GLN A 1 124 ? 8.08697   8.69177   -0.17312  1.000 38.71000 ? 124 GLN A OE1    1 
ATOM   990  N NE2    . GLN A 1 124 ? 6.03895   9.61229   -0.16966  1.000 36.98000 ? 124 GLN A NE2    1 
ATOM   991  N N      . ILE A 1 125 ? 5.32894   3.88519   0.33847   1.000 35.11000 ? 125 ILE A N      1 
ATOM   992  C CA     . ILE A 1 125 ? 5.98790   2.91559   1.20297   1.000 32.14000 ? 125 ILE A CA     1 
ATOM   993  C C      . ILE A 1 125 ? 7.48419   3.19396   1.18369   1.000 32.67000 ? 125 ILE A C      1 
ATOM   994  O O      . ILE A 1 125 ? 8.11750   3.16249   0.12118   1.000 35.30000 ? 125 ILE A O      1 
ATOM   995  C CB     . ILE A 1 125 ? 5.68812   1.47398   0.76485   1.000 34.82000 ? 125 ILE A CB     1 
ATOM   996  C CG1    . ILE A 1 125 ? 6.44870   0.48121   1.64560   1.000 31.53000 ? 125 ILE A CG1    1 
ATOM   997  C CG2    . ILE A 1 125 ? 6.04232   1.27798   -0.70392  1.000 35.96000 ? 125 ILE A CG2    1 
ATOM   998  C CD1    . ILE A 1 125 ? 6.02344   -0.95760  1.45719   1.000 33.84000 ? 125 ILE A CD1    1 
ATOM   999  N N      . ALA A 1 126 ? 8.04733   3.47656   2.35230   1.000 34.36000 ? 126 ALA A N      1 
ATOM   1000 C CA     . ALA A 1 126 ? 9.48568   3.61136   2.50105   1.000 28.12000 ? 126 ALA A CA     1 
ATOM   1001 C C      . ALA A 1 126 ? 10.08455  2.27574   2.91913   1.000 32.34000 ? 126 ALA A C      1 
ATOM   1002 O O      . ALA A 1 126 ? 9.41313   1.43340   3.52045   1.000 37.16000 ? 126 ALA A O      1 
ATOM   1003 C CB     . ALA A 1 126 ? 9.83218   4.68938   3.52935   1.000 33.89000 ? 126 ALA A CB     1 
ATOM   1004 N N      . PHE A 1 127 ? 11.35817  2.08457   2.58955   1.000 33.41000 ? 127 PHE A N      1 
ATOM   1005 C CA     . PHE A 1 127 ? 12.04542  0.81899   2.82427   1.000 37.54000 ? 127 PHE A CA     1 
ATOM   1006 C C      . PHE A 1 127 ? 13.25495  1.07233   3.71400   1.000 38.36000 ? 127 PHE A C      1 
ATOM   1007 O O      . PHE A 1 127 ? 14.22459  1.70885   3.28763   1.000 43.12000 ? 127 PHE A O      1 
ATOM   1008 C CB     . PHE A 1 127 ? 12.45011  0.17015   1.50300   1.000 37.66000 ? 127 PHE A CB     1 
ATOM   1009 C CG     . PHE A 1 127 ? 11.29667  -0.06178  0.57144   1.000 36.76000 ? 127 PHE A CG     1 
ATOM   1010 C CD1    . PHE A 1 127 ? 10.51216  -1.19678  0.68864   1.000 36.13000 ? 127 PHE A CD1    1 
ATOM   1011 C CD2    . PHE A 1 127 ? 10.98702  0.86177   -0.41214  1.000 37.47000 ? 127 PHE A CD2    1 
ATOM   1012 C CE1    . PHE A 1 127 ? 9.44512   -1.41050  -0.16399  1.000 37.16000 ? 127 PHE A CE1    1 
ATOM   1013 C CE2    . PHE A 1 127 ? 9.92191   0.65385   -1.26694  1.000 36.94000 ? 127 PHE A CE2    1 
ATOM   1014 C CZ     . PHE A 1 127 ? 9.15072   -0.48345  -1.14317  1.000 36.33000 ? 127 PHE A CZ     1 
ATOM   1015 N N      . ILE A 1 128 ? 13.19042  0.57779   4.94738   1.000 36.15000 ? 128 ILE A N      1 
ATOM   1016 C CA     . ILE A 1 128 ? 14.27721  0.70012   5.90916   1.000 35.83000 ? 128 ILE A CA     1 
ATOM   1017 C C      . ILE A 1 128 ? 15.04217  -0.61266  5.94002   1.000 34.15000 ? 128 ILE A C      1 
ATOM   1018 O O      . ILE A 1 128 ? 14.45038  -1.67818  6.15389   1.000 37.60000 ? 128 ILE A O      1 
ATOM   1019 C CB     . ILE A 1 128 ? 13.74478  1.05817   7.30790   1.000 36.10000 ? 128 ILE A CB     1 
ATOM   1020 C CG1    . ILE A 1 128 ? 12.90422  2.33599   7.25083   1.000 45.00000 ? 128 ILE A CG1    1 
ATOM   1021 C CG2    . ILE A 1 128 ? 14.89312  1.21497   8.29226   1.000 33.29000 ? 128 ILE A CG2    1 
ATOM   1022 C CD1    . ILE A 1 128 ? 11.72751  2.33526   8.20235   1.000 41.04000 ? 128 ILE A CD1    1 
ATOM   1023 N N      . ARG A 1 129 ? 16.35114  -0.54218  5.71779   1.000 34.87000 ? 129 ARG A N      1 
ATOM   1024 C CA     . ARG A 1 129 ? 17.17913  -1.73889  5.71312   1.000 36.56000 ? 129 ARG A CA     1 
ATOM   1025 C C      . ARG A 1 129 ? 17.50706  -2.15935  7.13881   1.000 36.74000 ? 129 ARG A C      1 
ATOM   1026 O O      . ARG A 1 129 ? 17.92582  -1.33600  7.95897   1.000 39.83000 ? 129 ARG A O      1 
ATOM   1027 C CB     . ARG A 1 129 ? 18.46651  -1.50071  4.92491   1.000 45.36000 ? 129 ARG A CB     1 
ATOM   1028 C CG     . ARG A 1 129 ? 19.33844  -2.74079  4.79180   1.000 43.99000 ? 129 ARG A CG     1 
ATOM   1029 C CD     . ARG A 1 129 ? 20.67552  -2.41447  4.14657   1.000 52.45000 ? 129 ARG A CD     1 
ATOM   1030 N NE     . ARG A 1 129 ? 20.51484  -1.70989  2.88108   1.000 56.82000 ? 129 ARG A NE     1 
ATOM   1031 C CZ     . ARG A 1 129 ? 19.87707  -2.19675  1.82552   1.000 49.68000 ? 129 ARG A CZ     1 
ATOM   1032 N NH1    . ARG A 1 129 ? 19.32455  -3.39904  1.84524   1.000 45.51000 ? 129 ARG A NH1    1 
ATOM   1033 N NH2    . ARG A 1 129 ? 19.78918  -1.45801  0.72311   1.000 48.25000 ? 129 ARG A NH2    1 
ATOM   1034 N N      . LEU A 1 130 ? 17.31325  -3.44138  7.43122   1.000 39.71000 ? 130 LEU A N      1 
ATOM   1035 C CA     . LEU A 1 130 ? 17.66612  -3.97138  8.73907   1.000 38.07000 ? 130 LEU A CA     1 
ATOM   1036 C C      . LEU A 1 130 ? 19.17997  -4.00127  8.90866   1.000 40.58000 ? 130 LEU A C      1 
ATOM   1037 O O      . LEU A 1 130 ? 19.93368  -4.14759  7.94283   1.000 43.22000 ? 130 LEU A O      1 
ATOM   1038 C CB     . LEU A 1 130 ? 17.09773  -5.38032  8.91514   1.000 39.40000 ? 130 LEU A CB     1 
ATOM   1039 C CG     . LEU A 1 130 ? 15.65256  -5.51699  9.39708   1.000 36.05000 ? 130 LEU A CG     1 
ATOM   1040 C CD1    . LEU A 1 130 ? 14.71845  -4.64152  8.57718   1.000 37.39000 ? 130 LEU A CD1    1 
ATOM   1041 C CD2    . LEU A 1 130 ? 15.21253  -6.97275  9.34252   1.000 36.38000 ? 130 LEU A CD2    1 
ATOM   1042 N N      . GLU A 1 131 ? 19.62686  -3.85555  10.15828  1.000 39.09000 ? 131 GLU A N      1 
ATOM   1043 C CA     . GLU A 1 131 ? 21.04758  -4.01746  10.44404  1.000 46.41000 ? 131 GLU A CA     1 
ATOM   1044 C C      . GLU A 1 131 ? 21.54435  -5.38396  9.99237   1.000 41.39000 ? 131 GLU A C      1 
ATOM   1045 O O      . GLU A 1 131 ? 22.72866  -5.54480  9.67646   1.000 42.89000 ? 131 GLU A O      1 
ATOM   1046 C CB     . GLU A 1 131 ? 21.31193  -3.81548  11.93641  1.000 49.74000 ? 131 GLU A CB     1 
ATOM   1047 C CG     . GLU A 1 131 ? 21.26933  -2.36282  12.37953  1.000 51.66000 ? 131 GLU A CG     1 
ATOM   1048 C CD     . GLU A 1 131 ? 21.75469  -2.17371  13.80296  1.000 52.44000 ? 131 GLU A CD     1 
ATOM   1049 O OE1    . GLU A 1 131 ? 21.87654  -3.18236  14.52911  1.000 49.03000 ? 131 GLU A OE1    1 
ATOM   1050 O OE2    . GLU A 1 131 ? 22.01324  -1.01647  14.19396  1.000 53.46000 ? 131 GLU A OE2    1 
ATOM   1051 N N      . GLY A 1 132 ? 20.65436  -6.37056  9.95363   1.000 38.00000 ? 132 GLY A N      1 
ATOM   1052 C CA     . GLY A 1 132 ? 20.96230  -7.67941  9.43417   1.000 36.13000 ? 132 GLY A CA     1 
ATOM   1053 C C      . GLY A 1 132 ? 19.68931  -8.40034  9.04342   1.000 39.65000 ? 132 GLY A C      1 
ATOM   1054 O O      . GLY A 1 132 ? 18.59784  -8.07445  9.52185   1.000 44.63000 ? 132 GLY A O      1 
ATOM   1055 N N      . PRO A 1 133 ? 19.79836  -9.38668  8.15523   1.000 39.99000 ? 133 PRO A N      1 
ATOM   1056 C CA     . PRO A 1 133 ? 18.60761  -10.13824 7.74604   1.000 36.23000 ? 133 PRO A CA     1 
ATOM   1057 C C      . PRO A 1 133 ? 17.86562  -10.69491 8.95273   1.000 36.85000 ? 133 PRO A C      1 
ATOM   1058 O O      . PRO A 1 133 ? 18.46685  -11.23707 9.88240   1.000 39.02000 ? 133 PRO A O      1 
ATOM   1059 C CB     . PRO A 1 133 ? 19.17930  -11.25511 6.86727   1.000 33.81000 ? 133 PRO A CB     1 
ATOM   1060 C CG     . PRO A 1 133 ? 20.46485  -10.70521 6.35382   1.000 37.53000 ? 133 PRO A CG     1 
ATOM   1061 C CD     . PRO A 1 133 ? 21.01109  -9.83372  7.44927   1.000 35.34000 ? 133 PRO A CD     1 
ATOM   1062 N N      . ALA A 1 134 ? 16.54409  -10.54663 8.93703   1.000 39.20000 ? 134 ALA A N      1 
ATOM   1063 C CA     . ALA A 1 134 ? 15.72511  -11.05852 10.02670  1.000 38.60000 ? 134 ALA A CA     1 
ATOM   1064 C C      . ALA A 1 134 ? 15.92515  -12.56021 10.17475  1.000 42.44000 ? 134 ALA A C      1 
ATOM   1065 O O      . ALA A 1 134 ? 15.90511  -13.30236 9.18783   1.000 46.83000 ? 134 ALA A O      1 
ATOM   1066 C CB     . ALA A 1 134 ? 14.25159  -10.73986 9.77598   1.000 41.51000 ? 134 ALA A CB     1 
ATOM   1067 N N      . ARG A 1 135 ? 16.12395  -13.00657 11.41690  1.000 41.81000 ? 135 ARG A N      1 
ATOM   1068 C CA     . ARG A 1 135 ? 16.31346  -14.43205 11.66290  1.000 37.57000 ? 135 ARG A CA     1 
ATOM   1069 C C      . ARG A 1 135 ? 15.13506  -15.24218 11.14000  1.000 40.09000 ? 135 ARG A C      1 
ATOM   1070 O O      . ARG A 1 135 ? 15.31696  -16.33503 10.59096  1.000 46.68000 ? 135 ARG A O      1 
ATOM   1071 C CB     . ARG A 1 135 ? 16.51743  -14.68876 13.15604  1.000 37.40000 ? 135 ARG A CB     1 
ATOM   1072 C CG     . ARG A 1 135 ? 16.40194  -16.15281 13.55108  1.000 36.94000 ? 135 ARG A CG     1 
ATOM   1073 C CD     . ARG A 1 135 ? 16.37481  -16.32190 15.06198  1.000 41.10000 ? 135 ARG A CD     1 
ATOM   1074 N NE     . ARG A 1 135 ? 17.71340  -16.47816 15.61677  1.000 45.91000 ? 135 ARG A NE     1 
ATOM   1075 C CZ     . ARG A 1 135 ? 18.18009  -15.79256 16.65116  1.000 42.21000 ? 135 ARG A CZ     1 
ATOM   1076 N NH1    . ARG A 1 135 ? 17.43904  -14.89158 17.27424  1.000 45.74000 ? 135 ARG A NH1    1 
ATOM   1077 N NH2    . ARG A 1 135 ? 19.42232  -16.01555 17.07132  1.000 42.32000 ? 135 ARG A NH2    1 
ATOM   1078 N N      . ASN A 1 136 ? 13.91996  -14.72243 11.29688  1.000 40.00000 ? 136 ASN A N      1 
ATOM   1079 C CA     . ASN A 1 136 ? 12.70505  -15.40881 10.86199  1.000 38.06000 ? 136 ASN A CA     1 
ATOM   1080 C C      . ASN A 1 136 ? 11.90412  -14.47339 9.96702   1.000 39.62000 ? 136 ASN A C      1 
ATOM   1081 O O      . ASN A 1 136 ? 11.07229  -13.69291 10.45102  1.000 41.35000 ? 136 ASN A O      1 
ATOM   1082 C CB     . ASN A 1 136 ? 11.87773  -15.87248 12.05923  1.000 39.65000 ? 136 ASN A CB     1 
ATOM   1083 C CG     . ASN A 1 136 ? 12.50132  -17.05476 12.77349  1.000 38.11000 ? 136 ASN A CG     1 
ATOM   1084 O OD1    . ASN A 1 136 ? 12.92926  -18.01861 12.14079  1.000 44.07000 ? 136 ASN A OD1    1 
ATOM   1085 N ND2    . ASN A 1 136 ? 12.55826  -16.98465 14.09812  1.000 40.74000 ? 136 ASN A ND2    1 
ATOM   1086 N N      . PRO A 1 137 ? 12.13292  -14.51920 8.65105   1.000 41.43000 ? 137 PRO A N      1 
ATOM   1087 C CA     . PRO A 1 137 ? 11.31332  -13.71581 7.73415   1.000 36.63000 ? 137 PRO A CA     1 
ATOM   1088 C C      . PRO A 1 137 ? 9.82522   -13.97026 7.91346   1.000 41.91000 ? 137 PRO A C      1 
ATOM   1089 O O      . PRO A 1 137 ? 9.42251   -14.90836 8.61150   1.000 44.63000 ? 137 PRO A O      1 
ATOM   1090 C CB     . PRO A 1 137 ? 11.80067  -14.15742 6.35020   1.000 43.03000 ? 137 PRO A CB     1 
ATOM   1091 C CG     . PRO A 1 137 ? 13.20288  -14.60220 6.57896   1.000 40.72000 ? 137 PRO A CG     1 
ATOM   1092 C CD     . PRO A 1 137 ? 13.21800  -15.22827 7.94895   1.000 38.95000 ? 137 PRO A CD     1 
ATOM   1093 N N      . TYR A 1 138 ? 9.00217   -13.14575 7.27064   1.000 41.13000 ? 138 TYR A N      1 
ATOM   1094 C CA     . TYR A 1 138 ? 7.57031   -13.15805 7.53719   1.000 38.92000 ? 138 TYR A CA     1 
ATOM   1095 C C      . TYR A 1 138 ? 6.90126   -14.39919 6.96555   1.000 42.08000 ? 138 TYR A C      1 
ATOM   1096 O O      . TYR A 1 138 ? 7.27477   -14.89222 5.89626   1.000 42.60000 ? 138 TYR A O      1 
ATOM   1097 C CB     . TYR A 1 138 ? 6.91124   -11.90918 6.95955   1.000 38.17000 ? 138 TYR A CB     1 
ATOM   1098 C CG     . TYR A 1 138 ? 5.41438   -11.87348 7.17321   1.000 40.12000 ? 138 TYR A CG     1 
ATOM   1099 C CD1    . TYR A 1 138 ? 4.88110   -11.73636 8.44729   1.000 37.83000 ? 138 TYR A CD1    1 
ATOM   1100 C CD2    . TYR A 1 138 ? 4.53662   -11.98782 6.10426   1.000 41.42000 ? 138 TYR A CD2    1 
ATOM   1101 C CE1    . TYR A 1 138 ? 3.51423   -11.70557 8.65029   1.000 43.97000 ? 138 TYR A CE1    1 
ATOM   1102 C CE2    . TYR A 1 138 ? 3.16755   -11.96007 6.29772   1.000 43.91000 ? 138 TYR A CE2    1 
ATOM   1103 C CZ     . TYR A 1 138 ? 2.66294   -11.81840 7.57340   1.000 42.37000 ? 138 TYR A CZ     1 
ATOM   1104 O OH     . TYR A 1 138 ? 1.30195   -11.78870 7.77277   1.000 46.99000 ? 138 TYR A OH     1 
ATOM   1105 N N      . ARG A 1 139 ? 5.87735   -14.89108 7.68053   1.000 43.86000 ? 139 ARG A N      1 
ATOM   1106 C CA     . ARG A 1 139 ? 5.09325   -16.04660 7.26345   1.000 43.93000 ? 139 ARG A CA     1 
ATOM   1107 C C      . ARG A 1 139 ? 3.70688   -15.99768 7.91961   1.000 45.92000 ? 139 ARG A C      1 
ATOM   1108 O O      . ARG A 1 139 ? 3.36814   -16.82088 8.75764   1.000 60.70000 ? 139 ARG A O      1 
ATOM   1109 C CB     . ARG A 1 139 ? 5.79243   -17.36080 7.61914   1.000 47.79000 ? 139 ARG A CB     1 
ATOM   1110 C CG     . ARG A 1 139 ? 7.27465   -17.40293 7.32808   1.000 45.44000 ? 139 ARG A CG     1 
ATOM   1111 C CD     . ARG A 1 139 ? 7.54305   -17.96040 5.94065   1.000 54.05000 ? 139 ARG A CD     1 
ATOM   1112 N NE     . ARG A 1 139 ? 8.84049   -17.53355 5.43228   1.000 58.16000 ? 139 ARG A NE     1 
ATOM   1113 C CZ     . ARG A 1 139 ? 9.12960   -17.38574 4.14695   1.000 58.72000 ? 139 ARG A CZ     1 
ATOM   1114 N NH1    . ARG A 1 139 ? 8.23763   -17.64321 3.20501   1.000 61.24000 ? 139 ARG A NH1    1 
ATOM   1115 N NH2    . ARG A 1 139 ? 10.34187  -16.96394 3.79880   1.000 54.83000 ? 139 ARG A NH2    1 
ATOM   1116 N N      . GLY A 1 140 ? 2.86821   -15.04046 7.50357   1.000 46.82000 ? 140 GLY A N      1 
ATOM   1117 C CA     . GLY A 1 140 ? 1.51760   -14.94312 8.04367   1.000 43.98000 ? 140 GLY A CA     1 
ATOM   1118 C C      . GLY A 1 140 ? 0.43221   -14.70007 7.00941   1.000 50.64000 ? 140 GLY A C      1 
ATOM   1119 O O      . GLY A 1 140 ? -0.23811  -15.63906 6.56628   1.000 51.99000 ? 140 GLY A O      1 
ATOM   1120 N N      . ASN A 1 141 ? 0.20456   -13.47930 6.54052   1.000 52.58000 ? 141 ASN A N      1 
ATOM   1121 C CA     . ASN A 1 141 ? -0.73218  -13.18779 5.47038   1.000 40.42000 ? 141 ASN A CA     1 
ATOM   1122 C C      . ASN A 1 141 ? 0.08620   -13.24596 4.21524   1.000 44.70000 ? 141 ASN A C      1 
ATOM   1123 O O      . ASN A 1 141 ? -0.24019  -12.60553 3.23701   1.000 45.65000 ? 141 ASN A O      1 
ATOM   1124 C CB     . ASN A 1 141 ? -1.26147  -11.78106 5.60209   1.000 39.81000 ? 141 ASN A CB     1 
ATOM   1125 C CG     . ASN A 1 141 ? -2.27109  -11.62079 6.69612   1.000 40.49000 ? 141 ASN A CG     1 
ATOM   1126 O OD1    . ASN A 1 141 ? -1.92496  -11.43579 7.85595   1.000 39.57000 ? 141 ASN A OD1    1 
ATOM   1127 N ND2    . ASN A 1 141 ? -3.53370  -11.64753 6.32333   1.000 47.93000 ? 141 ASN A ND2    1 
ATOM   1128 N N      . TYR A 1 142 ? 1.14870   -14.03135 4.22623   1.000 46.84000 ? 142 TYR A N      1 
ATOM   1129 C CA     . TYR A 1 142 ? 2.07565   -14.09876 3.11003   1.000 40.53000 ? 142 TYR A CA     1 
ATOM   1130 C C      . TYR A 1 142 ? 1.56361   -14.52202 1.76895   1.000 38.97000 ? 142 TYR A C      1 
ATOM   1131 O O      . TYR A 1 142 ? 0.67634   -15.34078 1.67714   1.000 47.16000 ? 142 TYR A O      1 
ATOM   1132 C CB     . TYR A 1 142 ? 3.19570   -15.05045 3.49882   1.000 44.33000 ? 142 TYR A CB     1 
ATOM   1133 C CG     . TYR A 1 142 ? 4.49909   -14.78327 2.82812   1.000 44.26000 ? 142 TYR A CG     1 
ATOM   1134 C CD1    . TYR A 1 142 ? 5.16189   -13.58538 3.00674   1.000 38.29000 ? 142 TYR A CD1    1 
ATOM   1135 C CD2    . TYR A 1 142 ? 5.07578   -15.74059 2.02188   1.000 59.19000 ? 142 TYR A CD2    1 
ATOM   1136 C CE1    . TYR A 1 142 ? 6.36852   -13.35181 2.39624   1.000 44.16000 ? 142 TYR A CE1    1 
ATOM   1137 C CE2    . TYR A 1 142 ? 6.28069   -15.51806 1.40249   1.000 60.94000 ? 142 TYR A CE2    1 
ATOM   1138 C CZ     . TYR A 1 142 ? 6.92309   -14.32303 1.59269   1.000 55.60000 ? 142 TYR A CZ     1 
ATOM   1139 O OH     . TYR A 1 142 ? 8.12412   -14.11970 0.95786   1.000 67.14000 ? 142 TYR A OH     1 
ATOM   1140 N N      . GLN A 1 143 ? 2.15363   -13.97257 0.73434   1.000 40.98000 ? 143 GLN A N      1 
ATOM   1141 C CA     . GLN A 1 143 ? 1.78592   -14.28114 -0.64063  1.000 47.17000 ? 143 GLN A CA     1 
ATOM   1142 C C      . GLN A 1 143 ? 0.39955   -13.83758 -0.97161  1.000 44.09000 ? 143 GLN A C      1 
ATOM   1143 O O      . GLN A 1 143 ? -0.16473  -14.25723 -1.95421  1.000 50.93000 ? 143 GLN A O      1 
ATOM   1144 C CB     . GLN A 1 143 ? 1.99260   -15.75871 -0.94109  1.000 63.45000 ? 143 GLN A CB     1 
ATOM   1145 C CG     . GLN A 1 143 ? 3.31359   -16.06967 -1.62103  1.000 62.81000 ? 143 GLN A CG     1 
ATOM   1146 C CD     . GLN A 1 143 ? 3.16024   -17.08144 -2.73539  1.000 70.21000 ? 143 GLN A CD     1 
ATOM   1147 O OE1    . GLN A 1 143 ? 2.49736   -18.10185 -2.57188  1.000 73.31000 ? 143 GLN A OE1    1 
ATOM   1148 N NE2    . GLN A 1 143 ? 3.77263   -16.80042 -3.87790  1.000 69.15000 ? 143 GLN A NE2    1 
ATOM   1149 N N      . GLY A 1 144 ? -0.12940  -12.94340 -0.16345  1.000 45.90000 ? 144 GLY A N      1 
ATOM   1150 C CA     . GLY A 1 144 ? -1.44501  -12.40445 -0.43617  1.000 40.26000 ? 144 GLY A CA     1 
ATOM   1151 C C      . GLY A 1 144 ? -1.50254  -11.64707 -1.74510  1.000 41.96000 ? 144 GLY A C      1 
ATOM   1152 O O      . GLY A 1 144 ? -0.81108  -10.63868 -1.91903  1.000 43.73000 ? 144 GLY A O      1 
ATOM   1153 N N      . SER A 1 145 ? -2.31151  -12.13416 -2.68349  1.000 45.15000 ? 145 SER A N      1 
ATOM   1154 C CA     . SER A 1 145 ? -2.54091  -11.45238 -3.94866  1.000 43.79000 ? 145 SER A CA     1 
ATOM   1155 C C      . SER A 1 145 ? -3.91517  -10.80677 -4.01750  1.000 44.82000 ? 145 SER A C      1 
ATOM   1156 O O      . SER A 1 145 ? -4.24897  -10.19268 -5.03651  1.000 46.48000 ? 145 SER A O      1 
ATOM   1157 C CB     . SER A 1 145 ? -2.36724  -12.42933 -5.11667  1.000 46.67000 ? 145 SER A CB     1 
ATOM   1158 O OG     . SER A 1 145 ? -3.37694  -13.42335 -5.10327  1.000 52.89000 ? 145 SER A OG     1 
ATOM   1159 N N      . THR A 1 146 ? -4.63690  -10.88177 -2.91363  1.000 44.52000 ? 146 THR A N      1 
ATOM   1160 C CA     . THR A 1 146 ? -5.96738  -10.33215 -2.82614  1.000 46.18000 ? 146 THR A CA     1 
ATOM   1161 C C      . THR A 1 146 ? -6.19286  -9.65677  -1.47238  1.000 43.63000 ? 146 THR A C      1 
ATOM   1162 O O      . THR A 1 146 ? -5.34788  -9.71313  -0.60460  1.000 44.33000 ? 146 THR A O      1 
ATOM   1163 C CB     . THR A 1 146 ? -7.00702  -11.44804 -2.97974  1.000 44.50000 ? 146 THR A CB     1 
ATOM   1164 O OG1    . THR A 1 146 ? -7.21352  -12.08280 -1.71539  1.000 51.55000 ? 146 THR A OG1    1 
ATOM   1165 C CG2    . THR A 1 146 ? -6.52935  -12.48531 -3.97052  1.000 45.42000 ? 146 THR A CG2    1 
ATOM   1166 N N      . ARG A 1 147 ? -7.34295  -9.03421  -1.29821  1.000 42.97000 ? 147 ARG A N      1 
ATOM   1167 C CA     . ARG A 1 147 ? -7.66099  -8.40050  -0.04210  1.000 42.30000 ? 147 ARG A CA     1 
ATOM   1168 C C      . ARG A 1 147 ? -7.73847  -9.45230  1.00666   1.000 44.80000 ? 147 ARG A C      1 
ATOM   1169 O O      . ARG A 1 147 ? -8.40900  -10.44752 0.83772   1.000 49.09000 ? 147 ARG A O      1 
ATOM   1170 C CB     . ARG A 1 147 ? -8.96330  -7.60007  -0.11627  1.000 43.29000 ? 147 ARG A CB     1 
ATOM   1171 C CG     . ARG A 1 147 ? -9.44236  -7.02631  1.20863   1.000 44.54000 ? 147 ARG A CG     1 
ATOM   1172 C CD     . ARG A 1 147 ? -10.96048 -6.96216  1.25505   1.000 55.83000 ? 147 ARG A CD     1 
ATOM   1173 N NE     . ARG A 1 147 ? -11.50067 -6.91070  2.61294   1.000 55.13000 ? 147 ARG A NE     1 
ATOM   1174 C CZ     . ARG A 1 147 ? -12.12456 -7.91885  3.21380   1.000 46.62000 ? 147 ARG A CZ     1 
ATOM   1175 N NH1    . ARG A 1 147 ? -12.28088 -9.07362  2.58861   1.000 43.66000 ? 147 ARG A NH1    1 
ATOM   1176 N NH2    . ARG A 1 147 ? -12.57927 -7.77686  4.44581   1.000 42.26000 ? 147 ARG A NH2    1 
ATOM   1177 N N      . LEU A 1 148 ? -7.03946  -9.22780  2.09995   1.000 45.63000 ? 148 LEU A N      1 
ATOM   1178 C CA     . LEU A 1 148 ? -7.00014  -10.18724 3.17069   1.000 48.20000 ? 148 LEU A CA     1 
ATOM   1179 C C      . LEU A 1 148 ? -7.53330  -9.53940  4.41106   1.000 48.43000 ? 148 LEU A C      1 
ATOM   1180 O O      . LEU A 1 148 ? -7.11662  -8.44306  4.76055   1.000 48.84000 ? 148 LEU A O      1 
ATOM   1181 C CB     . LEU A 1 148 ? -5.57184  -10.62498 3.39530   1.000 49.20000 ? 148 LEU A CB     1 
ATOM   1182 C CG     . LEU A 1 148 ? -4.57030  -9.45376  3.49336   1.000 60.83000 ? 148 LEU A CG     1 
ATOM   1183 C CD1    . LEU A 1 148 ? -4.31600  -8.93476  4.90629   1.000 64.80000 ? 148 LEU A CD1    1 
ATOM   1184 C CD2    . LEU A 1 148 ? -3.25944  -9.69470  2.76387   1.000 54.54000 ? 148 LEU A CD2    1 
ATOM   1185 N N      . ALA A 1 149 ? -8.45215  -10.20538 5.08414   1.000 48.78000 ? 149 ALA A N      1 
ATOM   1186 C CA     . ALA A 1 149 ? -9.07483  -9.63739  6.25935   1.000 47.74000 ? 149 ALA A CA     1 
ATOM   1187 C C      . ALA A 1 149 ? -8.39753  -10.06888 7.53974   1.000 47.75000 ? 149 ALA A C      1 
ATOM   1188 O O      . ALA A 1 149 ? -7.50109  -10.88896 7.51140   1.000 53.15000 ? 149 ALA A O      1 
ATOM   1189 C CB     . ALA A 1 149 ? -10.54858 -10.00347 6.27235   1.000 44.79000 ? 149 ALA A CB     1 
HETATM 1190 N N1     . UMP B 2 .   ? 0.56551   -5.54223  5.32571   1.000 42.00000 ? 301 UMP A N1     1 
HETATM 1191 C C2     . UMP B 2 .   ? -0.62331  -5.26685  4.67463   1.000 38.99000 ? 301 UMP A C2     1 
HETATM 1192 N N3     . UMP B 2 .   ? -1.30665  -4.09783  4.94021   1.000 40.46000 ? 301 UMP A N3     1 
HETATM 1193 C C4     . UMP B 2 .   ? -0.80466  -3.19550  5.85441   1.000 37.52000 ? 301 UMP A C4     1 
HETATM 1194 C C5     . UMP B 2 .   ? 0.38730   -3.46983  6.50558   1.000 34.77000 ? 301 UMP A C5     1 
HETATM 1195 C C6     . UMP B 2 .   ? 1.05853   -4.65162  6.23573   1.000 37.14000 ? 301 UMP A C6     1 
HETATM 1196 O O2     . UMP B 2 .   ? -1.08263  -6.06590  3.86029   1.000 38.26000 ? 301 UMP A O2     1 
HETATM 1197 O O4     . UMP B 2 .   ? -1.40824  -2.15160  6.09280   1.000 41.34000 ? 301 UMP A O4     1 
HETATM 1198 C "C1'"  . UMP B 2 .   ? 1.27126   -6.80507  5.02048   1.000 43.96000 ? 301 UMP A "C1'"  1 
HETATM 1199 C "C2'"  . UMP B 2 .   ? 2.78824   -6.68396  5.18671   1.000 42.19000 ? 301 UMP A "C2'"  1 
HETATM 1200 C "C3'"  . UMP B 2 .   ? 3.12915   -7.49584  6.44181   1.000 42.08000 ? 301 UMP A "C3'"  1 
HETATM 1201 C "C4'"  . UMP B 2 .   ? 1.79721   -8.07261  6.92499   1.000 41.86000 ? 301 UMP A "C4'"  1 
HETATM 1202 O "O3'"  . UMP B 2 .   ? 4.05972   -8.50255  6.16663   1.000 44.93000 ? 301 UMP A "O3'"  1 
HETATM 1203 O "O4'"  . UMP B 2 .   ? 0.83551   -7.84244  5.89370   1.000 43.04000 ? 301 UMP A "O4'"  1 
HETATM 1204 C "C5'"  . UMP B 2 .   ? 1.26277   -7.43597  8.19688   1.000 48.40000 ? 301 UMP A "C5'"  1 
HETATM 1205 O "O5'"  . UMP B 2 .   ? 1.93803   -7.92788  9.33307   1.000 60.72000 ? 301 UMP A "O5'"  1 
HETATM 1206 P P      . UMP B 2 .   ? 2.74684   -6.90037  10.27336  1.000 79.53000 ? 301 UMP A P      1 
HETATM 1207 O OP1    . UMP B 2 .   ? 1.90958   -5.65657  10.45160  1.000 63.09000 ? 301 UMP A OP1    1 
HETATM 1208 O OP2    . UMP B 2 .   ? 2.99249   -7.52764  11.62493  1.000 70.99000 ? 301 UMP A OP2    1 
HETATM 1209 O OP3    . UMP B 2 .   ? 4.06369   -6.54551  9.63011   1.000 53.54000 ? 301 UMP A OP3    1 
HETATM 1210 H HN3    . UMP B 2 .   ? -2.20200  -3.89644  4.45143   1.000 48.83000 ? 301 UMP A HN3    1 
HETATM 1211 H H5     . UMP B 2 .   ? 0.79451   -2.76078  7.22590   1.000 42.01000 ? 301 UMP A H5     1 
HETATM 1212 H H6     . UMP B 2 .   ? 1.99064   -4.87206  6.75501   1.000 44.85000 ? 301 UMP A H6     1 
HETATM 1213 H "H1'"  . UMP B 2 .   ? 1.05408   -7.03409  3.97743   1.000 53.03000 ? 301 UMP A "H1'"  1 
HETATM 1214 H "H2'"  . UMP B 2 .   ? 3.08392   -5.64199  5.30658   1.000 50.91000 ? 301 UMP A "H2'"  1 
HETATM 1215 H "H2''" . UMP B 2 .   ? 3.30727   -7.08116  4.31367   1.000 50.91000 ? 301 UMP A "H2''" 1 
HETATM 1216 H "H3'"  . UMP B 2 .   ? 3.60164   -6.87919  7.20691   1.000 50.78000 ? 301 UMP A "H3'"  1 
HETATM 1217 H "H4'"  . UMP B 2 .   ? 1.96457   -9.12714  7.14211   1.000 50.51000 ? 301 UMP A "H4'"  1 
HETATM 1218 H "HO3'" . UMP B 2 .   ? 3.62006   -9.37667  6.21679   1.000 54.19000 ? 301 UMP A "HO3'" 1 
HETATM 1219 H "H5'"  . UMP B 2 .   ? 1.38603   -6.35470  8.14115   1.000 58.35000 ? 301 UMP A "H5'"  1 
HETATM 1220 H "H5''" . UMP B 2 .   ? 0.19695   -7.64802  8.28823   1.000 58.35000 ? 301 UMP A "H5''" 1 
HETATM 1221 O O      . HOH C 3 .   ? 8.11495   5.22290   10.70871  0.33  34.89000 ? 401 HOH A O      1 
HETATM 1222 O O      . HOH C 3 .   ? -1.07888  15.96600  -5.02442  1.000 43.15000 ? 402 HOH A O      1 
HETATM 1223 O O      . HOH C 3 .   ? 1.35498   13.78099  -1.92685  1.000 45.74000 ? 403 HOH A O      1 
HETATM 1224 O O      . HOH C 3 .   ? -3.77854  -1.08406  6.43997   1.000 35.39000 ? 404 HOH A O      1 
HETATM 1225 O O      . HOH C 3 .   ? 12.88943  3.87872   0.88936   1.000 37.79000 ? 405 HOH A O      1 
HETATM 1226 O O      . HOH C 3 .   ? -4.43162  -10.63681 8.51263   1.000 42.44000 ? 406 HOH A O      1 
HETATM 1227 O O      . HOH C 3 .   ? -12.41907 12.35186  -4.17718  1.000 41.21000 ? 407 HOH A O      1 
HETATM 1228 O O      . HOH C 3 .   ? -0.27139  2.06722   12.69569  1.000 34.07000 ? 408 HOH A O      1 
HETATM 1229 O O      . HOH C 3 .   ? -2.24406  8.36820   7.85451   1.000 34.33000 ? 409 HOH A O      1 
HETATM 1230 O O      . HOH C 3 .   ? 14.75717  -13.91847 16.80937  1.000 38.00000 ? 410 HOH A O      1 
HETATM 1231 O O      . HOH C 3 .   ? 16.29889  -11.68134 1.22511   1.000 41.69000 ? 411 HOH A O      1 
HETATM 1232 O O      . HOH C 3 .   ? -8.47490  -13.08026 4.27023   1.000 44.25000 ? 412 HOH A O      1 
HETATM 1233 O O      . HOH C 3 .   ? 20.31868  3.60861   6.61668   1.000 46.50000 ? 413 HOH A O      1 
HETATM 1234 O O      . HOH C 3 .   ? -19.93227 -8.04960  -0.72602  1.000 40.21000 ? 414 HOH A O      1 
HETATM 1235 O O      . HOH C 3 .   ? 12.32245  9.87082   -7.61470  1.000 40.18000 ? 415 HOH A O      1 
HETATM 1236 O O      . HOH C 3 .   ? 7.13844   -4.10609  -13.58197 1.000 41.16000 ? 416 HOH A O      1 
HETATM 1237 O O      . HOH C 3 .   ? -17.06915 2.19227   -4.03736  1.000 45.04000 ? 417 HOH A O      1 
HETATM 1238 O O      . HOH C 3 .   ? -5.82972  -14.49726 6.08469   1.000 47.44000 ? 418 HOH A O      1 
HETATM 1239 O O      . HOH C 3 .   ? 21.35893  -0.04947  7.75893   1.000 38.53000 ? 419 HOH A O      1 
HETATM 1240 O O      . HOH C 3 .   ? 24.75266  -4.18692  -7.05462  1.000 43.75000 ? 420 HOH A O      1 
HETATM 1241 O O      . HOH C 3 .   ? 1.32078   -11.88509 -8.13162  1.000 47.83000 ? 421 HOH A O      1 
# 
